data_2L1A
#
_entry.id   2L1A
#
_entity_poly.entity_id   1
_entity_poly.type   'polypeptide(L)'
_entity_poly.pdbx_seq_one_letter_code
;GAHMGGSMKIRVELINGNEHRTSSTPQQPQQNPSVSHIFDGETAVKDHIKVLLTHFKIPVDKVSSYALQNPFTLAYVEDS
FLTPERLVEAEKSYFILRMKPHAIADR
;
_entity_poly.pdbx_strand_id   A
#
# COMPACT_ATOMS: atom_id res chain seq x y z
N GLY A 1 -2.95 -11.70 18.58
CA GLY A 1 -4.33 -11.95 18.14
C GLY A 1 -4.60 -11.24 16.85
N ALA A 2 -5.80 -11.35 16.35
CA ALA A 2 -6.16 -10.66 15.12
C ALA A 2 -6.44 -9.21 15.43
N HIS A 3 -5.84 -8.32 14.70
CA HIS A 3 -6.08 -6.93 14.96
C HIS A 3 -7.13 -6.46 13.97
N MET A 4 -8.36 -6.69 14.31
CA MET A 4 -9.49 -6.38 13.48
C MET A 4 -10.51 -5.61 14.27
N GLY A 5 -11.30 -4.82 13.60
CA GLY A 5 -12.32 -4.06 14.25
C GLY A 5 -12.33 -2.67 13.74
N GLY A 6 -11.57 -1.84 14.37
CA GLY A 6 -11.47 -0.47 13.96
C GLY A 6 -10.27 -0.29 13.12
N SER A 7 -9.11 -0.38 13.71
CA SER A 7 -7.92 -0.37 12.97
C SER A 7 -7.66 -1.81 12.53
N MET A 8 -7.08 -1.97 11.40
CA MET A 8 -6.96 -3.28 10.80
C MET A 8 -5.57 -3.60 10.41
N LYS A 9 -5.16 -4.82 10.62
CA LYS A 9 -3.87 -5.26 10.19
C LYS A 9 -4.06 -5.97 8.86
N ILE A 10 -3.87 -5.22 7.81
CA ILE A 10 -4.16 -5.62 6.48
C ILE A 10 -2.90 -5.95 5.74
N ARG A 11 -2.94 -7.02 4.98
CA ARG A 11 -1.87 -7.38 4.12
C ARG A 11 -1.81 -6.46 2.95
N VAL A 12 -0.67 -5.97 2.70
CA VAL A 12 -0.45 -5.09 1.64
C VAL A 12 0.50 -5.73 0.69
N GLU A 13 0.20 -5.81 -0.59
CA GLU A 13 1.25 -6.19 -1.47
C GLU A 13 1.96 -4.96 -1.94
N LEU A 14 3.23 -5.05 -2.11
CA LEU A 14 4.02 -3.96 -2.59
C LEU A 14 4.55 -4.27 -3.96
N ILE A 15 4.36 -3.37 -4.90
CA ILE A 15 5.06 -3.52 -6.14
C ILE A 15 6.13 -2.47 -6.18
N ASN A 16 7.34 -2.88 -6.34
CA ASN A 16 8.42 -1.99 -6.58
C ASN A 16 9.46 -2.67 -7.39
N GLY A 17 9.11 -2.77 -8.64
CA GLY A 17 10.00 -3.28 -9.64
C GLY A 17 10.42 -2.16 -10.54
N ASN A 18 10.18 -0.95 -10.07
CA ASN A 18 10.54 0.23 -10.76
C ASN A 18 11.97 0.49 -10.42
N GLU A 19 12.27 0.26 -9.16
CA GLU A 19 13.60 0.16 -8.71
C GLU A 19 13.99 -1.28 -8.95
N HIS A 20 15.17 -1.53 -9.45
CA HIS A 20 15.53 -2.88 -9.79
C HIS A 20 16.04 -3.70 -8.62
N ARG A 21 15.12 -4.01 -7.73
CA ARG A 21 15.40 -4.83 -6.59
C ARG A 21 14.22 -5.74 -6.37
N THR A 22 14.47 -6.98 -6.50
CA THR A 22 13.50 -8.02 -6.35
C THR A 22 14.17 -9.13 -5.56
N SER A 23 13.67 -10.33 -5.64
CA SER A 23 14.28 -11.49 -5.01
C SER A 23 15.42 -12.02 -5.92
N SER A 24 16.05 -11.07 -6.67
CA SER A 24 17.10 -11.33 -7.66
C SER A 24 16.50 -12.00 -8.91
N THR A 25 15.20 -11.96 -8.91
CA THR A 25 14.35 -12.54 -9.89
C THR A 25 13.87 -11.47 -10.90
N PRO A 26 13.17 -11.85 -11.98
CA PRO A 26 12.58 -10.90 -12.93
C PRO A 26 11.26 -10.33 -12.39
N GLN A 27 10.43 -9.80 -13.26
CA GLN A 27 9.21 -9.14 -12.87
C GLN A 27 8.05 -10.07 -12.69
N GLN A 28 8.31 -11.30 -12.49
CA GLN A 28 7.28 -12.25 -12.24
C GLN A 28 7.32 -12.67 -10.80
N PRO A 29 6.53 -12.05 -9.95
CA PRO A 29 6.51 -12.36 -8.56
C PRO A 29 5.51 -13.46 -8.25
N GLN A 30 5.94 -14.45 -7.50
CA GLN A 30 5.05 -15.50 -7.05
C GLN A 30 4.06 -14.88 -6.11
N GLN A 31 4.59 -14.11 -5.21
CA GLN A 31 3.88 -13.23 -4.37
C GLN A 31 4.67 -11.97 -4.38
N ASN A 32 4.08 -10.89 -4.07
CA ASN A 32 4.84 -9.70 -3.92
C ASN A 32 5.20 -9.57 -2.47
N PRO A 33 6.21 -8.77 -2.14
CA PRO A 33 6.52 -8.43 -0.76
C PRO A 33 5.25 -7.94 -0.09
N SER A 34 4.93 -8.50 1.04
CA SER A 34 3.69 -8.21 1.68
C SER A 34 3.90 -8.01 3.14
N VAL A 35 3.04 -7.24 3.73
CA VAL A 35 3.10 -6.95 5.13
C VAL A 35 1.71 -6.80 5.63
N SER A 36 1.50 -7.19 6.83
CA SER A 36 0.26 -6.98 7.44
C SER A 36 0.43 -5.72 8.28
N HIS A 37 -0.12 -4.67 7.80
CA HIS A 37 0.10 -3.37 8.31
C HIS A 37 -1.16 -2.85 8.98
N ILE A 38 -0.97 -2.11 10.03
CA ILE A 38 -2.04 -1.53 10.87
C ILE A 38 -2.52 -0.25 10.10
N PHE A 39 -3.70 -0.28 9.65
CA PHE A 39 -4.31 0.83 9.03
C PHE A 39 -5.42 1.32 9.90
N ASP A 40 -5.56 2.60 9.91
CA ASP A 40 -6.54 3.28 10.68
C ASP A 40 -6.89 4.57 9.99
N GLY A 41 -7.97 5.14 10.39
CA GLY A 41 -8.49 6.34 9.77
C GLY A 41 -8.08 7.58 10.49
N GLU A 42 -7.11 7.46 11.35
CA GLU A 42 -6.66 8.54 12.13
C GLU A 42 -5.33 9.03 11.62
N THR A 43 -4.60 8.14 11.03
CA THR A 43 -3.38 8.42 10.42
C THR A 43 -3.61 8.68 8.92
N ALA A 44 -3.03 9.76 8.40
CA ALA A 44 -3.05 10.05 7.00
C ALA A 44 -2.50 8.89 6.21
N VAL A 45 -3.01 8.74 5.02
CA VAL A 45 -2.61 7.69 4.11
C VAL A 45 -1.12 7.72 3.89
N LYS A 46 -0.63 8.89 3.51
CA LYS A 46 0.80 9.11 3.18
C LYS A 46 1.71 8.66 4.32
N ASP A 47 1.22 8.76 5.52
CA ASP A 47 1.98 8.40 6.68
C ASP A 47 2.00 6.92 6.85
N HIS A 48 0.89 6.28 6.52
CA HIS A 48 0.83 4.83 6.46
C HIS A 48 1.79 4.35 5.37
N ILE A 49 1.80 5.11 4.28
CA ILE A 49 2.64 4.85 3.15
C ILE A 49 4.11 5.05 3.47
N LYS A 50 4.48 6.14 4.18
CA LYS A 50 5.86 6.32 4.60
C LYS A 50 6.35 5.12 5.43
N VAL A 51 5.45 4.54 6.21
CA VAL A 51 5.75 3.36 6.99
C VAL A 51 5.95 2.16 6.09
N LEU A 52 4.97 1.88 5.26
CA LEU A 52 5.05 0.77 4.33
C LEU A 52 6.30 0.84 3.50
N LEU A 53 6.58 2.01 2.91
CA LEU A 53 7.76 2.20 2.12
C LEU A 53 8.97 1.84 2.93
N THR A 54 9.06 2.37 4.11
CA THR A 54 10.11 2.09 5.00
C THR A 54 10.26 0.61 5.36
N HIS A 55 9.17 -0.07 5.54
CA HIS A 55 9.17 -1.48 5.82
C HIS A 55 9.56 -2.31 4.59
N PHE A 56 9.29 -1.78 3.43
CA PHE A 56 9.70 -2.39 2.18
C PHE A 56 11.08 -1.90 1.75
N LYS A 57 11.65 -1.06 2.58
CA LYS A 57 12.98 -0.45 2.41
C LYS A 57 13.04 0.53 1.23
N ILE A 58 11.97 1.23 1.04
CA ILE A 58 11.82 2.22 0.05
C ILE A 58 11.86 3.58 0.74
N PRO A 59 12.59 4.56 0.20
CA PRO A 59 12.60 5.92 0.76
C PRO A 59 11.21 6.52 0.75
N VAL A 60 10.88 7.14 1.85
CA VAL A 60 9.59 7.78 2.05
C VAL A 60 9.36 8.92 1.09
N ASP A 61 10.40 9.32 0.40
CA ASP A 61 10.34 10.44 -0.54
C ASP A 61 9.50 10.04 -1.76
N LYS A 62 9.28 8.73 -1.90
CA LYS A 62 8.49 8.19 -2.95
C LYS A 62 7.00 8.13 -2.62
N VAL A 63 6.65 8.45 -1.36
CA VAL A 63 5.25 8.51 -0.78
C VAL A 63 4.29 9.26 -1.71
N SER A 64 4.86 10.20 -2.41
CA SER A 64 4.23 11.00 -3.41
C SER A 64 3.63 10.14 -4.53
N SER A 65 4.39 9.16 -4.95
CA SER A 65 4.06 8.37 -6.08
C SER A 65 3.49 7.02 -5.68
N TYR A 66 3.24 6.83 -4.42
CA TYR A 66 2.71 5.57 -3.95
C TYR A 66 1.31 5.73 -3.51
N ALA A 67 0.54 4.70 -3.77
CA ALA A 67 -0.84 4.70 -3.44
C ALA A 67 -1.29 3.31 -3.13
N LEU A 68 -2.24 3.22 -2.24
CA LEU A 68 -2.90 2.00 -1.91
C LEU A 68 -3.95 1.75 -2.96
N GLN A 69 -4.03 0.56 -3.43
CA GLN A 69 -4.95 0.23 -4.47
C GLN A 69 -5.80 -0.95 -4.02
N ASN A 70 -7.03 -0.97 -4.46
CA ASN A 70 -7.94 -2.06 -4.23
C ASN A 70 -7.56 -3.20 -5.17
N PRO A 71 -7.51 -4.44 -4.69
CA PRO A 71 -7.12 -5.59 -5.52
C PRO A 71 -8.17 -6.02 -6.57
N PHE A 72 -9.41 -5.57 -6.45
CA PHE A 72 -10.43 -6.03 -7.37
C PHE A 72 -10.79 -4.97 -8.37
N THR A 73 -11.00 -3.80 -7.87
CA THR A 73 -11.49 -2.70 -8.67
C THR A 73 -10.33 -1.92 -9.27
N LEU A 74 -9.16 -2.12 -8.68
CA LEU A 74 -7.92 -1.45 -9.05
C LEU A 74 -8.03 0.05 -8.78
N ALA A 75 -8.91 0.41 -7.88
CA ALA A 75 -9.10 1.78 -7.50
C ALA A 75 -8.06 2.19 -6.50
N TYR A 76 -7.50 3.33 -6.70
CA TYR A 76 -6.48 3.84 -5.85
C TYR A 76 -7.04 4.72 -4.78
N VAL A 77 -6.38 4.74 -3.68
CA VAL A 77 -6.70 5.61 -2.62
C VAL A 77 -5.89 6.89 -2.83
N GLU A 78 -6.58 7.91 -3.25
CA GLU A 78 -6.00 9.19 -3.54
C GLU A 78 -6.39 10.16 -2.46
N ASP A 79 -6.95 9.57 -1.44
CA ASP A 79 -7.41 10.20 -0.27
C ASP A 79 -6.24 10.56 0.58
N SER A 80 -6.42 11.52 1.36
CA SER A 80 -5.47 11.96 2.29
C SER A 80 -5.55 11.16 3.56
N PHE A 81 -6.74 10.78 3.91
CA PHE A 81 -7.02 9.98 5.03
C PHE A 81 -7.90 8.81 4.63
N LEU A 82 -7.74 7.72 5.31
CA LEU A 82 -8.49 6.51 5.08
C LEU A 82 -9.78 6.56 5.83
N THR A 83 -10.74 5.86 5.31
CA THR A 83 -11.99 5.74 5.93
C THR A 83 -12.12 4.33 6.49
N PRO A 84 -13.01 4.09 7.47
CA PRO A 84 -13.29 2.72 7.96
C PRO A 84 -13.77 1.87 6.78
N GLU A 85 -14.52 2.50 5.90
CA GLU A 85 -15.05 1.87 4.71
C GLU A 85 -13.94 1.36 3.80
N ARG A 86 -12.87 2.15 3.64
CA ARG A 86 -11.72 1.72 2.83
C ARG A 86 -11.06 0.51 3.46
N LEU A 87 -10.93 0.56 4.77
CA LEU A 87 -10.33 -0.51 5.53
C LEU A 87 -11.15 -1.77 5.40
N VAL A 88 -12.44 -1.62 5.59
CA VAL A 88 -13.36 -2.68 5.50
C VAL A 88 -13.42 -3.34 4.15
N GLU A 89 -13.47 -2.54 3.12
CA GLU A 89 -13.40 -3.08 1.80
C GLU A 89 -12.04 -3.72 1.48
N ALA A 90 -11.02 -3.25 2.13
CA ALA A 90 -9.68 -3.83 1.98
C ALA A 90 -9.48 -5.12 2.76
N GLU A 91 -9.94 -5.21 4.03
CA GLU A 91 -9.86 -6.44 4.83
C GLU A 91 -10.43 -7.66 4.15
N LYS A 92 -11.31 -7.42 3.22
CA LYS A 92 -11.85 -8.42 2.35
C LYS A 92 -10.76 -9.26 1.70
N SER A 93 -9.64 -8.62 1.40
CA SER A 93 -8.49 -9.29 0.86
C SER A 93 -7.13 -8.68 1.31
N TYR A 94 -6.70 -7.66 0.62
CA TYR A 94 -5.42 -7.00 0.84
C TYR A 94 -5.50 -5.58 0.28
N PHE A 95 -4.43 -4.84 0.44
CA PHE A 95 -4.21 -3.55 -0.20
C PHE A 95 -3.03 -3.72 -1.09
N ILE A 96 -2.93 -2.98 -2.14
CA ILE A 96 -1.72 -3.01 -2.93
C ILE A 96 -1.07 -1.63 -2.83
N LEU A 97 0.22 -1.60 -2.75
CA LEU A 97 0.95 -0.38 -2.61
C LEU A 97 1.86 -0.30 -3.82
N ARG A 98 1.53 0.57 -4.72
CA ARG A 98 2.23 0.65 -6.00
C ARG A 98 2.66 2.05 -6.27
N MET A 99 3.64 2.20 -7.15
CA MET A 99 3.94 3.47 -7.69
C MET A 99 2.87 3.73 -8.72
N LYS A 100 2.25 4.85 -8.62
CA LYS A 100 1.16 5.22 -9.45
C LYS A 100 1.59 5.42 -10.88
N PRO A 101 0.93 4.74 -11.83
CA PRO A 101 1.19 4.93 -13.24
C PRO A 101 0.62 6.28 -13.65
N HIS A 102 1.49 7.21 -13.76
CA HIS A 102 1.18 8.58 -13.99
C HIS A 102 2.49 9.29 -14.29
N ALA A 103 2.44 10.34 -15.07
CA ALA A 103 3.65 11.07 -15.38
C ALA A 103 4.06 11.88 -14.18
N ILE A 104 5.33 11.94 -13.94
CA ILE A 104 5.86 12.66 -12.87
C ILE A 104 5.92 14.13 -13.22
N ALA A 105 5.22 14.94 -12.48
CA ALA A 105 5.22 16.35 -12.70
C ALA A 105 6.25 16.99 -11.82
N ASP A 106 6.88 18.03 -12.30
CA ASP A 106 7.89 18.75 -11.56
C ASP A 106 7.18 19.70 -10.66
N ARG A 107 6.70 19.15 -9.61
CA ARG A 107 5.97 19.86 -8.58
C ARG A 107 6.84 20.91 -7.90
N GLY A 1 -1.69 3.38 20.97
CA GLY A 1 -2.02 4.74 20.56
C GLY A 1 -3.50 4.85 20.29
N ALA A 2 -4.01 6.06 20.36
CA ALA A 2 -5.42 6.28 20.18
C ALA A 2 -5.74 6.45 18.71
N HIS A 3 -6.18 5.39 18.10
CA HIS A 3 -6.61 5.40 16.73
C HIS A 3 -7.97 4.76 16.67
N MET A 4 -8.99 5.55 16.77
CA MET A 4 -10.33 5.03 16.79
C MET A 4 -10.85 4.84 15.38
N GLY A 5 -11.79 3.95 15.22
CA GLY A 5 -12.36 3.68 13.94
C GLY A 5 -12.28 2.23 13.58
N GLY A 6 -11.42 1.50 14.29
CA GLY A 6 -11.25 0.10 14.04
C GLY A 6 -10.02 -0.15 13.23
N SER A 7 -8.86 -0.09 13.88
CA SER A 7 -7.62 -0.26 13.16
C SER A 7 -7.44 -1.73 12.72
N MET A 8 -6.94 -1.90 11.53
CA MET A 8 -6.85 -3.19 10.91
C MET A 8 -5.47 -3.53 10.50
N LYS A 9 -5.10 -4.78 10.67
CA LYS A 9 -3.83 -5.24 10.21
C LYS A 9 -4.09 -5.97 8.88
N ILE A 10 -3.88 -5.24 7.83
CA ILE A 10 -4.20 -5.65 6.49
C ILE A 10 -2.95 -5.97 5.73
N ARG A 11 -3.01 -7.02 4.94
CA ARG A 11 -1.97 -7.30 4.01
C ARG A 11 -1.89 -6.30 2.96
N VAL A 12 -0.75 -5.89 2.69
CA VAL A 12 -0.51 -5.02 1.68
C VAL A 12 0.42 -5.66 0.72
N GLU A 13 0.07 -5.78 -0.54
CA GLU A 13 1.10 -6.13 -1.44
C GLU A 13 1.82 -4.89 -1.83
N LEU A 14 3.06 -5.01 -2.01
CA LEU A 14 3.87 -3.92 -2.47
C LEU A 14 4.44 -4.19 -3.84
N ILE A 15 4.40 -3.20 -4.70
CA ILE A 15 5.14 -3.31 -5.94
C ILE A 15 6.31 -2.31 -5.92
N ASN A 16 7.49 -2.85 -6.01
CA ASN A 16 8.69 -2.09 -6.21
C ASN A 16 9.66 -3.05 -6.85
N GLY A 17 9.34 -3.41 -8.05
CA GLY A 17 10.09 -4.41 -8.76
C GLY A 17 9.40 -5.75 -8.67
N ASN A 18 9.83 -6.68 -9.49
CA ASN A 18 9.30 -8.01 -9.54
C ASN A 18 10.41 -9.01 -9.45
N GLU A 19 11.51 -8.52 -8.91
CA GLU A 19 12.73 -9.23 -8.79
C GLU A 19 12.70 -10.14 -7.54
N HIS A 20 13.88 -10.59 -7.10
CA HIS A 20 14.08 -11.49 -5.96
C HIS A 20 13.84 -12.91 -6.39
N ARG A 21 14.88 -13.69 -6.44
CA ARG A 21 14.78 -15.07 -6.88
C ARG A 21 15.48 -16.03 -5.94
N THR A 22 15.19 -17.27 -6.20
CA THR A 22 15.76 -18.43 -5.57
C THR A 22 16.11 -19.36 -6.71
N SER A 23 16.12 -20.64 -6.48
CA SER A 23 16.21 -21.59 -7.57
C SER A 23 15.00 -21.33 -8.51
N SER A 24 15.16 -21.62 -9.78
CA SER A 24 14.14 -21.28 -10.78
C SER A 24 13.00 -22.34 -10.81
N THR A 25 12.96 -23.11 -9.80
CA THR A 25 11.95 -24.10 -9.61
C THR A 25 10.69 -23.47 -8.99
N PRO A 26 9.51 -24.09 -9.11
CA PRO A 26 8.27 -23.55 -8.53
C PRO A 26 8.09 -24.02 -7.09
N GLN A 27 9.19 -24.38 -6.50
CA GLN A 27 9.27 -24.94 -5.19
C GLN A 27 9.59 -23.89 -4.15
N GLN A 28 9.33 -22.69 -4.51
CA GLN A 28 9.53 -21.54 -3.69
C GLN A 28 8.36 -20.60 -3.91
N PRO A 29 7.65 -20.24 -2.84
CA PRO A 29 6.52 -19.35 -2.93
C PRO A 29 6.99 -17.90 -3.05
N GLN A 30 6.77 -17.30 -4.18
CA GLN A 30 7.22 -15.98 -4.43
C GLN A 30 6.17 -15.11 -5.07
N GLN A 31 5.36 -14.52 -4.23
CA GLN A 31 4.45 -13.49 -4.61
C GLN A 31 5.15 -12.17 -4.38
N ASN A 32 4.49 -11.07 -4.58
CA ASN A 32 5.09 -9.79 -4.31
C ASN A 32 5.27 -9.59 -2.81
N PRO A 33 6.23 -8.74 -2.39
CA PRO A 33 6.46 -8.39 -0.97
C PRO A 33 5.16 -7.93 -0.30
N SER A 34 4.89 -8.42 0.88
CA SER A 34 3.66 -8.09 1.55
C SER A 34 3.91 -7.88 3.03
N VAL A 35 3.01 -7.20 3.66
CA VAL A 35 3.06 -6.95 5.07
C VAL A 35 1.67 -6.82 5.59
N SER A 36 1.46 -7.19 6.80
CA SER A 36 0.23 -6.97 7.40
C SER A 36 0.42 -5.72 8.25
N HIS A 37 -0.12 -4.63 7.77
CA HIS A 37 0.11 -3.34 8.30
C HIS A 37 -1.14 -2.82 9.00
N ILE A 38 -0.93 -2.05 10.02
CA ILE A 38 -1.99 -1.47 10.88
C ILE A 38 -2.48 -0.18 10.12
N PHE A 39 -3.66 -0.21 9.67
CA PHE A 39 -4.27 0.90 9.04
C PHE A 39 -5.40 1.38 9.90
N ASP A 40 -5.64 2.66 9.87
CA ASP A 40 -6.67 3.31 10.61
C ASP A 40 -7.16 4.50 9.77
N GLY A 41 -7.97 5.34 10.37
CA GLY A 41 -8.55 6.47 9.66
C GLY A 41 -8.21 7.79 10.34
N GLU A 42 -7.19 7.74 11.16
CA GLU A 42 -6.74 8.83 11.95
C GLU A 42 -5.39 9.32 11.46
N THR A 43 -4.65 8.42 10.91
CA THR A 43 -3.42 8.66 10.33
C THR A 43 -3.60 8.86 8.83
N ALA A 44 -2.99 9.91 8.30
CA ALA A 44 -3.01 10.16 6.88
C ALA A 44 -2.47 8.98 6.12
N VAL A 45 -2.98 8.81 4.95
CA VAL A 45 -2.62 7.74 4.06
C VAL A 45 -1.11 7.75 3.84
N LYS A 46 -0.61 8.91 3.45
CA LYS A 46 0.83 9.11 3.12
C LYS A 46 1.72 8.67 4.29
N ASP A 47 1.24 8.83 5.48
CA ASP A 47 1.99 8.47 6.64
C ASP A 47 2.00 6.99 6.81
N HIS A 48 0.88 6.35 6.53
CA HIS A 48 0.79 4.90 6.52
C HIS A 48 1.74 4.38 5.43
N ILE A 49 1.77 5.10 4.34
CA ILE A 49 2.60 4.82 3.20
C ILE A 49 4.08 5.00 3.51
N LYS A 50 4.46 6.07 4.21
CA LYS A 50 5.86 6.22 4.62
C LYS A 50 6.31 5.03 5.49
N VAL A 51 5.39 4.51 6.29
CA VAL A 51 5.68 3.36 7.13
C VAL A 51 5.87 2.12 6.27
N LEU A 52 4.92 1.86 5.40
CA LEU A 52 5.00 0.75 4.46
C LEU A 52 6.26 0.82 3.65
N LEU A 53 6.55 1.99 3.08
CA LEU A 53 7.74 2.19 2.31
C LEU A 53 8.95 1.85 3.14
N THR A 54 9.00 2.36 4.35
CA THR A 54 10.04 2.06 5.24
C THR A 54 10.19 0.57 5.57
N HIS A 55 9.08 -0.11 5.74
CA HIS A 55 9.09 -1.53 6.00
C HIS A 55 9.51 -2.34 4.76
N PHE A 56 9.14 -1.86 3.61
CA PHE A 56 9.53 -2.47 2.34
C PHE A 56 10.90 -2.00 1.90
N LYS A 57 11.45 -1.10 2.70
CA LYS A 57 12.81 -0.55 2.56
C LYS A 57 12.94 0.37 1.33
N ILE A 58 11.87 1.06 1.07
CA ILE A 58 11.76 2.00 0.03
C ILE A 58 11.86 3.37 0.66
N PRO A 59 12.60 4.31 0.06
CA PRO A 59 12.64 5.69 0.55
C PRO A 59 11.26 6.30 0.57
N VAL A 60 10.95 6.91 1.67
CA VAL A 60 9.69 7.56 1.88
C VAL A 60 9.45 8.71 0.94
N ASP A 61 10.47 9.11 0.20
CA ASP A 61 10.34 10.20 -0.76
C ASP A 61 9.49 9.79 -1.93
N LYS A 62 9.27 8.50 -2.06
CA LYS A 62 8.47 7.95 -3.11
C LYS A 62 6.99 7.92 -2.75
N VAL A 63 6.66 8.25 -1.47
CA VAL A 63 5.27 8.36 -0.90
C VAL A 63 4.35 9.15 -1.83
N SER A 64 4.95 10.08 -2.51
CA SER A 64 4.37 10.90 -3.54
C SER A 64 3.71 10.05 -4.62
N SER A 65 4.47 9.09 -5.10
CA SER A 65 4.10 8.26 -6.17
C SER A 65 3.50 6.95 -5.66
N TYR A 66 3.24 6.83 -4.39
CA TYR A 66 2.70 5.61 -3.88
C TYR A 66 1.28 5.75 -3.45
N ALA A 67 0.52 4.74 -3.75
CA ALA A 67 -0.86 4.74 -3.47
C ALA A 67 -1.31 3.34 -3.17
N LEU A 68 -2.29 3.25 -2.33
CA LEU A 68 -2.91 2.01 -1.99
C LEU A 68 -3.99 1.72 -3.02
N GLN A 69 -3.93 0.59 -3.61
CA GLN A 69 -4.90 0.19 -4.62
C GLN A 69 -5.74 -0.99 -4.12
N ASN A 70 -6.97 -1.03 -4.59
CA ASN A 70 -7.88 -2.12 -4.34
C ASN A 70 -7.58 -3.24 -5.35
N PRO A 71 -7.44 -4.49 -4.90
CA PRO A 71 -7.10 -5.63 -5.77
C PRO A 71 -8.16 -5.99 -6.83
N PHE A 72 -9.40 -5.57 -6.65
CA PHE A 72 -10.42 -5.96 -7.58
C PHE A 72 -10.80 -4.83 -8.51
N THR A 73 -10.96 -3.68 -7.95
CA THR A 73 -11.45 -2.54 -8.69
C THR A 73 -10.32 -1.76 -9.33
N LEU A 74 -9.12 -1.96 -8.79
CA LEU A 74 -7.90 -1.29 -9.22
C LEU A 74 -7.93 0.19 -8.88
N ALA A 75 -8.83 0.55 -7.99
CA ALA A 75 -8.95 1.91 -7.59
C ALA A 75 -7.88 2.26 -6.61
N TYR A 76 -7.34 3.43 -6.76
CA TYR A 76 -6.32 3.90 -5.90
C TYR A 76 -6.91 4.82 -4.88
N VAL A 77 -6.34 4.80 -3.74
CA VAL A 77 -6.74 5.66 -2.69
C VAL A 77 -6.06 7.03 -2.85
N GLU A 78 -6.84 8.01 -3.27
CA GLU A 78 -6.40 9.38 -3.44
C GLU A 78 -6.82 10.22 -2.28
N ASP A 79 -7.29 9.52 -1.27
CA ASP A 79 -7.72 10.10 -0.06
C ASP A 79 -6.53 10.53 0.74
N SER A 80 -6.76 11.47 1.56
CA SER A 80 -5.80 11.96 2.46
C SER A 80 -5.76 11.09 3.69
N PHE A 81 -6.91 10.67 4.09
CA PHE A 81 -7.08 9.82 5.20
C PHE A 81 -7.97 8.67 4.80
N LEU A 82 -7.75 7.56 5.39
CA LEU A 82 -8.52 6.37 5.12
C LEU A 82 -9.81 6.44 5.87
N THR A 83 -10.75 5.71 5.40
CA THR A 83 -11.99 5.59 6.03
C THR A 83 -12.08 4.19 6.56
N PRO A 84 -12.85 3.94 7.61
CA PRO A 84 -13.10 2.59 8.10
C PRO A 84 -13.65 1.72 6.96
N GLU A 85 -14.41 2.35 6.07
CA GLU A 85 -14.96 1.73 4.89
C GLU A 85 -13.85 1.17 4.01
N ARG A 86 -12.85 2.00 3.71
CA ARG A 86 -11.73 1.57 2.89
C ARG A 86 -10.99 0.45 3.54
N LEU A 87 -10.88 0.52 4.85
CA LEU A 87 -10.24 -0.50 5.62
C LEU A 87 -11.00 -1.81 5.51
N VAL A 88 -12.30 -1.74 5.70
CA VAL A 88 -13.16 -2.86 5.63
C VAL A 88 -13.22 -3.49 4.26
N GLU A 89 -13.30 -2.67 3.25
CA GLU A 89 -13.23 -3.12 1.89
C GLU A 89 -11.89 -3.78 1.61
N ALA A 90 -10.86 -3.28 2.27
CA ALA A 90 -9.51 -3.83 2.13
C ALA A 90 -9.30 -5.15 2.89
N GLU A 91 -9.81 -5.27 4.15
CA GLU A 91 -9.69 -6.53 4.91
C GLU A 91 -10.18 -7.73 4.15
N LYS A 92 -11.04 -7.49 3.19
CA LYS A 92 -11.53 -8.48 2.28
C LYS A 92 -10.41 -9.24 1.57
N SER A 93 -9.33 -8.53 1.27
CA SER A 93 -8.18 -9.13 0.68
C SER A 93 -6.86 -8.50 1.16
N TYR A 94 -6.47 -7.41 0.53
CA TYR A 94 -5.24 -6.70 0.78
C TYR A 94 -5.36 -5.30 0.21
N PHE A 95 -4.32 -4.52 0.40
CA PHE A 95 -4.11 -3.23 -0.27
C PHE A 95 -2.95 -3.42 -1.20
N ILE A 96 -2.93 -2.75 -2.31
CA ILE A 96 -1.78 -2.87 -3.18
C ILE A 96 -1.04 -1.54 -3.25
N LEU A 97 0.03 -1.46 -2.50
CA LEU A 97 0.86 -0.29 -2.44
C LEU A 97 1.76 -0.28 -3.67
N ARG A 98 1.41 0.54 -4.63
CA ARG A 98 2.08 0.58 -5.91
C ARG A 98 2.57 1.94 -6.18
N MET A 99 3.53 2.05 -7.08
CA MET A 99 3.86 3.29 -7.61
C MET A 99 2.78 3.60 -8.61
N LYS A 100 2.22 4.73 -8.49
CA LYS A 100 1.18 5.14 -9.35
C LYS A 100 1.68 5.30 -10.74
N PRO A 101 0.93 4.81 -11.74
CA PRO A 101 1.26 5.01 -13.14
C PRO A 101 1.35 6.47 -13.45
N HIS A 102 2.55 6.90 -13.70
CA HIS A 102 2.86 8.27 -13.98
C HIS A 102 2.27 8.67 -15.31
N ALA A 103 1.82 9.88 -15.37
CA ALA A 103 1.29 10.47 -16.58
C ALA A 103 2.38 10.52 -17.64
N ILE A 104 2.01 10.57 -18.89
CA ILE A 104 2.94 10.58 -19.92
C ILE A 104 3.47 12.00 -20.13
N ALA A 105 4.62 12.24 -19.56
CA ALA A 105 5.30 13.49 -19.67
C ALA A 105 6.75 13.20 -19.93
N ASP A 106 7.20 13.50 -21.11
CA ASP A 106 8.56 13.18 -21.53
C ASP A 106 9.48 14.35 -21.39
N ARG A 107 9.16 15.19 -20.44
CA ARG A 107 9.96 16.34 -20.16
C ARG A 107 10.86 16.03 -18.98
N GLY A 1 -8.87 2.38 24.30
CA GLY A 1 -9.99 2.31 23.37
C GLY A 1 -10.56 3.68 23.15
N ALA A 2 -11.89 3.78 23.06
CA ALA A 2 -12.65 5.04 22.95
C ALA A 2 -12.48 5.77 21.61
N HIS A 3 -11.24 6.01 21.19
CA HIS A 3 -10.92 6.80 19.97
C HIS A 3 -11.57 6.25 18.70
N MET A 4 -11.74 4.94 18.65
CA MET A 4 -12.34 4.23 17.52
C MET A 4 -11.66 4.53 16.20
N GLY A 5 -10.56 3.87 16.00
CA GLY A 5 -9.86 3.97 14.76
C GLY A 5 -10.11 2.74 13.94
N GLY A 6 -10.47 1.65 14.64
CA GLY A 6 -10.74 0.36 14.04
C GLY A 6 -9.58 -0.09 13.26
N SER A 7 -8.44 -0.09 13.89
CA SER A 7 -7.22 -0.35 13.22
C SER A 7 -7.09 -1.81 12.79
N MET A 8 -6.82 -1.96 11.55
CA MET A 8 -6.80 -3.22 10.89
C MET A 8 -5.44 -3.60 10.45
N LYS A 9 -5.11 -4.84 10.64
CA LYS A 9 -3.84 -5.33 10.20
C LYS A 9 -4.05 -6.00 8.83
N ILE A 10 -3.90 -5.21 7.82
CA ILE A 10 -4.21 -5.56 6.48
C ILE A 10 -2.95 -5.92 5.74
N ARG A 11 -3.03 -6.96 4.96
CA ARG A 11 -1.97 -7.33 4.10
C ARG A 11 -1.89 -6.42 2.94
N VAL A 12 -0.73 -5.98 2.70
CA VAL A 12 -0.48 -5.09 1.65
C VAL A 12 0.47 -5.74 0.68
N GLU A 13 0.16 -5.79 -0.59
CA GLU A 13 1.21 -6.12 -1.49
C GLU A 13 1.90 -4.87 -1.88
N LEU A 14 3.14 -4.94 -2.13
CA LEU A 14 3.90 -3.81 -2.56
C LEU A 14 4.49 -4.05 -3.92
N ILE A 15 4.29 -3.13 -4.83
CA ILE A 15 5.01 -3.21 -6.09
C ILE A 15 6.14 -2.19 -6.06
N ASN A 16 7.35 -2.67 -6.16
CA ASN A 16 8.49 -1.81 -6.31
C ASN A 16 9.38 -2.43 -7.36
N GLY A 17 8.73 -3.19 -8.24
CA GLY A 17 9.40 -3.92 -9.31
C GLY A 17 9.94 -3.02 -10.40
N ASN A 18 10.93 -2.24 -10.04
CA ASN A 18 11.64 -1.37 -10.91
C ASN A 18 13.11 -1.68 -10.82
N GLU A 19 13.47 -2.51 -9.84
CA GLU A 19 14.84 -2.77 -9.49
C GLU A 19 15.43 -3.94 -10.27
N HIS A 20 14.85 -4.21 -11.42
CA HIS A 20 15.25 -5.34 -12.28
C HIS A 20 15.18 -6.66 -11.55
N ARG A 21 13.99 -7.09 -11.24
CA ARG A 21 13.80 -8.35 -10.56
C ARG A 21 12.75 -9.15 -11.25
N THR A 22 13.15 -9.82 -12.33
CA THR A 22 12.27 -10.65 -13.15
C THR A 22 11.05 -9.85 -13.60
N SER A 23 10.02 -10.52 -13.98
CA SER A 23 8.79 -9.88 -14.24
C SER A 23 8.12 -9.56 -12.91
N SER A 24 7.42 -8.45 -12.83
CA SER A 24 6.78 -8.01 -11.61
C SER A 24 5.44 -8.73 -11.38
N THR A 25 5.24 -9.76 -12.13
CA THR A 25 4.11 -10.60 -12.02
C THR A 25 4.41 -11.72 -11.01
N PRO A 26 3.49 -12.00 -10.07
CA PRO A 26 3.74 -12.94 -8.99
C PRO A 26 3.30 -14.37 -9.32
N GLN A 27 3.84 -14.93 -10.40
CA GLN A 27 3.54 -16.29 -10.82
C GLN A 27 4.40 -17.29 -10.08
N GLN A 28 4.81 -16.91 -8.93
CA GLN A 28 5.64 -17.67 -8.07
C GLN A 28 4.88 -17.98 -6.82
N PRO A 29 5.34 -18.94 -5.99
CA PRO A 29 4.74 -19.21 -4.66
C PRO A 29 5.24 -18.18 -3.64
N GLN A 30 5.52 -17.02 -4.16
CA GLN A 30 5.99 -15.89 -3.49
C GLN A 30 5.44 -14.70 -4.26
N GLN A 31 4.43 -14.11 -3.69
CA GLN A 31 3.80 -12.91 -4.22
C GLN A 31 4.74 -11.70 -4.15
N ASN A 32 4.20 -10.52 -4.31
CA ASN A 32 4.98 -9.34 -4.14
C ASN A 32 5.22 -9.20 -2.65
N PRO A 33 6.31 -8.52 -2.24
CA PRO A 33 6.58 -8.20 -0.83
C PRO A 33 5.29 -7.78 -0.12
N SER A 34 4.98 -8.42 0.97
CA SER A 34 3.71 -8.21 1.62
C SER A 34 3.91 -8.01 3.10
N VAL A 35 3.04 -7.25 3.68
CA VAL A 35 3.09 -6.98 5.08
C VAL A 35 1.70 -6.83 5.59
N SER A 36 1.50 -7.19 6.80
CA SER A 36 0.28 -6.97 7.41
C SER A 36 0.48 -5.72 8.28
N HIS A 37 -0.08 -4.64 7.80
CA HIS A 37 0.14 -3.35 8.34
C HIS A 37 -1.11 -2.86 9.03
N ILE A 38 -0.91 -2.11 10.08
CA ILE A 38 -1.96 -1.56 10.95
C ILE A 38 -2.44 -0.26 10.23
N PHE A 39 -3.62 -0.27 9.75
CA PHE A 39 -4.20 0.84 9.12
C PHE A 39 -5.34 1.35 9.98
N ASP A 40 -5.51 2.63 10.00
CA ASP A 40 -6.53 3.27 10.76
C ASP A 40 -7.04 4.49 9.99
N GLY A 41 -8.09 5.07 10.51
CA GLY A 41 -8.72 6.21 9.88
C GLY A 41 -8.34 7.52 10.52
N GLU A 42 -7.28 7.51 11.28
CA GLU A 42 -6.86 8.63 12.01
C GLU A 42 -5.52 9.16 11.50
N THR A 43 -4.78 8.30 10.86
CA THR A 43 -3.57 8.61 10.26
C THR A 43 -3.76 8.77 8.76
N ALA A 44 -3.13 9.79 8.20
CA ALA A 44 -3.10 10.03 6.78
C ALA A 44 -2.59 8.81 6.05
N VAL A 45 -3.11 8.63 4.87
CA VAL A 45 -2.74 7.54 3.99
C VAL A 45 -1.25 7.55 3.76
N LYS A 46 -0.76 8.70 3.33
CA LYS A 46 0.66 8.87 2.99
C LYS A 46 1.57 8.56 4.16
N ASP A 47 1.08 8.74 5.35
CA ASP A 47 1.82 8.45 6.54
C ASP A 47 1.87 6.97 6.78
N HIS A 48 0.77 6.31 6.49
CA HIS A 48 0.73 4.85 6.49
C HIS A 48 1.73 4.35 5.42
N ILE A 49 1.77 5.07 4.33
CA ILE A 49 2.64 4.79 3.22
C ILE A 49 4.11 5.01 3.57
N LYS A 50 4.45 6.09 4.27
CA LYS A 50 5.84 6.26 4.72
C LYS A 50 6.30 5.09 5.56
N VAL A 51 5.38 4.52 6.34
CA VAL A 51 5.68 3.35 7.15
C VAL A 51 5.87 2.13 6.27
N LEU A 52 4.91 1.86 5.42
CA LEU A 52 5.00 0.75 4.48
C LEU A 52 6.27 0.82 3.67
N LEU A 53 6.55 1.98 3.09
CA LEU A 53 7.74 2.19 2.31
C LEU A 53 8.96 1.84 3.14
N THR A 54 9.00 2.37 4.35
CA THR A 54 10.05 2.12 5.23
C THR A 54 10.21 0.63 5.59
N HIS A 55 9.13 -0.06 5.77
CA HIS A 55 9.16 -1.47 6.05
C HIS A 55 9.57 -2.30 4.80
N PHE A 56 9.24 -1.80 3.63
CA PHE A 56 9.64 -2.41 2.37
C PHE A 56 11.02 -1.95 1.92
N LYS A 57 11.58 -1.08 2.71
CA LYS A 57 12.94 -0.49 2.53
C LYS A 57 13.00 0.46 1.34
N ILE A 58 11.89 1.10 1.08
CA ILE A 58 11.75 2.05 0.05
C ILE A 58 11.83 3.42 0.70
N PRO A 59 12.57 4.35 0.12
CA PRO A 59 12.60 5.71 0.61
C PRO A 59 11.24 6.33 0.61
N VAL A 60 10.92 6.99 1.69
CA VAL A 60 9.68 7.66 1.87
C VAL A 60 9.48 8.79 0.90
N ASP A 61 10.52 9.13 0.15
CA ASP A 61 10.42 10.18 -0.86
C ASP A 61 9.53 9.72 -2.01
N LYS A 62 9.30 8.41 -2.09
CA LYS A 62 8.42 7.90 -3.11
C LYS A 62 6.96 7.92 -2.66
N VAL A 63 6.70 8.29 -1.40
CA VAL A 63 5.33 8.42 -0.80
C VAL A 63 4.43 9.25 -1.72
N SER A 64 5.04 10.20 -2.40
CA SER A 64 4.43 11.02 -3.41
C SER A 64 3.83 10.16 -4.52
N SER A 65 4.56 9.15 -4.90
CA SER A 65 4.23 8.32 -6.00
C SER A 65 3.68 6.96 -5.57
N TYR A 66 3.30 6.83 -4.32
CA TYR A 66 2.74 5.59 -3.83
C TYR A 66 1.34 5.74 -3.36
N ALA A 67 0.55 4.72 -3.60
CA ALA A 67 -0.81 4.69 -3.19
C ALA A 67 -1.28 3.27 -3.06
N LEU A 68 -2.27 3.11 -2.24
CA LEU A 68 -2.90 1.85 -1.99
C LEU A 68 -3.95 1.62 -3.08
N GLN A 69 -3.93 0.46 -3.68
CA GLN A 69 -4.87 0.15 -4.74
C GLN A 69 -5.77 -1.00 -4.30
N ASN A 70 -6.99 -1.02 -4.82
CA ASN A 70 -7.93 -2.11 -4.57
C ASN A 70 -7.59 -3.25 -5.51
N PRO A 71 -7.51 -4.49 -5.00
CA PRO A 71 -7.13 -5.66 -5.82
C PRO A 71 -8.16 -6.09 -6.89
N PHE A 72 -9.42 -5.68 -6.77
CA PHE A 72 -10.41 -6.13 -7.74
C PHE A 72 -10.73 -5.06 -8.74
N THR A 73 -10.93 -3.88 -8.24
CA THR A 73 -11.41 -2.79 -9.05
C THR A 73 -10.26 -1.99 -9.62
N LEU A 74 -9.09 -2.15 -9.01
CA LEU A 74 -7.86 -1.47 -9.37
C LEU A 74 -7.93 0.02 -9.09
N ALA A 75 -8.84 0.40 -8.23
CA ALA A 75 -8.99 1.78 -7.86
C ALA A 75 -7.97 2.15 -6.82
N TYR A 76 -7.39 3.30 -6.97
CA TYR A 76 -6.41 3.78 -6.06
C TYR A 76 -7.01 4.65 -5.00
N VAL A 77 -6.44 4.62 -3.84
CA VAL A 77 -6.85 5.46 -2.76
C VAL A 77 -6.21 6.82 -2.96
N GLU A 78 -7.02 7.79 -3.33
CA GLU A 78 -6.54 9.13 -3.58
C GLU A 78 -6.84 10.03 -2.40
N ASP A 79 -7.24 9.42 -1.32
CA ASP A 79 -7.55 10.09 -0.11
C ASP A 79 -6.31 10.51 0.62
N SER A 80 -6.49 11.50 1.40
CA SER A 80 -5.51 11.97 2.30
C SER A 80 -5.50 11.14 3.56
N PHE A 81 -6.65 10.74 3.99
CA PHE A 81 -6.83 9.96 5.16
C PHE A 81 -7.72 8.79 4.82
N LEU A 82 -7.54 7.71 5.51
CA LEU A 82 -8.32 6.52 5.29
C LEU A 82 -9.63 6.59 6.02
N THR A 83 -10.57 5.89 5.52
CA THR A 83 -11.83 5.79 6.11
C THR A 83 -11.99 4.38 6.63
N PRO A 84 -12.83 4.15 7.67
CA PRO A 84 -13.15 2.81 8.15
C PRO A 84 -13.65 1.96 6.99
N GLU A 85 -14.39 2.59 6.09
CA GLU A 85 -14.91 1.98 4.89
C GLU A 85 -13.79 1.43 4.02
N ARG A 86 -12.74 2.23 3.82
CA ARG A 86 -11.62 1.80 3.02
C ARG A 86 -10.89 0.65 3.66
N LEU A 87 -10.80 0.68 4.96
CA LEU A 87 -10.20 -0.38 5.71
C LEU A 87 -11.00 -1.65 5.57
N VAL A 88 -12.30 -1.53 5.77
CA VAL A 88 -13.21 -2.61 5.66
C VAL A 88 -13.25 -3.25 4.30
N GLU A 89 -13.27 -2.43 3.30
CA GLU A 89 -13.16 -2.89 1.93
C GLU A 89 -11.84 -3.61 1.66
N ALA A 90 -10.80 -3.16 2.34
CA ALA A 90 -9.47 -3.74 2.17
C ALA A 90 -9.27 -5.05 2.94
N GLU A 91 -9.74 -5.14 4.20
CA GLU A 91 -9.62 -6.39 4.99
C GLU A 91 -10.16 -7.63 4.28
N LYS A 92 -11.07 -7.38 3.38
CA LYS A 92 -11.65 -8.37 2.50
C LYS A 92 -10.59 -9.14 1.70
N SER A 93 -9.53 -8.46 1.30
CA SER A 93 -8.43 -9.10 0.62
C SER A 93 -7.05 -8.55 1.05
N TYR A 94 -6.67 -7.43 0.50
CA TYR A 94 -5.40 -6.78 0.75
C TYR A 94 -5.47 -5.37 0.17
N PHE A 95 -4.37 -4.66 0.31
CA PHE A 95 -4.14 -3.37 -0.34
C PHE A 95 -2.97 -3.56 -1.26
N ILE A 96 -2.92 -2.87 -2.36
CA ILE A 96 -1.75 -2.98 -3.20
C ILE A 96 -1.03 -1.63 -3.27
N LEU A 97 0.03 -1.53 -2.52
CA LEU A 97 0.85 -0.33 -2.46
C LEU A 97 1.72 -0.30 -3.69
N ARG A 98 1.34 0.54 -4.61
CA ARG A 98 1.98 0.61 -5.90
C ARG A 98 2.43 1.98 -6.19
N MET A 99 3.29 2.11 -7.17
CA MET A 99 3.64 3.37 -7.66
C MET A 99 2.53 3.81 -8.58
N LYS A 100 1.99 4.92 -8.27
CA LYS A 100 0.84 5.51 -8.94
C LYS A 100 1.11 5.82 -10.39
N PRO A 101 0.05 5.88 -11.22
CA PRO A 101 0.17 6.34 -12.60
C PRO A 101 0.56 7.80 -12.59
N HIS A 102 1.78 8.01 -12.87
CA HIS A 102 2.41 9.29 -12.80
C HIS A 102 3.24 9.44 -14.05
N ALA A 103 3.53 10.67 -14.46
CA ALA A 103 4.30 10.89 -15.67
C ALA A 103 5.64 10.21 -15.58
N ILE A 104 5.96 9.51 -16.61
CA ILE A 104 7.13 8.74 -16.72
C ILE A 104 8.27 9.61 -17.22
N ALA A 105 9.42 9.48 -16.61
CA ALA A 105 10.55 10.27 -16.99
C ALA A 105 11.58 9.41 -17.67
N ASP A 106 11.53 9.39 -18.98
CA ASP A 106 12.49 8.69 -19.81
C ASP A 106 13.04 9.63 -20.81
N ARG A 107 14.00 10.38 -20.42
CA ARG A 107 14.62 11.26 -21.31
C ARG A 107 15.95 10.74 -21.81
N GLY A 1 -18.89 6.20 16.84
CA GLY A 1 -18.14 6.40 15.61
C GLY A 1 -17.56 5.11 15.13
N ALA A 2 -17.22 5.04 13.85
CA ALA A 2 -16.72 3.81 13.26
C ALA A 2 -15.21 3.66 13.41
N HIS A 3 -14.54 4.71 13.86
CA HIS A 3 -13.11 4.64 14.08
C HIS A 3 -12.75 5.03 15.50
N MET A 4 -13.26 4.26 16.41
CA MET A 4 -13.02 4.42 17.84
C MET A 4 -12.28 3.19 18.32
N GLY A 5 -11.34 2.77 17.53
CA GLY A 5 -10.60 1.58 17.81
C GLY A 5 -10.85 0.59 16.71
N GLY A 6 -10.44 0.95 15.53
CA GLY A 6 -10.65 0.11 14.40
C GLY A 6 -9.48 0.08 13.50
N SER A 7 -8.30 -0.05 14.06
CA SER A 7 -7.13 -0.16 13.27
C SER A 7 -6.95 -1.60 12.83
N MET A 8 -6.72 -1.76 11.57
CA MET A 8 -6.74 -3.04 10.94
C MET A 8 -5.42 -3.47 10.44
N LYS A 9 -5.14 -4.72 10.58
CA LYS A 9 -3.96 -5.29 10.05
C LYS A 9 -4.30 -5.97 8.73
N ILE A 10 -4.00 -5.28 7.67
CA ILE A 10 -4.32 -5.65 6.32
C ILE A 10 -3.05 -6.00 5.58
N ARG A 11 -3.08 -7.04 4.78
CA ARG A 11 -1.97 -7.37 3.97
C ARG A 11 -1.82 -6.39 2.87
N VAL A 12 -0.67 -5.96 2.64
CA VAL A 12 -0.42 -5.06 1.62
C VAL A 12 0.53 -5.69 0.65
N GLU A 13 0.22 -5.72 -0.63
CA GLU A 13 1.25 -6.06 -1.56
C GLU A 13 1.97 -4.80 -1.90
N LEU A 14 3.22 -4.92 -2.20
CA LEU A 14 4.01 -3.81 -2.61
C LEU A 14 4.47 -4.00 -4.03
N ILE A 15 4.30 -2.98 -4.83
CA ILE A 15 4.88 -2.99 -6.16
C ILE A 15 6.10 -2.06 -6.15
N ASN A 16 7.26 -2.63 -6.34
CA ASN A 16 8.45 -1.89 -6.57
C ASN A 16 9.42 -2.81 -7.21
N GLY A 17 9.28 -2.90 -8.46
CA GLY A 17 10.18 -3.63 -9.28
C GLY A 17 10.93 -2.68 -10.15
N ASN A 18 11.45 -1.62 -9.55
CA ASN A 18 12.12 -0.59 -10.29
C ASN A 18 13.54 -0.97 -10.44
N GLU A 19 14.07 -1.49 -9.38
CA GLU A 19 15.43 -1.86 -9.32
C GLU A 19 15.61 -3.23 -9.91
N HIS A 20 15.99 -3.28 -11.15
CA HIS A 20 16.24 -4.51 -11.81
C HIS A 20 17.69 -4.85 -11.62
N ARG A 21 17.95 -5.61 -10.61
CA ARG A 21 19.28 -5.98 -10.24
C ARG A 21 19.53 -7.42 -10.60
N THR A 22 20.77 -7.78 -10.55
CA THR A 22 21.18 -9.11 -10.79
C THR A 22 21.23 -9.86 -9.49
N SER A 23 20.71 -11.04 -9.47
CA SER A 23 20.69 -11.83 -8.29
C SER A 23 21.28 -13.20 -8.55
N SER A 24 22.55 -13.34 -8.21
CA SER A 24 23.23 -14.60 -8.33
C SER A 24 23.05 -15.40 -7.04
N THR A 25 22.58 -14.70 -6.04
CA THR A 25 22.26 -15.27 -4.78
C THR A 25 20.83 -15.83 -4.84
N PRO A 26 20.49 -16.82 -4.00
CA PRO A 26 19.15 -17.43 -3.96
C PRO A 26 18.11 -16.50 -3.31
N GLN A 27 17.93 -15.34 -3.88
CA GLN A 27 17.03 -14.37 -3.43
C GLN A 27 15.97 -14.12 -4.48
N GLN A 28 15.45 -15.23 -5.02
CA GLN A 28 14.42 -15.23 -6.05
C GLN A 28 13.17 -14.45 -5.65
N PRO A 29 12.87 -13.34 -6.34
CA PRO A 29 11.64 -12.61 -6.12
C PRO A 29 10.51 -13.31 -6.87
N GLN A 30 9.78 -14.14 -6.17
CA GLN A 30 8.73 -14.90 -6.77
C GLN A 30 7.42 -14.17 -6.62
N GLN A 31 7.11 -13.83 -5.40
CA GLN A 31 5.94 -13.13 -5.06
C GLN A 31 6.33 -11.74 -4.60
N ASN A 32 5.37 -10.89 -4.48
CA ASN A 32 5.64 -9.53 -4.09
C ASN A 32 5.79 -9.41 -2.60
N PRO A 33 6.70 -8.54 -2.17
CA PRO A 33 6.86 -8.13 -0.75
C PRO A 33 5.49 -7.76 -0.18
N SER A 34 5.20 -8.27 0.97
CA SER A 34 3.93 -8.06 1.59
C SER A 34 4.11 -7.82 3.06
N VAL A 35 3.15 -7.19 3.67
CA VAL A 35 3.15 -6.95 5.08
C VAL A 35 1.76 -6.87 5.55
N SER A 36 1.52 -7.26 6.73
CA SER A 36 0.28 -7.12 7.32
C SER A 36 0.37 -5.85 8.18
N HIS A 37 -0.14 -4.77 7.63
CA HIS A 37 0.07 -3.48 8.14
C HIS A 37 -1.16 -2.96 8.84
N ILE A 38 -0.92 -2.22 9.87
CA ILE A 38 -1.95 -1.61 10.75
C ILE A 38 -2.38 -0.28 10.03
N PHE A 39 -3.59 -0.23 9.61
CA PHE A 39 -4.16 0.92 9.00
C PHE A 39 -5.27 1.44 9.87
N ASP A 40 -5.49 2.72 9.78
CA ASP A 40 -6.55 3.38 10.48
C ASP A 40 -7.02 4.53 9.59
N GLY A 41 -7.79 5.40 10.17
CA GLY A 41 -8.34 6.51 9.44
C GLY A 41 -8.09 7.78 10.18
N GLU A 42 -7.10 7.73 11.05
CA GLU A 42 -6.77 8.82 11.90
C GLU A 42 -5.44 9.44 11.46
N THR A 43 -4.64 8.63 10.81
CA THR A 43 -3.42 9.02 10.22
C THR A 43 -3.59 9.07 8.70
N ALA A 44 -3.02 10.12 8.06
CA ALA A 44 -3.05 10.23 6.60
C ALA A 44 -2.47 9.01 5.93
N VAL A 45 -3.04 8.68 4.81
CA VAL A 45 -2.64 7.57 3.97
C VAL A 45 -1.15 7.56 3.76
N LYS A 46 -0.65 8.70 3.33
CA LYS A 46 0.76 8.89 2.98
C LYS A 46 1.67 8.53 4.13
N ASP A 47 1.24 8.81 5.31
CA ASP A 47 2.01 8.50 6.46
C ASP A 47 2.01 7.03 6.75
N HIS A 48 0.88 6.38 6.47
CA HIS A 48 0.81 4.92 6.53
C HIS A 48 1.78 4.36 5.45
N ILE A 49 1.82 5.07 4.35
CA ILE A 49 2.67 4.78 3.21
C ILE A 49 4.15 4.96 3.54
N LYS A 50 4.52 6.03 4.26
CA LYS A 50 5.91 6.19 4.71
C LYS A 50 6.35 4.96 5.52
N VAL A 51 5.44 4.44 6.34
CA VAL A 51 5.70 3.28 7.15
C VAL A 51 5.89 2.08 6.27
N LEU A 52 4.92 1.82 5.40
CA LEU A 52 4.99 0.75 4.46
C LEU A 52 6.27 0.80 3.66
N LEU A 53 6.57 1.96 3.09
CA LEU A 53 7.76 2.13 2.32
C LEU A 53 8.97 1.79 3.15
N THR A 54 9.04 2.33 4.34
CA THR A 54 10.10 2.05 5.23
C THR A 54 10.22 0.56 5.59
N HIS A 55 9.10 -0.09 5.76
CA HIS A 55 9.07 -1.50 6.06
C HIS A 55 9.42 -2.36 4.82
N PHE A 56 9.07 -1.88 3.63
CA PHE A 56 9.44 -2.51 2.37
C PHE A 56 10.85 -2.15 1.96
N LYS A 57 11.42 -1.21 2.70
CA LYS A 57 12.78 -0.70 2.54
C LYS A 57 12.90 0.23 1.33
N ILE A 58 11.86 1.00 1.12
CA ILE A 58 11.78 1.98 0.11
C ILE A 58 11.82 3.33 0.80
N PRO A 59 12.65 4.26 0.33
CA PRO A 59 12.67 5.63 0.86
C PRO A 59 11.30 6.26 0.84
N VAL A 60 10.98 6.92 1.93
CA VAL A 60 9.73 7.58 2.11
C VAL A 60 9.52 8.70 1.15
N ASP A 61 10.55 9.08 0.41
CA ASP A 61 10.41 10.17 -0.54
C ASP A 61 9.52 9.75 -1.70
N LYS A 62 9.31 8.45 -1.86
CA LYS A 62 8.46 7.95 -2.90
C LYS A 62 6.99 7.95 -2.50
N VAL A 63 6.71 8.31 -1.24
CA VAL A 63 5.35 8.43 -0.64
C VAL A 63 4.43 9.27 -1.55
N SER A 64 5.07 10.19 -2.25
CA SER A 64 4.49 11.02 -3.27
C SER A 64 3.82 10.17 -4.36
N SER A 65 4.59 9.21 -4.85
CA SER A 65 4.24 8.41 -5.95
C SER A 65 3.70 7.05 -5.53
N TYR A 66 3.36 6.90 -4.29
CA TYR A 66 2.81 5.67 -3.83
C TYR A 66 1.40 5.83 -3.39
N ALA A 67 0.62 4.82 -3.68
CA ALA A 67 -0.76 4.82 -3.37
C ALA A 67 -1.24 3.41 -3.22
N LEU A 68 -2.17 3.24 -2.35
CA LEU A 68 -2.83 1.99 -2.13
C LEU A 68 -3.83 1.79 -3.23
N GLN A 69 -3.92 0.61 -3.75
CA GLN A 69 -4.88 0.30 -4.78
C GLN A 69 -5.77 -0.83 -4.30
N ASN A 70 -7.02 -0.79 -4.68
CA ASN A 70 -7.94 -1.86 -4.41
C ASN A 70 -7.65 -3.00 -5.39
N PRO A 71 -7.51 -4.23 -4.90
CA PRO A 71 -7.16 -5.37 -5.76
C PRO A 71 -8.24 -5.78 -6.76
N PHE A 72 -9.46 -5.37 -6.56
CA PHE A 72 -10.51 -5.82 -7.43
C PHE A 72 -11.07 -4.76 -8.31
N THR A 73 -11.22 -3.59 -7.78
CA THR A 73 -11.77 -2.50 -8.53
C THR A 73 -10.66 -1.72 -9.23
N LEU A 74 -9.44 -1.94 -8.76
CA LEU A 74 -8.23 -1.33 -9.28
C LEU A 74 -8.19 0.16 -9.00
N ALA A 75 -9.02 0.59 -8.08
CA ALA A 75 -9.08 1.98 -7.72
C ALA A 75 -7.96 2.35 -6.79
N TYR A 76 -7.37 3.47 -7.02
CA TYR A 76 -6.32 3.97 -6.18
C TYR A 76 -6.88 4.82 -5.08
N VAL A 77 -6.14 4.94 -4.03
CA VAL A 77 -6.57 5.71 -2.90
C VAL A 77 -5.86 7.06 -2.83
N GLU A 78 -6.32 7.95 -3.66
CA GLU A 78 -5.94 9.38 -3.69
C GLU A 78 -6.43 10.16 -2.51
N ASP A 79 -7.08 9.47 -1.62
CA ASP A 79 -7.58 10.02 -0.44
C ASP A 79 -6.44 10.39 0.46
N SER A 80 -6.71 11.32 1.29
CA SER A 80 -5.78 11.78 2.24
C SER A 80 -5.78 10.87 3.44
N PHE A 81 -6.94 10.41 3.77
CA PHE A 81 -7.15 9.55 4.86
C PHE A 81 -7.98 8.38 4.41
N LEU A 82 -7.81 7.31 5.08
CA LEU A 82 -8.56 6.11 4.87
C LEU A 82 -9.83 6.18 5.62
N THR A 83 -10.83 5.59 5.08
CA THR A 83 -12.08 5.55 5.71
C THR A 83 -12.20 4.19 6.37
N PRO A 84 -13.08 4.06 7.39
CA PRO A 84 -13.34 2.75 8.01
C PRO A 84 -13.84 1.78 6.95
N GLU A 85 -14.60 2.31 5.99
CA GLU A 85 -15.06 1.55 4.86
C GLU A 85 -13.91 1.00 4.04
N ARG A 86 -12.92 1.85 3.77
CA ARG A 86 -11.75 1.41 3.04
C ARG A 86 -11.01 0.34 3.74
N LEU A 87 -10.91 0.47 5.02
CA LEU A 87 -10.26 -0.52 5.84
C LEU A 87 -11.03 -1.83 5.77
N VAL A 88 -12.32 -1.74 5.97
CA VAL A 88 -13.20 -2.86 5.93
C VAL A 88 -13.27 -3.57 4.60
N GLU A 89 -13.38 -2.81 3.55
CA GLU A 89 -13.30 -3.34 2.21
C GLU A 89 -11.92 -3.95 1.93
N ALA A 90 -10.91 -3.42 2.59
CA ALA A 90 -9.55 -3.95 2.44
C ALA A 90 -9.30 -5.22 3.25
N GLU A 91 -9.77 -5.30 4.54
CA GLU A 91 -9.61 -6.52 5.35
C GLU A 91 -10.13 -7.76 4.64
N LYS A 92 -11.03 -7.55 3.71
CA LYS A 92 -11.58 -8.59 2.87
C LYS A 92 -10.45 -9.38 2.21
N SER A 93 -9.46 -8.68 1.72
CA SER A 93 -8.39 -9.29 1.00
C SER A 93 -7.01 -8.69 1.32
N TYR A 94 -6.69 -7.57 0.71
CA TYR A 94 -5.40 -6.89 0.86
C TYR A 94 -5.51 -5.47 0.26
N PHE A 95 -4.41 -4.75 0.32
CA PHE A 95 -4.21 -3.47 -0.38
C PHE A 95 -3.02 -3.64 -1.30
N ILE A 96 -2.99 -2.96 -2.41
CA ILE A 96 -1.82 -3.03 -3.28
C ILE A 96 -1.13 -1.67 -3.34
N LEU A 97 -0.07 -1.53 -2.58
CA LEU A 97 0.71 -0.31 -2.53
C LEU A 97 1.61 -0.25 -3.74
N ARG A 98 1.23 0.60 -4.66
CA ARG A 98 1.89 0.68 -5.93
C ARG A 98 2.36 2.05 -6.18
N MET A 99 3.21 2.17 -7.16
CA MET A 99 3.59 3.44 -7.62
C MET A 99 2.50 3.93 -8.55
N LYS A 100 2.11 5.14 -8.34
CA LYS A 100 1.13 5.82 -9.12
C LYS A 100 1.60 5.95 -10.56
N PRO A 101 0.66 5.92 -11.54
CA PRO A 101 0.96 6.14 -12.96
C PRO A 101 1.85 7.35 -13.16
N HIS A 102 3.02 7.11 -13.67
CA HIS A 102 4.03 8.09 -13.84
C HIS A 102 3.93 8.67 -15.24
N ALA A 103 4.29 9.90 -15.39
CA ALA A 103 4.30 10.55 -16.68
C ALA A 103 5.63 10.29 -17.36
N ILE A 104 5.99 11.13 -18.30
CA ILE A 104 7.26 11.09 -18.92
C ILE A 104 8.32 11.31 -17.85
N ALA A 105 9.32 10.47 -17.81
CA ALA A 105 10.36 10.58 -16.84
C ALA A 105 11.18 11.85 -17.05
N ASP A 106 11.39 12.58 -15.98
CA ASP A 106 12.16 13.83 -15.98
C ASP A 106 13.63 13.55 -15.80
N ARG A 107 13.97 12.34 -16.01
CA ARG A 107 15.31 11.86 -15.94
C ARG A 107 15.79 11.69 -17.35
N GLY A 1 -20.73 9.81 17.06
CA GLY A 1 -21.35 8.64 17.69
C GLY A 1 -20.59 7.40 17.34
N ALA A 2 -21.22 6.24 17.56
CA ALA A 2 -20.65 4.93 17.28
C ALA A 2 -19.42 4.67 18.15
N HIS A 3 -18.72 3.60 17.87
CA HIS A 3 -17.52 3.29 18.59
C HIS A 3 -16.33 3.37 17.68
N MET A 4 -15.25 3.88 18.20
CA MET A 4 -14.01 3.94 17.45
C MET A 4 -13.13 2.85 17.96
N GLY A 5 -12.22 2.43 17.15
CA GLY A 5 -11.33 1.39 17.53
C GLY A 5 -11.40 0.26 16.55
N GLY A 6 -11.02 0.55 15.34
CA GLY A 6 -11.11 -0.43 14.31
C GLY A 6 -9.96 -0.37 13.37
N SER A 7 -8.76 -0.42 13.90
CA SER A 7 -7.59 -0.46 13.08
C SER A 7 -7.41 -1.88 12.54
N MET A 8 -7.01 -1.98 11.31
CA MET A 8 -6.96 -3.26 10.65
C MET A 8 -5.57 -3.62 10.29
N LYS A 9 -5.23 -4.87 10.48
CA LYS A 9 -3.93 -5.35 10.08
C LYS A 9 -4.11 -6.06 8.74
N ILE A 10 -3.93 -5.30 7.71
CA ILE A 10 -4.23 -5.67 6.36
C ILE A 10 -2.96 -6.03 5.61
N ARG A 11 -3.00 -7.09 4.84
CA ARG A 11 -1.92 -7.43 3.96
C ARG A 11 -1.85 -6.45 2.84
N VAL A 12 -0.70 -5.96 2.63
CA VAL A 12 -0.47 -5.04 1.62
C VAL A 12 0.48 -5.65 0.65
N GLU A 13 0.13 -5.76 -0.63
CA GLU A 13 1.17 -6.10 -1.55
C GLU A 13 1.88 -4.84 -1.87
N LEU A 14 3.11 -4.93 -2.15
CA LEU A 14 3.88 -3.80 -2.56
C LEU A 14 4.59 -4.06 -3.86
N ILE A 15 4.34 -3.24 -4.84
CA ILE A 15 5.13 -3.31 -6.06
C ILE A 15 6.22 -2.25 -6.01
N ASN A 16 7.43 -2.67 -5.85
CA ASN A 16 8.54 -1.77 -5.97
C ASN A 16 9.51 -2.30 -6.96
N GLY A 17 9.06 -3.29 -7.67
CA GLY A 17 9.88 -3.99 -8.59
C GLY A 17 9.63 -3.59 -10.01
N ASN A 18 9.91 -2.34 -10.32
CA ASN A 18 9.78 -1.86 -11.67
C ASN A 18 11.02 -2.32 -12.37
N GLU A 19 12.07 -2.28 -11.62
CA GLU A 19 13.30 -2.84 -11.95
C GLU A 19 13.43 -4.08 -11.10
N HIS A 20 13.13 -5.19 -11.71
CA HIS A 20 13.07 -6.48 -11.05
C HIS A 20 14.43 -6.92 -10.54
N ARG A 21 14.58 -6.89 -9.24
CA ARG A 21 15.84 -7.20 -8.60
C ARG A 21 15.73 -8.44 -7.76
N THR A 22 16.79 -9.25 -7.76
CA THR A 22 16.87 -10.52 -7.02
C THR A 22 15.71 -11.47 -7.39
N SER A 23 15.50 -12.50 -6.61
CA SER A 23 14.39 -13.39 -6.83
C SER A 23 13.06 -12.66 -6.64
N SER A 24 12.43 -12.36 -7.75
CA SER A 24 11.25 -11.58 -7.79
C SER A 24 10.42 -12.03 -8.95
N THR A 25 9.35 -12.65 -8.62
CA THR A 25 8.35 -13.07 -9.54
C THR A 25 7.62 -11.82 -10.16
N PRO A 26 6.77 -12.03 -11.21
CA PRO A 26 6.06 -10.94 -11.86
C PRO A 26 5.00 -10.32 -10.94
N GLN A 27 4.33 -9.32 -11.46
CA GLN A 27 3.37 -8.49 -10.76
C GLN A 27 1.98 -9.12 -10.67
N GLN A 28 1.98 -10.42 -10.61
CA GLN A 28 0.80 -11.22 -10.35
C GLN A 28 0.42 -11.00 -8.86
N PRO A 29 -0.74 -11.46 -8.37
CA PRO A 29 -1.12 -11.22 -7.01
C PRO A 29 -0.48 -12.22 -6.10
N GLN A 30 -0.38 -11.83 -4.84
CA GLN A 30 0.16 -12.61 -3.78
C GLN A 30 1.64 -12.99 -4.04
N GLN A 31 2.32 -12.14 -4.79
CA GLN A 31 3.68 -12.40 -5.22
C GLN A 31 4.69 -11.55 -4.56
N ASN A 32 4.38 -10.40 -4.68
CA ASN A 32 5.13 -9.26 -4.29
C ASN A 32 5.34 -9.20 -2.78
N PRO A 33 6.41 -8.50 -2.33
CA PRO A 33 6.66 -8.19 -0.91
C PRO A 33 5.37 -7.71 -0.23
N SER A 34 5.08 -8.20 0.93
CA SER A 34 3.84 -7.87 1.57
C SER A 34 3.97 -7.79 3.07
N VAL A 35 3.07 -7.08 3.67
CA VAL A 35 3.07 -6.87 5.09
C VAL A 35 1.68 -6.75 5.55
N SER A 36 1.43 -7.18 6.74
CA SER A 36 0.18 -6.98 7.30
C SER A 36 0.32 -5.73 8.18
N HIS A 37 -0.19 -4.66 7.69
CA HIS A 37 0.03 -3.37 8.23
C HIS A 37 -1.22 -2.88 8.92
N ILE A 38 -1.02 -2.12 9.96
CA ILE A 38 -2.09 -1.55 10.81
C ILE A 38 -2.57 -0.25 10.10
N PHE A 39 -3.74 -0.28 9.62
CA PHE A 39 -4.34 0.84 8.99
C PHE A 39 -5.46 1.34 9.85
N ASP A 40 -5.65 2.61 9.85
CA ASP A 40 -6.68 3.28 10.59
C ASP A 40 -7.15 4.47 9.76
N GLY A 41 -7.92 5.33 10.36
CA GLY A 41 -8.47 6.45 9.66
C GLY A 41 -8.17 7.75 10.36
N GLU A 42 -7.16 7.73 11.21
CA GLU A 42 -6.75 8.84 11.98
C GLU A 42 -5.42 9.35 11.51
N THR A 43 -4.65 8.46 10.94
CA THR A 43 -3.41 8.75 10.38
C THR A 43 -3.58 8.86 8.86
N ALA A 44 -2.99 9.88 8.28
CA ALA A 44 -2.97 10.09 6.86
C ALA A 44 -2.46 8.86 6.13
N VAL A 45 -3.00 8.65 4.96
CA VAL A 45 -2.64 7.57 4.07
C VAL A 45 -1.15 7.59 3.84
N LYS A 46 -0.67 8.75 3.42
CA LYS A 46 0.73 8.95 3.08
C LYS A 46 1.66 8.61 4.25
N ASP A 47 1.18 8.81 5.45
CA ASP A 47 1.95 8.48 6.61
C ASP A 47 1.96 6.99 6.83
N HIS A 48 0.84 6.34 6.56
CA HIS A 48 0.76 4.89 6.57
C HIS A 48 1.72 4.35 5.48
N ILE A 49 1.76 5.07 4.39
CA ILE A 49 2.60 4.78 3.27
C ILE A 49 4.07 4.98 3.58
N LYS A 50 4.44 6.06 4.28
CA LYS A 50 5.83 6.24 4.71
C LYS A 50 6.30 5.07 5.57
N VAL A 51 5.38 4.51 6.36
CA VAL A 51 5.65 3.34 7.16
C VAL A 51 5.87 2.14 6.26
N LEU A 52 4.90 1.88 5.39
CA LEU A 52 5.00 0.78 4.44
C LEU A 52 6.28 0.86 3.64
N LEU A 53 6.56 2.03 3.08
CA LEU A 53 7.75 2.25 2.32
C LEU A 53 8.97 1.91 3.14
N THR A 54 9.02 2.42 4.35
CA THR A 54 10.08 2.14 5.23
C THR A 54 10.25 0.66 5.57
N HIS A 55 9.15 -0.04 5.73
CA HIS A 55 9.15 -1.45 5.98
C HIS A 55 9.55 -2.26 4.73
N PHE A 56 9.22 -1.72 3.57
CA PHE A 56 9.60 -2.33 2.30
C PHE A 56 10.97 -1.85 1.83
N LYS A 57 11.56 -1.01 2.65
CA LYS A 57 12.90 -0.45 2.46
C LYS A 57 12.98 0.50 1.26
N ILE A 58 11.90 1.21 1.05
CA ILE A 58 11.76 2.19 0.05
C ILE A 58 11.84 3.56 0.72
N PRO A 59 12.57 4.52 0.15
CA PRO A 59 12.59 5.88 0.66
C PRO A 59 11.22 6.47 0.67
N VAL A 60 10.89 7.07 1.78
CA VAL A 60 9.61 7.67 1.99
C VAL A 60 9.34 8.80 1.03
N ASP A 61 10.35 9.24 0.27
CA ASP A 61 10.15 10.33 -0.69
C ASP A 61 9.24 9.87 -1.82
N LYS A 62 9.11 8.55 -1.99
CA LYS A 62 8.28 8.01 -3.04
C LYS A 62 6.82 7.97 -2.63
N VAL A 63 6.53 8.32 -1.38
CA VAL A 63 5.15 8.42 -0.79
C VAL A 63 4.22 9.24 -1.72
N SER A 64 4.84 10.13 -2.43
CA SER A 64 4.24 10.93 -3.46
C SER A 64 3.61 10.03 -4.53
N SER A 65 4.38 9.08 -4.97
CA SER A 65 4.05 8.22 -6.04
C SER A 65 3.53 6.88 -5.56
N TYR A 66 3.23 6.77 -4.31
CA TYR A 66 2.72 5.54 -3.80
C TYR A 66 1.33 5.69 -3.32
N ALA A 67 0.55 4.70 -3.59
CA ALA A 67 -0.81 4.71 -3.21
C ALA A 67 -1.30 3.29 -3.12
N LEU A 68 -2.27 3.12 -2.28
CA LEU A 68 -2.90 1.86 -2.04
C LEU A 68 -3.94 1.61 -3.11
N GLN A 69 -3.89 0.49 -3.75
CA GLN A 69 -4.84 0.18 -4.79
C GLN A 69 -5.75 -0.94 -4.31
N ASN A 70 -7.00 -0.89 -4.69
CA ASN A 70 -7.95 -1.94 -4.43
C ASN A 70 -7.62 -3.10 -5.36
N PRO A 71 -7.42 -4.29 -4.80
CA PRO A 71 -7.06 -5.48 -5.58
C PRO A 71 -8.11 -5.91 -6.63
N PHE A 72 -9.35 -5.46 -6.49
CA PHE A 72 -10.35 -5.91 -7.43
C PHE A 72 -10.73 -4.85 -8.43
N THR A 73 -10.94 -3.67 -7.94
CA THR A 73 -11.45 -2.60 -8.77
C THR A 73 -10.31 -1.82 -9.39
N LEU A 74 -9.12 -2.03 -8.85
CA LEU A 74 -7.88 -1.38 -9.27
C LEU A 74 -7.93 0.12 -9.01
N ALA A 75 -8.85 0.52 -8.13
CA ALA A 75 -8.98 1.89 -7.76
C ALA A 75 -7.90 2.25 -6.79
N TYR A 76 -7.32 3.37 -6.98
CA TYR A 76 -6.29 3.83 -6.13
C TYR A 76 -6.85 4.69 -5.04
N VAL A 77 -6.24 4.65 -3.91
CA VAL A 77 -6.59 5.47 -2.81
C VAL A 77 -5.73 6.70 -2.89
N GLU A 78 -6.34 7.77 -3.29
CA GLU A 78 -5.69 9.03 -3.52
C GLU A 78 -6.04 10.00 -2.42
N ASP A 79 -6.61 9.45 -1.36
CA ASP A 79 -6.99 10.19 -0.21
C ASP A 79 -5.84 10.62 0.58
N SER A 80 -6.14 11.54 1.41
CA SER A 80 -5.26 12.02 2.36
C SER A 80 -5.37 11.17 3.61
N PHE A 81 -6.59 10.79 3.93
CA PHE A 81 -6.88 9.98 5.07
C PHE A 81 -7.82 8.84 4.67
N LEU A 82 -7.69 7.73 5.35
CA LEU A 82 -8.46 6.52 5.10
C LEU A 82 -9.77 6.53 5.83
N THR A 83 -10.72 5.84 5.28
CA THR A 83 -11.98 5.68 5.89
C THR A 83 -12.05 4.27 6.50
N PRO A 84 -12.90 4.03 7.53
CA PRO A 84 -13.10 2.68 8.08
C PRO A 84 -13.64 1.77 7.01
N GLU A 85 -14.40 2.34 6.09
CA GLU A 85 -14.91 1.63 4.94
C GLU A 85 -13.79 1.11 4.07
N ARG A 86 -12.78 1.95 3.80
CA ARG A 86 -11.62 1.54 3.02
C ARG A 86 -10.90 0.40 3.67
N LEU A 87 -10.83 0.46 4.97
CA LEU A 87 -10.18 -0.55 5.75
C LEU A 87 -10.95 -1.84 5.69
N VAL A 88 -12.22 -1.75 5.88
CA VAL A 88 -13.11 -2.86 5.80
C VAL A 88 -13.17 -3.48 4.44
N GLU A 89 -13.31 -2.68 3.43
CA GLU A 89 -13.27 -3.20 2.10
C GLU A 89 -11.91 -3.83 1.76
N ALA A 90 -10.88 -3.31 2.37
CA ALA A 90 -9.53 -3.88 2.20
C ALA A 90 -9.35 -5.16 3.03
N GLU A 91 -9.96 -5.22 4.22
CA GLU A 91 -9.92 -6.42 5.06
C GLU A 91 -10.48 -7.64 4.38
N LYS A 92 -11.31 -7.39 3.41
CA LYS A 92 -11.85 -8.41 2.52
C LYS A 92 -10.73 -9.23 1.86
N SER A 93 -9.64 -8.57 1.49
CA SER A 93 -8.53 -9.23 0.85
C SER A 93 -7.14 -8.68 1.23
N TYR A 94 -6.77 -7.58 0.62
CA TYR A 94 -5.48 -6.90 0.82
C TYR A 94 -5.57 -5.47 0.24
N PHE A 95 -4.46 -4.77 0.29
CA PHE A 95 -4.24 -3.50 -0.40
C PHE A 95 -3.07 -3.71 -1.30
N ILE A 96 -3.01 -3.01 -2.40
CA ILE A 96 -1.83 -3.12 -3.24
C ILE A 96 -1.12 -1.77 -3.31
N LEU A 97 -0.06 -1.64 -2.58
CA LEU A 97 0.74 -0.43 -2.52
C LEU A 97 1.59 -0.40 -3.77
N ARG A 98 1.23 0.47 -4.66
CA ARG A 98 1.83 0.53 -5.95
C ARG A 98 2.31 1.90 -6.21
N MET A 99 3.23 2.01 -7.13
CA MET A 99 3.59 3.28 -7.61
C MET A 99 2.52 3.70 -8.57
N LYS A 100 2.00 4.87 -8.35
CA LYS A 100 0.96 5.44 -9.15
C LYS A 100 1.46 5.54 -10.59
N PRO A 101 0.57 5.30 -11.58
CA PRO A 101 0.91 5.26 -13.00
C PRO A 101 1.91 6.32 -13.46
N HIS A 102 3.10 5.86 -13.71
CA HIS A 102 4.19 6.64 -14.22
C HIS A 102 4.84 5.91 -15.35
N ALA A 103 5.46 6.65 -16.21
CA ALA A 103 6.19 6.17 -17.35
C ALA A 103 6.89 7.38 -17.91
N ILE A 104 7.69 7.21 -18.94
CA ILE A 104 8.30 8.33 -19.56
C ILE A 104 7.25 9.10 -20.37
N ALA A 105 6.74 10.14 -19.76
CA ALA A 105 5.72 10.99 -20.31
C ALA A 105 5.73 12.28 -19.51
N ASP A 106 6.39 13.28 -20.03
CA ASP A 106 6.58 14.52 -19.30
C ASP A 106 5.48 15.49 -19.53
N ARG A 107 4.35 15.15 -19.02
CA ARG A 107 3.23 15.99 -19.04
C ARG A 107 3.02 16.56 -17.65
N GLY A 1 -15.57 11.32 15.14
CA GLY A 1 -16.12 11.57 13.80
C GLY A 1 -17.45 10.91 13.66
N ALA A 2 -18.09 11.11 12.52
CA ALA A 2 -19.39 10.51 12.27
C ALA A 2 -19.23 9.05 11.88
N HIS A 3 -18.01 8.70 11.50
CA HIS A 3 -17.69 7.34 11.11
C HIS A 3 -16.87 6.70 12.22
N MET A 4 -16.43 5.49 11.99
CA MET A 4 -15.72 4.73 13.00
C MET A 4 -14.24 4.70 12.67
N GLY A 5 -13.47 4.12 13.55
CA GLY A 5 -12.10 3.89 13.29
C GLY A 5 -11.92 2.45 12.94
N GLY A 6 -11.54 1.67 13.92
CA GLY A 6 -11.39 0.26 13.75
C GLY A 6 -10.21 -0.04 12.92
N SER A 7 -9.05 0.08 13.52
CA SER A 7 -7.83 -0.12 12.80
C SER A 7 -7.66 -1.61 12.41
N MET A 8 -7.14 -1.83 11.21
CA MET A 8 -7.07 -3.12 10.61
C MET A 8 -5.69 -3.50 10.23
N LYS A 9 -5.33 -4.73 10.42
CA LYS A 9 -4.07 -5.23 9.99
C LYS A 9 -4.25 -5.97 8.67
N ILE A 10 -4.00 -5.25 7.63
CA ILE A 10 -4.26 -5.65 6.29
C ILE A 10 -2.99 -6.03 5.57
N ARG A 11 -3.03 -7.10 4.76
CA ARG A 11 -1.95 -7.41 3.86
C ARG A 11 -1.82 -6.36 2.83
N VAL A 12 -0.68 -5.90 2.62
CA VAL A 12 -0.44 -4.97 1.63
C VAL A 12 0.49 -5.60 0.65
N GLU A 13 0.16 -5.62 -0.63
CA GLU A 13 1.19 -5.97 -1.54
C GLU A 13 1.91 -4.71 -1.87
N LEU A 14 3.15 -4.83 -2.16
CA LEU A 14 3.93 -3.72 -2.56
C LEU A 14 4.52 -3.97 -3.91
N ILE A 15 4.39 -3.02 -4.79
CA ILE A 15 5.08 -3.09 -6.05
C ILE A 15 6.31 -2.18 -6.00
N ASN A 16 7.45 -2.78 -6.01
CA ASN A 16 8.72 -2.07 -6.19
C ASN A 16 9.63 -3.04 -6.90
N GLY A 17 8.99 -3.98 -7.54
CA GLY A 17 9.67 -5.06 -8.15
C GLY A 17 9.70 -6.26 -7.23
N ASN A 18 10.50 -7.21 -7.56
CA ASN A 18 10.67 -8.42 -6.79
C ASN A 18 12.12 -8.53 -6.48
N GLU A 19 12.62 -7.42 -5.99
CA GLU A 19 13.99 -7.19 -5.68
C GLU A 19 14.54 -8.16 -4.67
N HIS A 20 15.77 -8.50 -4.86
CA HIS A 20 16.48 -9.37 -3.98
C HIS A 20 17.61 -8.61 -3.35
N ARG A 21 17.56 -8.51 -2.07
CA ARG A 21 18.59 -7.87 -1.27
C ARG A 21 19.30 -8.96 -0.51
N THR A 22 20.04 -8.61 0.51
CA THR A 22 20.74 -9.60 1.32
C THR A 22 19.77 -10.60 1.99
N SER A 23 19.70 -11.79 1.42
CA SER A 23 18.82 -12.82 1.89
C SER A 23 19.46 -14.18 1.54
N SER A 24 20.02 -14.82 2.55
CA SER A 24 20.64 -16.12 2.41
C SER A 24 19.58 -17.21 2.58
N THR A 25 18.39 -16.78 2.92
CA THR A 25 17.24 -17.65 3.07
C THR A 25 16.57 -17.86 1.69
N PRO A 26 15.48 -18.68 1.61
CA PRO A 26 14.66 -18.85 0.41
C PRO A 26 14.42 -17.54 -0.36
N GLN A 27 14.10 -17.72 -1.60
CA GLN A 27 13.95 -16.64 -2.57
C GLN A 27 12.66 -15.87 -2.42
N GLN A 28 12.07 -15.99 -1.25
CA GLN A 28 10.79 -15.40 -0.87
C GLN A 28 9.63 -15.98 -1.69
N PRO A 29 8.37 -15.81 -1.24
CA PRO A 29 7.23 -16.22 -2.04
C PRO A 29 7.26 -15.46 -3.35
N GLN A 30 7.01 -16.14 -4.44
CA GLN A 30 7.13 -15.53 -5.74
C GLN A 30 5.90 -14.73 -6.12
N GLN A 31 5.68 -13.77 -5.29
CA GLN A 31 4.66 -12.80 -5.37
C GLN A 31 5.30 -11.49 -5.01
N ASN A 32 4.52 -10.49 -4.80
CA ASN A 32 5.06 -9.24 -4.41
C ASN A 32 5.28 -9.22 -2.91
N PRO A 33 6.25 -8.44 -2.45
CA PRO A 33 6.50 -8.16 -1.01
C PRO A 33 5.17 -7.79 -0.31
N SER A 34 4.91 -8.38 0.83
CA SER A 34 3.65 -8.18 1.51
C SER A 34 3.89 -7.97 3.01
N VAL A 35 2.99 -7.24 3.63
CA VAL A 35 3.04 -6.98 5.05
C VAL A 35 1.66 -6.85 5.56
N SER A 36 1.48 -7.17 6.77
CA SER A 36 0.26 -6.96 7.40
C SER A 36 0.41 -5.69 8.23
N HIS A 37 -0.19 -4.65 7.76
CA HIS A 37 0.00 -3.36 8.29
C HIS A 37 -1.28 -2.86 8.94
N ILE A 38 -1.11 -2.21 10.04
CA ILE A 38 -2.18 -1.59 10.88
C ILE A 38 -2.59 -0.27 10.12
N PHE A 39 -3.75 -0.25 9.61
CA PHE A 39 -4.29 0.88 8.96
C PHE A 39 -5.43 1.40 9.76
N ASP A 40 -5.59 2.68 9.74
CA ASP A 40 -6.60 3.36 10.48
C ASP A 40 -7.01 4.60 9.69
N GLY A 41 -7.80 5.45 10.30
CA GLY A 41 -8.32 6.62 9.62
C GLY A 41 -7.97 7.88 10.37
N GLU A 42 -6.99 7.77 11.24
CA GLU A 42 -6.57 8.83 12.08
C GLU A 42 -5.20 9.33 11.62
N THR A 43 -4.44 8.43 11.05
CA THR A 43 -3.21 8.73 10.44
C THR A 43 -3.42 8.81 8.91
N ALA A 44 -2.90 9.87 8.30
CA ALA A 44 -2.95 10.08 6.87
C ALA A 44 -2.45 8.89 6.11
N VAL A 45 -2.97 8.73 4.94
CA VAL A 45 -2.61 7.68 4.02
C VAL A 45 -1.12 7.68 3.78
N LYS A 46 -0.61 8.83 3.40
CA LYS A 46 0.81 9.01 3.09
C LYS A 46 1.71 8.65 4.26
N ASP A 47 1.23 8.84 5.46
CA ASP A 47 1.99 8.47 6.63
C ASP A 47 2.00 6.97 6.77
N HIS A 48 0.88 6.33 6.46
CA HIS A 48 0.80 4.89 6.43
C HIS A 48 1.77 4.39 5.34
N ILE A 49 1.81 5.11 4.27
CA ILE A 49 2.66 4.82 3.14
C ILE A 49 4.13 5.03 3.47
N LYS A 50 4.50 6.11 4.19
CA LYS A 50 5.89 6.28 4.63
C LYS A 50 6.34 5.09 5.48
N VAL A 51 5.41 4.54 6.27
CA VAL A 51 5.67 3.38 7.08
C VAL A 51 5.87 2.16 6.21
N LEU A 52 4.91 1.89 5.35
CA LEU A 52 5.00 0.78 4.43
C LEU A 52 6.25 0.84 3.61
N LEU A 53 6.55 2.01 3.05
CA LEU A 53 7.75 2.20 2.30
C LEU A 53 8.95 1.87 3.15
N THR A 54 8.98 2.38 4.36
CA THR A 54 10.00 2.08 5.27
C THR A 54 10.14 0.59 5.59
N HIS A 55 9.04 -0.08 5.74
CA HIS A 55 9.03 -1.50 6.01
C HIS A 55 9.43 -2.33 4.77
N PHE A 56 9.08 -1.84 3.60
CA PHE A 56 9.48 -2.47 2.35
C PHE A 56 10.87 -2.02 1.93
N LYS A 57 11.38 -1.10 2.69
CA LYS A 57 12.72 -0.53 2.58
C LYS A 57 12.89 0.32 1.34
N ILE A 58 11.92 1.15 1.13
CA ILE A 58 11.87 2.13 0.13
C ILE A 58 11.95 3.49 0.83
N PRO A 59 12.74 4.42 0.32
CA PRO A 59 12.72 5.80 0.83
C PRO A 59 11.35 6.38 0.79
N VAL A 60 11.00 7.02 1.88
CA VAL A 60 9.71 7.63 2.05
C VAL A 60 9.45 8.73 1.07
N ASP A 61 10.46 9.17 0.35
CA ASP A 61 10.27 10.26 -0.59
C ASP A 61 9.41 9.82 -1.77
N LYS A 62 9.27 8.50 -1.95
CA LYS A 62 8.46 7.99 -3.02
C LYS A 62 6.99 7.93 -2.65
N VAL A 63 6.68 8.27 -1.39
CA VAL A 63 5.30 8.38 -0.82
C VAL A 63 4.39 9.19 -1.77
N SER A 64 5.03 10.12 -2.45
CA SER A 64 4.46 10.94 -3.47
C SER A 64 3.83 10.09 -4.58
N SER A 65 4.58 9.11 -5.02
CA SER A 65 4.24 8.28 -6.12
C SER A 65 3.67 6.94 -5.68
N TYR A 66 3.32 6.81 -4.43
CA TYR A 66 2.77 5.57 -3.96
C TYR A 66 1.34 5.73 -3.56
N ALA A 67 0.56 4.70 -3.83
CA ALA A 67 -0.83 4.71 -3.53
C ALA A 67 -1.32 3.32 -3.23
N LEU A 68 -2.28 3.25 -2.36
CA LEU A 68 -2.93 2.02 -2.03
C LEU A 68 -3.99 1.74 -3.06
N GLN A 69 -3.94 0.61 -3.65
CA GLN A 69 -4.91 0.21 -4.65
C GLN A 69 -5.76 -0.94 -4.13
N ASN A 70 -6.99 -0.98 -4.57
CA ASN A 70 -7.90 -2.08 -4.29
C ASN A 70 -7.55 -3.21 -5.25
N PRO A 71 -7.37 -4.44 -4.75
CA PRO A 71 -6.97 -5.58 -5.57
C PRO A 71 -7.99 -6.00 -6.65
N PHE A 72 -9.24 -5.63 -6.50
CA PHE A 72 -10.23 -6.10 -7.44
C PHE A 72 -10.61 -5.02 -8.42
N THR A 73 -10.83 -3.86 -7.92
CA THR A 73 -11.35 -2.77 -8.70
C THR A 73 -10.22 -1.98 -9.33
N LEU A 74 -9.04 -2.12 -8.74
CA LEU A 74 -7.83 -1.41 -9.12
C LEU A 74 -7.93 0.07 -8.84
N ALA A 75 -8.88 0.43 -8.00
CA ALA A 75 -9.06 1.81 -7.64
C ALA A 75 -8.03 2.19 -6.64
N TYR A 76 -7.50 3.35 -6.80
CA TYR A 76 -6.50 3.84 -5.91
C TYR A 76 -7.14 4.70 -4.87
N VAL A 77 -6.51 4.78 -3.77
CA VAL A 77 -6.92 5.62 -2.72
C VAL A 77 -6.23 6.97 -2.88
N GLU A 78 -7.01 7.98 -3.23
CA GLU A 78 -6.51 9.35 -3.41
C GLU A 78 -6.86 10.20 -2.21
N ASP A 79 -7.31 9.54 -1.18
CA ASP A 79 -7.67 10.16 0.05
C ASP A 79 -6.46 10.59 0.80
N SER A 80 -6.67 11.53 1.64
CA SER A 80 -5.71 12.00 2.54
C SER A 80 -5.64 11.10 3.75
N PHE A 81 -6.79 10.64 4.15
CA PHE A 81 -6.95 9.77 5.26
C PHE A 81 -7.82 8.62 4.84
N LEU A 82 -7.61 7.50 5.41
CA LEU A 82 -8.37 6.31 5.12
C LEU A 82 -9.69 6.36 5.85
N THR A 83 -10.64 5.66 5.32
CA THR A 83 -11.90 5.57 5.91
C THR A 83 -12.06 4.17 6.45
N PRO A 84 -12.89 3.98 7.48
CA PRO A 84 -13.21 2.65 7.98
C PRO A 84 -13.73 1.77 6.86
N GLU A 85 -14.51 2.36 5.96
CA GLU A 85 -15.02 1.66 4.80
C GLU A 85 -13.87 1.13 3.94
N ARG A 86 -12.84 1.96 3.70
CA ARG A 86 -11.67 1.56 2.91
C ARG A 86 -10.96 0.43 3.58
N LEU A 87 -10.88 0.50 4.88
CA LEU A 87 -10.24 -0.49 5.67
C LEU A 87 -11.00 -1.80 5.61
N VAL A 88 -12.29 -1.71 5.78
CA VAL A 88 -13.16 -2.82 5.71
C VAL A 88 -13.20 -3.49 4.36
N GLU A 89 -13.31 -2.72 3.31
CA GLU A 89 -13.23 -3.27 1.98
C GLU A 89 -11.86 -3.88 1.70
N ALA A 90 -10.85 -3.31 2.30
CA ALA A 90 -9.50 -3.86 2.19
C ALA A 90 -9.30 -5.14 3.06
N GLU A 91 -9.93 -5.18 4.25
CA GLU A 91 -9.86 -6.36 5.16
C GLU A 91 -10.36 -7.62 4.48
N LYS A 92 -11.19 -7.43 3.50
CA LYS A 92 -11.69 -8.47 2.64
C LYS A 92 -10.58 -9.24 1.96
N SER A 93 -9.50 -8.56 1.61
CA SER A 93 -8.37 -9.18 0.96
C SER A 93 -7.01 -8.56 1.34
N TYR A 94 -6.63 -7.51 0.64
CA TYR A 94 -5.36 -6.82 0.82
C TYR A 94 -5.48 -5.41 0.23
N PHE A 95 -4.39 -4.66 0.31
CA PHE A 95 -4.19 -3.38 -0.37
C PHE A 95 -3.02 -3.55 -1.28
N ILE A 96 -2.98 -2.87 -2.38
CA ILE A 96 -1.82 -2.97 -3.25
C ILE A 96 -1.11 -1.61 -3.34
N LEU A 97 -0.03 -1.48 -2.62
CA LEU A 97 0.78 -0.29 -2.60
C LEU A 97 1.66 -0.29 -3.85
N ARG A 98 1.29 0.50 -4.82
CA ARG A 98 1.97 0.49 -6.10
C ARG A 98 2.52 1.85 -6.35
N MET A 99 3.47 1.93 -7.25
CA MET A 99 3.88 3.19 -7.73
C MET A 99 2.86 3.62 -8.74
N LYS A 100 2.31 4.77 -8.53
CA LYS A 100 1.26 5.29 -9.34
C LYS A 100 1.66 5.44 -10.79
N PRO A 101 0.82 4.93 -11.70
CA PRO A 101 1.03 5.07 -13.14
C PRO A 101 1.04 6.52 -13.53
N HIS A 102 2.20 6.96 -13.90
CA HIS A 102 2.51 8.33 -14.24
C HIS A 102 2.33 9.25 -13.07
N ALA A 103 3.43 9.54 -12.52
CA ALA A 103 3.54 10.42 -11.43
C ALA A 103 4.09 11.72 -11.95
N ILE A 104 4.51 12.59 -11.08
CA ILE A 104 5.11 13.79 -11.46
C ILE A 104 6.50 13.48 -11.99
N ALA A 105 6.62 13.48 -13.29
CA ALA A 105 7.87 13.19 -13.95
C ALA A 105 8.23 14.35 -14.82
N ASP A 106 7.80 15.51 -14.37
CA ASP A 106 7.96 16.77 -15.10
C ASP A 106 9.28 17.43 -14.78
N ARG A 107 10.15 16.62 -14.25
CA ARG A 107 11.54 16.90 -13.94
C ARG A 107 11.76 18.19 -13.15
N GLY A 1 -13.78 -6.30 11.44
CA GLY A 1 -14.75 -5.21 11.59
C GLY A 1 -14.11 -3.98 12.14
N ALA A 2 -14.84 -2.89 12.20
CA ALA A 2 -14.33 -1.64 12.68
C ALA A 2 -15.11 -1.18 13.88
N HIS A 3 -14.50 -1.18 15.04
CA HIS A 3 -15.14 -0.70 16.25
C HIS A 3 -14.15 0.14 17.02
N MET A 4 -14.66 1.24 17.63
CA MET A 4 -13.84 2.19 18.43
C MET A 4 -12.77 2.86 17.56
N GLY A 5 -13.05 2.89 16.29
CA GLY A 5 -12.14 3.37 15.30
C GLY A 5 -11.96 2.29 14.28
N GLY A 6 -11.50 1.16 14.75
CA GLY A 6 -11.40 0.01 13.92
C GLY A 6 -10.23 0.03 13.01
N SER A 7 -9.04 -0.01 13.56
CA SER A 7 -7.88 -0.09 12.75
C SER A 7 -7.69 -1.55 12.32
N MET A 8 -7.08 -1.76 11.18
CA MET A 8 -7.00 -3.08 10.61
C MET A 8 -5.62 -3.44 10.26
N LYS A 9 -5.28 -4.66 10.47
CA LYS A 9 -4.00 -5.16 10.06
C LYS A 9 -4.20 -5.90 8.74
N ILE A 10 -3.93 -5.20 7.67
CA ILE A 10 -4.21 -5.62 6.33
C ILE A 10 -2.93 -5.96 5.60
N ARG A 11 -2.96 -7.04 4.82
CA ARG A 11 -1.88 -7.38 3.95
C ARG A 11 -1.80 -6.41 2.84
N VAL A 12 -0.65 -5.96 2.62
CA VAL A 12 -0.40 -5.05 1.59
C VAL A 12 0.55 -5.70 0.62
N GLU A 13 0.21 -5.80 -0.66
CA GLU A 13 1.24 -6.22 -1.56
C GLU A 13 2.01 -4.99 -1.95
N LEU A 14 3.27 -5.11 -2.10
CA LEU A 14 4.08 -3.97 -2.54
C LEU A 14 4.72 -4.21 -3.89
N ILE A 15 4.57 -3.26 -4.79
CA ILE A 15 5.38 -3.29 -6.00
C ILE A 15 6.28 -2.05 -5.98
N ASN A 16 7.56 -2.27 -6.07
CA ASN A 16 8.52 -1.17 -6.15
C ASN A 16 9.37 -1.27 -7.41
N GLY A 17 9.03 -2.25 -8.18
CA GLY A 17 9.72 -2.54 -9.42
C GLY A 17 11.12 -3.02 -9.17
N ASN A 18 11.32 -3.58 -7.99
CA ASN A 18 12.61 -4.00 -7.51
C ASN A 18 12.46 -5.30 -6.79
N GLU A 19 11.46 -6.05 -7.19
CA GLU A 19 11.11 -7.30 -6.58
C GLU A 19 12.11 -8.40 -6.94
N HIS A 20 13.33 -8.23 -6.49
CA HIS A 20 14.37 -9.20 -6.71
C HIS A 20 15.10 -9.48 -5.45
N ARG A 21 14.45 -9.16 -4.37
CA ARG A 21 14.93 -9.42 -3.04
C ARG A 21 13.88 -10.18 -2.29
N THR A 22 13.05 -10.84 -3.04
CA THR A 22 11.99 -11.63 -2.52
C THR A 22 12.52 -12.99 -2.06
N SER A 23 13.09 -13.00 -0.87
CA SER A 23 13.66 -14.22 -0.31
C SER A 23 12.99 -14.52 1.03
N SER A 24 11.87 -13.89 1.27
CA SER A 24 11.12 -14.10 2.49
C SER A 24 10.12 -15.23 2.28
N THR A 25 10.04 -15.67 1.06
CA THR A 25 9.10 -16.63 0.62
C THR A 25 9.54 -18.07 0.94
N PRO A 26 8.60 -19.04 0.91
CA PRO A 26 8.91 -20.47 1.02
C PRO A 26 9.48 -20.97 -0.30
N GLN A 27 9.35 -22.25 -0.58
CA GLN A 27 9.80 -22.80 -1.84
C GLN A 27 8.76 -22.58 -2.94
N GLN A 28 7.86 -21.74 -2.62
CA GLN A 28 6.80 -21.32 -3.47
C GLN A 28 7.28 -20.12 -4.25
N PRO A 29 6.62 -19.79 -5.41
CA PRO A 29 6.99 -18.64 -6.25
C PRO A 29 7.26 -17.38 -5.41
N GLN A 30 8.32 -16.69 -5.77
CA GLN A 30 8.76 -15.55 -5.04
C GLN A 30 7.98 -14.34 -5.44
N GLN A 31 6.74 -14.37 -5.01
CA GLN A 31 5.79 -13.35 -5.24
C GLN A 31 6.13 -12.06 -4.51
N ASN A 32 5.32 -11.04 -4.75
CA ASN A 32 5.56 -9.70 -4.27
C ASN A 32 5.68 -9.62 -2.77
N PRO A 33 6.55 -8.73 -2.30
CA PRO A 33 6.72 -8.39 -0.86
C PRO A 33 5.37 -7.96 -0.27
N SER A 34 5.07 -8.40 0.91
CA SER A 34 3.81 -8.07 1.52
C SER A 34 4.01 -7.89 3.02
N VAL A 35 3.09 -7.20 3.64
CA VAL A 35 3.13 -6.95 5.06
C VAL A 35 1.73 -6.79 5.56
N SER A 36 1.50 -7.14 6.77
CA SER A 36 0.26 -6.91 7.37
C SER A 36 0.43 -5.61 8.18
N HIS A 37 -0.15 -4.56 7.68
CA HIS A 37 0.04 -3.26 8.18
C HIS A 37 -1.22 -2.77 8.87
N ILE A 38 -1.02 -2.00 9.90
CA ILE A 38 -2.07 -1.43 10.77
C ILE A 38 -2.55 -0.14 10.02
N PHE A 39 -3.71 -0.17 9.52
CA PHE A 39 -4.30 0.93 8.86
C PHE A 39 -5.42 1.45 9.70
N ASP A 40 -5.59 2.72 9.68
CA ASP A 40 -6.58 3.42 10.43
C ASP A 40 -6.91 4.68 9.70
N GLY A 41 -7.95 5.29 10.13
CA GLY A 41 -8.37 6.53 9.53
C GLY A 41 -7.97 7.73 10.32
N GLU A 42 -7.03 7.55 11.19
CA GLU A 42 -6.62 8.58 12.07
C GLU A 42 -5.27 9.15 11.63
N THR A 43 -4.49 8.30 11.00
CA THR A 43 -3.26 8.63 10.43
C THR A 43 -3.47 8.85 8.93
N ALA A 44 -2.84 9.89 8.38
CA ALA A 44 -2.85 10.16 6.96
C ALA A 44 -2.37 8.96 6.19
N VAL A 45 -2.90 8.81 5.01
CA VAL A 45 -2.55 7.75 4.11
C VAL A 45 -1.06 7.73 3.88
N LYS A 46 -0.54 8.87 3.46
CA LYS A 46 0.87 9.02 3.12
C LYS A 46 1.78 8.66 4.28
N ASP A 47 1.31 8.87 5.47
CA ASP A 47 2.07 8.51 6.64
C ASP A 47 2.06 7.03 6.85
N HIS A 48 0.93 6.40 6.55
CA HIS A 48 0.85 4.93 6.55
C HIS A 48 1.81 4.40 5.47
N ILE A 49 1.85 5.12 4.38
CA ILE A 49 2.68 4.80 3.26
C ILE A 49 4.16 4.99 3.56
N LYS A 50 4.54 6.08 4.23
CA LYS A 50 5.94 6.24 4.63
C LYS A 50 6.39 5.08 5.53
N VAL A 51 5.46 4.53 6.30
CA VAL A 51 5.71 3.35 7.12
C VAL A 51 5.91 2.13 6.25
N LEU A 52 4.96 1.87 5.38
CA LEU A 52 5.05 0.77 4.44
C LEU A 52 6.32 0.84 3.66
N LEU A 53 6.62 2.00 3.11
CA LEU A 53 7.83 2.20 2.36
C LEU A 53 9.03 1.87 3.21
N THR A 54 9.07 2.40 4.41
CA THR A 54 10.12 2.13 5.32
C THR A 54 10.28 0.65 5.70
N HIS A 55 9.18 -0.04 5.87
CA HIS A 55 9.20 -1.45 6.16
C HIS A 55 9.61 -2.29 4.93
N PHE A 56 9.27 -1.82 3.75
CA PHE A 56 9.70 -2.45 2.51
C PHE A 56 11.11 -1.99 2.13
N LYS A 57 11.60 -1.03 2.88
CA LYS A 57 12.92 -0.41 2.75
C LYS A 57 13.04 0.47 1.50
N ILE A 58 11.98 1.17 1.24
CA ILE A 58 11.85 2.09 0.19
C ILE A 58 11.90 3.48 0.78
N PRO A 59 12.66 4.42 0.19
CA PRO A 59 12.68 5.82 0.64
C PRO A 59 11.29 6.41 0.66
N VAL A 60 10.99 7.03 1.76
CA VAL A 60 9.72 7.64 2.01
C VAL A 60 9.40 8.76 1.05
N ASP A 61 10.38 9.21 0.26
CA ASP A 61 10.14 10.27 -0.71
C ASP A 61 9.31 9.78 -1.87
N LYS A 62 9.19 8.46 -1.98
CA LYS A 62 8.44 7.85 -3.02
C LYS A 62 6.95 7.82 -2.69
N VAL A 63 6.62 8.17 -1.43
CA VAL A 63 5.24 8.28 -0.85
C VAL A 63 4.32 9.07 -1.80
N SER A 64 4.94 9.99 -2.49
CA SER A 64 4.36 10.81 -3.50
C SER A 64 3.67 9.94 -4.58
N SER A 65 4.38 8.93 -5.00
CA SER A 65 3.96 8.07 -6.06
C SER A 65 3.25 6.86 -5.52
N TYR A 66 3.12 6.75 -4.24
CA TYR A 66 2.57 5.56 -3.71
C TYR A 66 1.16 5.72 -3.33
N ALA A 67 0.40 4.71 -3.64
CA ALA A 67 -0.98 4.69 -3.42
C ALA A 67 -1.43 3.29 -3.17
N LEU A 68 -2.35 3.17 -2.27
CA LEU A 68 -2.98 1.93 -1.99
C LEU A 68 -4.01 1.69 -3.07
N GLN A 69 -3.97 0.57 -3.71
CA GLN A 69 -4.88 0.29 -4.78
C GLN A 69 -5.75 -0.86 -4.35
N ASN A 70 -6.97 -0.86 -4.83
CA ASN A 70 -7.88 -1.93 -4.61
C ASN A 70 -7.53 -3.02 -5.60
N PRO A 71 -7.35 -4.25 -5.15
CA PRO A 71 -6.94 -5.36 -6.01
C PRO A 71 -8.01 -5.82 -7.01
N PHE A 72 -9.26 -5.46 -6.79
CA PHE A 72 -10.28 -5.95 -7.66
C PHE A 72 -10.79 -4.93 -8.62
N THR A 73 -11.00 -3.75 -8.12
CA THR A 73 -11.56 -2.68 -8.90
C THR A 73 -10.47 -1.86 -9.57
N LEU A 74 -9.25 -2.00 -9.04
CA LEU A 74 -8.06 -1.31 -9.51
C LEU A 74 -8.12 0.18 -9.22
N ALA A 75 -9.00 0.55 -8.30
CA ALA A 75 -9.13 1.93 -7.91
C ALA A 75 -8.12 2.25 -6.85
N TYR A 76 -7.56 3.39 -6.92
CA TYR A 76 -6.57 3.83 -5.99
C TYR A 76 -7.19 4.63 -4.89
N VAL A 77 -6.59 4.57 -3.74
CA VAL A 77 -6.97 5.38 -2.64
C VAL A 77 -6.21 6.67 -2.77
N GLU A 78 -6.90 7.70 -3.16
CA GLU A 78 -6.32 8.99 -3.43
C GLU A 78 -6.69 9.97 -2.34
N ASP A 79 -7.14 9.39 -1.26
CA ASP A 79 -7.51 10.07 -0.07
C ASP A 79 -6.32 10.52 0.68
N SER A 80 -6.53 11.49 1.49
CA SER A 80 -5.60 11.99 2.41
C SER A 80 -5.63 11.15 3.67
N PHE A 81 -6.81 10.76 4.03
CA PHE A 81 -7.03 9.95 5.17
C PHE A 81 -7.94 8.81 4.78
N LEU A 82 -7.71 7.68 5.37
CA LEU A 82 -8.47 6.49 5.12
C LEU A 82 -9.77 6.53 5.87
N THR A 83 -10.72 5.85 5.33
CA THR A 83 -11.97 5.71 5.93
C THR A 83 -12.05 4.29 6.47
N PRO A 84 -12.82 4.03 7.53
CA PRO A 84 -13.03 2.68 8.06
C PRO A 84 -13.58 1.78 6.97
N GLU A 85 -14.37 2.38 6.07
CA GLU A 85 -14.92 1.71 4.91
C GLU A 85 -13.81 1.13 4.05
N ARG A 86 -12.80 1.95 3.76
CA ARG A 86 -11.65 1.53 2.97
C ARG A 86 -10.91 0.42 3.65
N LEU A 87 -10.83 0.51 4.94
CA LEU A 87 -10.18 -0.49 5.75
C LEU A 87 -10.95 -1.80 5.70
N VAL A 88 -12.23 -1.70 5.88
CA VAL A 88 -13.12 -2.80 5.82
C VAL A 88 -13.20 -3.49 4.47
N GLU A 89 -13.30 -2.71 3.42
CA GLU A 89 -13.22 -3.25 2.08
C GLU A 89 -11.85 -3.85 1.80
N ALA A 90 -10.84 -3.30 2.41
CA ALA A 90 -9.50 -3.86 2.26
C ALA A 90 -9.32 -5.13 3.08
N GLU A 91 -9.97 -5.20 4.24
CA GLU A 91 -9.96 -6.37 5.08
C GLU A 91 -10.51 -7.60 4.37
N LYS A 92 -11.35 -7.35 3.36
CA LYS A 92 -11.89 -8.39 2.51
C LYS A 92 -10.77 -9.23 1.90
N SER A 93 -9.69 -8.58 1.51
CA SER A 93 -8.57 -9.25 0.92
C SER A 93 -7.19 -8.68 1.32
N TYR A 94 -6.79 -7.61 0.66
CA TYR A 94 -5.51 -6.93 0.87
C TYR A 94 -5.59 -5.51 0.27
N PHE A 95 -4.48 -4.79 0.37
CA PHE A 95 -4.23 -3.54 -0.34
C PHE A 95 -3.04 -3.77 -1.20
N ILE A 96 -2.91 -3.03 -2.24
CA ILE A 96 -1.68 -3.07 -3.01
C ILE A 96 -1.05 -1.69 -2.89
N LEU A 97 0.20 -1.64 -2.64
CA LEU A 97 0.90 -0.41 -2.45
C LEU A 97 1.73 -0.24 -3.68
N ARG A 98 1.25 0.56 -4.57
CA ARG A 98 1.87 0.69 -5.86
C ARG A 98 2.27 2.06 -6.12
N MET A 99 3.14 2.19 -7.07
CA MET A 99 3.47 3.46 -7.57
C MET A 99 2.40 3.79 -8.59
N LYS A 100 1.96 4.98 -8.57
CA LYS A 100 0.99 5.45 -9.50
C LYS A 100 1.63 5.65 -10.86
N PRO A 101 0.84 5.78 -11.93
CA PRO A 101 1.37 6.13 -13.25
C PRO A 101 1.92 7.57 -13.27
N HIS A 102 3.13 7.64 -12.83
CA HIS A 102 3.93 8.85 -12.62
C HIS A 102 3.29 9.83 -11.63
N ALA A 103 4.00 10.10 -10.60
CA ALA A 103 3.54 10.97 -9.51
C ALA A 103 3.46 12.42 -9.92
N ILE A 104 2.87 13.23 -9.05
CA ILE A 104 2.75 14.61 -9.24
C ILE A 104 4.09 15.28 -8.98
N ALA A 105 4.89 15.27 -9.99
CA ALA A 105 6.18 15.91 -10.01
C ALA A 105 6.50 16.11 -11.46
N ASP A 106 6.36 17.34 -11.92
CA ASP A 106 6.58 17.72 -13.32
C ASP A 106 5.55 17.03 -14.23
N ARG A 107 4.43 16.73 -13.63
CA ARG A 107 3.36 16.08 -14.27
C ARG A 107 2.22 17.07 -14.43
N GLY A 1 -20.62 11.29 18.77
CA GLY A 1 -20.87 10.18 19.68
C GLY A 1 -21.02 8.91 18.91
N ALA A 2 -20.95 7.77 19.60
CA ALA A 2 -21.09 6.43 19.00
C ALA A 2 -20.12 6.22 17.84
N HIS A 3 -18.85 6.03 18.17
CA HIS A 3 -17.82 5.86 17.16
C HIS A 3 -16.50 5.42 17.82
N MET A 4 -15.83 4.48 17.22
CA MET A 4 -14.51 4.07 17.64
C MET A 4 -13.59 4.09 16.43
N GLY A 5 -12.30 3.89 16.65
CA GLY A 5 -11.34 3.92 15.57
C GLY A 5 -11.43 2.70 14.67
N GLY A 6 -11.02 1.56 15.19
CA GLY A 6 -11.10 0.32 14.45
C GLY A 6 -9.98 0.16 13.45
N SER A 7 -8.78 -0.01 13.94
CA SER A 7 -7.62 -0.18 13.09
C SER A 7 -7.50 -1.64 12.61
N MET A 8 -7.08 -1.82 11.37
CA MET A 8 -7.06 -3.10 10.74
C MET A 8 -5.69 -3.53 10.34
N LYS A 9 -5.39 -4.77 10.53
CA LYS A 9 -4.11 -5.34 10.14
C LYS A 9 -4.33 -6.08 8.81
N ILE A 10 -3.95 -5.42 7.77
CA ILE A 10 -4.23 -5.82 6.40
C ILE A 10 -2.93 -6.10 5.65
N ARG A 11 -2.90 -7.18 4.89
CA ARG A 11 -1.81 -7.45 4.00
C ARG A 11 -1.81 -6.48 2.87
N VAL A 12 -0.67 -6.01 2.57
CA VAL A 12 -0.47 -5.10 1.54
C VAL A 12 0.49 -5.68 0.55
N GLU A 13 0.14 -5.79 -0.74
CA GLU A 13 1.18 -6.11 -1.67
C GLU A 13 1.85 -4.85 -2.07
N LEU A 14 3.10 -4.86 -2.18
CA LEU A 14 3.85 -3.70 -2.59
C LEU A 14 4.55 -3.92 -3.90
N ILE A 15 4.38 -3.01 -4.84
CA ILE A 15 5.21 -3.05 -6.04
C ILE A 15 6.19 -1.88 -5.98
N ASN A 16 7.44 -2.19 -5.86
CA ASN A 16 8.48 -1.19 -5.87
C ASN A 16 9.32 -1.34 -7.11
N GLY A 17 8.77 -2.03 -8.04
CA GLY A 17 9.38 -2.25 -9.29
C GLY A 17 8.91 -3.53 -9.89
N ASN A 18 8.89 -3.58 -11.18
CA ASN A 18 8.55 -4.77 -11.89
C ASN A 18 9.78 -5.38 -12.48
N GLU A 19 10.92 -4.90 -12.02
CA GLU A 19 12.19 -5.40 -12.40
C GLU A 19 12.43 -6.66 -11.58
N HIS A 20 12.04 -7.79 -12.12
CA HIS A 20 12.13 -9.03 -11.40
C HIS A 20 13.52 -9.57 -11.37
N ARG A 21 14.18 -9.31 -10.29
CA ARG A 21 15.50 -9.76 -10.06
C ARG A 21 15.44 -11.06 -9.29
N THR A 22 15.39 -12.12 -10.03
CA THR A 22 15.14 -13.42 -9.53
C THR A 22 16.34 -14.09 -8.84
N SER A 23 16.19 -14.26 -7.54
CA SER A 23 17.12 -14.94 -6.68
C SER A 23 16.46 -15.03 -5.31
N SER A 24 17.08 -15.67 -4.35
CA SER A 24 16.50 -15.78 -3.05
C SER A 24 16.93 -14.61 -2.18
N THR A 25 16.34 -13.54 -2.47
CA THR A 25 16.50 -12.29 -1.82
C THR A 25 15.12 -11.85 -1.29
N PRO A 26 14.98 -10.64 -0.69
CA PRO A 26 13.66 -10.15 -0.25
C PRO A 26 12.80 -9.64 -1.42
N GLN A 27 13.09 -10.16 -2.56
CA GLN A 27 12.45 -9.88 -3.79
C GLN A 27 11.87 -11.17 -4.35
N GLN A 28 11.41 -12.02 -3.43
CA GLN A 28 10.87 -13.35 -3.73
C GLN A 28 9.81 -13.30 -4.84
N PRO A 29 10.07 -13.97 -5.99
CA PRO A 29 9.20 -13.91 -7.17
C PRO A 29 7.92 -14.78 -7.04
N GLN A 30 7.33 -14.77 -5.89
CA GLN A 30 6.11 -15.48 -5.66
C GLN A 30 4.98 -14.49 -5.88
N GLN A 31 4.92 -13.54 -5.01
CA GLN A 31 4.06 -12.43 -5.08
C GLN A 31 4.91 -11.21 -4.98
N ASN A 32 4.31 -10.09 -4.83
CA ASN A 32 5.05 -8.92 -4.64
C ASN A 32 5.22 -8.77 -3.14
N PRO A 33 6.36 -8.22 -2.67
CA PRO A 33 6.66 -7.98 -1.22
C PRO A 33 5.40 -7.54 -0.45
N SER A 34 5.15 -8.12 0.70
CA SER A 34 3.91 -7.84 1.40
C SER A 34 4.14 -7.71 2.89
N VAL A 35 3.20 -7.07 3.53
CA VAL A 35 3.21 -6.87 4.95
C VAL A 35 1.80 -6.75 5.42
N SER A 36 1.55 -7.13 6.61
CA SER A 36 0.31 -6.88 7.17
C SER A 36 0.49 -5.61 7.96
N HIS A 37 -0.17 -4.60 7.57
CA HIS A 37 0.00 -3.34 8.12
C HIS A 37 -1.26 -2.89 8.84
N ILE A 38 -1.07 -2.23 9.93
CA ILE A 38 -2.12 -1.66 10.81
C ILE A 38 -2.57 -0.34 10.10
N PHE A 39 -3.73 -0.34 9.60
CA PHE A 39 -4.30 0.79 8.96
C PHE A 39 -5.40 1.34 9.82
N ASP A 40 -5.47 2.61 9.85
CA ASP A 40 -6.44 3.31 10.62
C ASP A 40 -6.82 4.56 9.90
N GLY A 41 -7.94 5.06 10.27
CA GLY A 41 -8.49 6.26 9.64
C GLY A 41 -8.17 7.50 10.43
N GLU A 42 -7.18 7.39 11.26
CA GLU A 42 -6.78 8.45 12.09
C GLU A 42 -5.43 9.00 11.64
N THR A 43 -4.69 8.16 10.96
CA THR A 43 -3.47 8.51 10.35
C THR A 43 -3.69 8.67 8.83
N ALA A 44 -3.09 9.70 8.26
CA ALA A 44 -3.12 9.92 6.83
C ALA A 44 -2.56 8.74 6.07
N VAL A 45 -3.04 8.61 4.85
CA VAL A 45 -2.64 7.56 3.94
C VAL A 45 -1.15 7.58 3.74
N LYS A 46 -0.66 8.75 3.35
CA LYS A 46 0.76 8.95 3.01
C LYS A 46 1.66 8.58 4.18
N ASP A 47 1.17 8.75 5.37
CA ASP A 47 1.92 8.43 6.56
C ASP A 47 1.96 6.94 6.75
N HIS A 48 0.85 6.28 6.44
CA HIS A 48 0.80 4.82 6.40
C HIS A 48 1.81 4.36 5.33
N ILE A 49 1.84 5.09 4.25
CA ILE A 49 2.70 4.83 3.14
C ILE A 49 4.17 5.03 3.48
N LYS A 50 4.53 6.11 4.21
CA LYS A 50 5.91 6.27 4.66
C LYS A 50 6.36 5.06 5.50
N VAL A 51 5.42 4.52 6.27
CA VAL A 51 5.68 3.33 7.08
C VAL A 51 5.88 2.13 6.19
N LEU A 52 4.92 1.88 5.32
CA LEU A 52 5.01 0.78 4.38
C LEU A 52 6.28 0.84 3.58
N LEU A 53 6.59 2.02 3.04
CA LEU A 53 7.81 2.21 2.30
C LEU A 53 9.00 1.86 3.16
N THR A 54 9.03 2.38 4.37
CA THR A 54 10.06 2.10 5.27
C THR A 54 10.22 0.61 5.60
N HIS A 55 9.13 -0.08 5.78
CA HIS A 55 9.15 -1.49 6.03
C HIS A 55 9.55 -2.30 4.79
N PHE A 56 9.15 -1.83 3.63
CA PHE A 56 9.55 -2.44 2.38
C PHE A 56 10.94 -2.01 1.98
N LYS A 57 11.50 -1.15 2.81
CA LYS A 57 12.88 -0.68 2.69
C LYS A 57 13.05 0.25 1.50
N ILE A 58 12.03 1.02 1.27
CA ILE A 58 11.96 2.00 0.24
C ILE A 58 12.06 3.36 0.89
N PRO A 59 12.81 4.30 0.32
CA PRO A 59 12.81 5.67 0.79
C PRO A 59 11.41 6.25 0.77
N VAL A 60 11.06 6.88 1.87
CA VAL A 60 9.78 7.51 2.04
C VAL A 60 9.54 8.61 1.06
N ASP A 61 10.56 9.01 0.34
CA ASP A 61 10.46 10.08 -0.64
C ASP A 61 9.54 9.66 -1.79
N LYS A 62 9.36 8.34 -1.95
CA LYS A 62 8.50 7.84 -2.98
C LYS A 62 7.03 7.91 -2.58
N VAL A 63 6.75 8.26 -1.31
CA VAL A 63 5.37 8.42 -0.72
C VAL A 63 4.51 9.29 -1.65
N SER A 64 5.20 10.23 -2.29
CA SER A 64 4.67 11.13 -3.27
C SER A 64 4.00 10.34 -4.41
N SER A 65 4.71 9.34 -4.87
CA SER A 65 4.34 8.54 -5.97
C SER A 65 3.75 7.21 -5.53
N TYR A 66 3.40 7.08 -4.31
CA TYR A 66 2.80 5.86 -3.85
C TYR A 66 1.37 6.04 -3.48
N ALA A 67 0.60 5.07 -3.87
CA ALA A 67 -0.79 5.09 -3.66
C ALA A 67 -1.26 3.66 -3.48
N LEU A 68 -2.19 3.50 -2.59
CA LEU A 68 -2.81 2.24 -2.35
C LEU A 68 -3.80 1.96 -3.48
N GLN A 69 -4.13 0.72 -3.66
CA GLN A 69 -5.04 0.31 -4.71
C GLN A 69 -5.90 -0.84 -4.19
N ASN A 70 -7.10 -0.92 -4.72
CA ASN A 70 -8.01 -2.00 -4.44
C ASN A 70 -7.60 -3.18 -5.31
N PRO A 71 -7.43 -4.35 -4.73
CA PRO A 71 -6.97 -5.53 -5.45
C PRO A 71 -7.95 -6.09 -6.48
N PHE A 72 -9.22 -5.71 -6.43
CA PHE A 72 -10.16 -6.29 -7.34
C PHE A 72 -10.62 -5.32 -8.38
N THR A 73 -10.94 -4.14 -7.96
CA THR A 73 -11.52 -3.14 -8.84
C THR A 73 -10.44 -2.33 -9.50
N LEU A 74 -9.25 -2.40 -8.93
CA LEU A 74 -8.06 -1.72 -9.40
C LEU A 74 -8.13 -0.21 -9.19
N ALA A 75 -9.06 0.23 -8.34
CA ALA A 75 -9.20 1.62 -8.01
C ALA A 75 -8.15 2.03 -7.02
N TYR A 76 -7.55 3.16 -7.22
CA TYR A 76 -6.51 3.65 -6.34
C TYR A 76 -7.11 4.38 -5.16
N VAL A 77 -6.26 4.76 -4.25
CA VAL A 77 -6.62 5.57 -3.11
C VAL A 77 -5.85 6.87 -3.22
N GLU A 78 -6.55 7.92 -3.54
CA GLU A 78 -5.96 9.22 -3.75
C GLU A 78 -6.35 10.15 -2.62
N ASP A 79 -6.88 9.53 -1.60
CA ASP A 79 -7.33 10.15 -0.40
C ASP A 79 -6.19 10.55 0.46
N SER A 80 -6.44 11.48 1.31
CA SER A 80 -5.51 11.93 2.25
C SER A 80 -5.56 11.05 3.48
N PHE A 81 -6.73 10.68 3.86
CA PHE A 81 -6.98 9.85 4.98
C PHE A 81 -7.89 8.71 4.59
N LEU A 82 -7.75 7.62 5.28
CA LEU A 82 -8.54 6.44 5.03
C LEU A 82 -9.81 6.49 5.82
N THR A 83 -10.81 5.91 5.27
CA THR A 83 -12.05 5.79 5.94
C THR A 83 -12.14 4.39 6.53
N PRO A 84 -12.90 4.22 7.62
CA PRO A 84 -13.16 2.90 8.20
C PRO A 84 -13.74 1.95 7.15
N GLU A 85 -14.56 2.51 6.27
CA GLU A 85 -15.14 1.80 5.15
C GLU A 85 -14.05 1.20 4.28
N ARG A 86 -13.06 2.02 3.92
CA ARG A 86 -11.96 1.55 3.11
C ARG A 86 -11.19 0.46 3.80
N LEU A 87 -11.05 0.57 5.10
CA LEU A 87 -10.36 -0.40 5.89
C LEU A 87 -11.10 -1.72 5.88
N VAL A 88 -12.38 -1.65 6.10
CA VAL A 88 -13.25 -2.79 6.07
C VAL A 88 -13.34 -3.45 4.71
N GLU A 89 -13.49 -2.64 3.70
CA GLU A 89 -13.46 -3.12 2.33
C GLU A 89 -12.11 -3.76 1.98
N ALA A 90 -11.06 -3.32 2.64
CA ALA A 90 -9.74 -3.88 2.43
C ALA A 90 -9.52 -5.14 3.24
N GLU A 91 -10.08 -5.21 4.47
CA GLU A 91 -9.98 -6.43 5.29
C GLU A 91 -10.49 -7.65 4.55
N LYS A 92 -11.35 -7.41 3.58
CA LYS A 92 -11.87 -8.43 2.70
C LYS A 92 -10.74 -9.27 2.10
N SER A 93 -9.65 -8.61 1.75
CA SER A 93 -8.49 -9.28 1.20
C SER A 93 -7.14 -8.60 1.56
N TYR A 94 -6.67 -7.71 0.71
CA TYR A 94 -5.42 -7.02 0.89
C TYR A 94 -5.54 -5.59 0.32
N PHE A 95 -4.46 -4.86 0.45
CA PHE A 95 -4.26 -3.56 -0.19
C PHE A 95 -3.11 -3.74 -1.11
N ILE A 96 -3.03 -2.97 -2.13
CA ILE A 96 -1.84 -2.95 -2.92
C ILE A 96 -1.24 -1.57 -2.80
N LEU A 97 0.05 -1.48 -2.69
CA LEU A 97 0.74 -0.24 -2.55
C LEU A 97 1.59 -0.13 -3.79
N ARG A 98 1.23 0.77 -4.66
CA ARG A 98 1.86 0.85 -5.95
C ARG A 98 2.34 2.21 -6.22
N MET A 99 3.24 2.31 -7.15
CA MET A 99 3.66 3.57 -7.58
C MET A 99 2.64 4.09 -8.55
N LYS A 100 2.32 5.33 -8.38
CA LYS A 100 1.46 6.04 -9.28
C LYS A 100 2.08 6.08 -10.67
N PRO A 101 1.42 5.46 -11.64
CA PRO A 101 1.92 5.35 -12.99
C PRO A 101 1.98 6.69 -13.69
N HIS A 102 3.15 7.21 -13.76
CA HIS A 102 3.36 8.48 -14.37
C HIS A 102 3.62 8.29 -15.84
N ALA A 103 2.61 8.51 -16.63
CA ALA A 103 2.67 8.33 -18.05
C ALA A 103 1.64 9.24 -18.70
N ILE A 104 1.51 9.15 -19.99
CA ILE A 104 0.59 9.91 -20.71
C ILE A 104 -0.65 9.07 -20.92
N ALA A 105 -1.82 9.64 -20.67
CA ALA A 105 -3.06 8.94 -20.91
C ALA A 105 -3.31 8.81 -22.38
N ASP A 106 -2.71 7.82 -22.95
CA ASP A 106 -2.79 7.51 -24.34
C ASP A 106 -2.89 6.02 -24.41
N ARG A 107 -4.11 5.54 -24.38
CA ARG A 107 -4.40 4.13 -24.42
C ARG A 107 -3.85 3.47 -25.68
N GLY A 1 -16.71 11.07 16.51
CA GLY A 1 -17.88 10.54 17.20
C GLY A 1 -17.84 9.04 17.24
N ALA A 2 -18.66 8.46 18.14
CA ALA A 2 -18.75 7.00 18.36
C ALA A 2 -17.42 6.45 18.90
N HIS A 3 -17.33 5.16 19.08
CA HIS A 3 -16.09 4.60 19.56
C HIS A 3 -15.21 4.17 18.41
N MET A 4 -14.17 4.90 18.17
CA MET A 4 -13.22 4.55 17.17
C MET A 4 -12.21 3.60 17.74
N GLY A 5 -12.04 2.50 17.09
CA GLY A 5 -11.11 1.50 17.49
C GLY A 5 -11.17 0.37 16.53
N GLY A 6 -10.94 0.69 15.29
CA GLY A 6 -11.08 -0.26 14.25
C GLY A 6 -9.95 -0.16 13.28
N SER A 7 -8.76 -0.30 13.78
CA SER A 7 -7.62 -0.34 12.95
C SER A 7 -7.43 -1.77 12.46
N MET A 8 -7.01 -1.92 11.26
CA MET A 8 -6.95 -3.21 10.65
C MET A 8 -5.57 -3.57 10.29
N LYS A 9 -5.20 -4.78 10.53
CA LYS A 9 -3.92 -5.25 10.12
C LYS A 9 -4.10 -5.98 8.79
N ILE A 10 -3.92 -5.23 7.73
CA ILE A 10 -4.21 -5.63 6.39
C ILE A 10 -2.95 -5.99 5.65
N ARG A 11 -3.02 -7.03 4.85
CA ARG A 11 -1.94 -7.39 3.97
C ARG A 11 -1.84 -6.40 2.88
N VAL A 12 -0.69 -5.93 2.69
CA VAL A 12 -0.43 -5.03 1.66
C VAL A 12 0.50 -5.67 0.69
N GLU A 13 0.16 -5.75 -0.59
CA GLU A 13 1.19 -6.15 -1.51
C GLU A 13 1.95 -4.93 -1.90
N LEU A 14 3.20 -5.06 -2.10
CA LEU A 14 4.01 -3.97 -2.55
C LEU A 14 4.56 -4.27 -3.91
N ILE A 15 4.45 -3.31 -4.81
CA ILE A 15 5.16 -3.44 -6.06
C ILE A 15 6.29 -2.42 -6.05
N ASN A 16 7.48 -2.91 -6.16
CA ASN A 16 8.65 -2.06 -6.32
C ASN A 16 9.43 -2.60 -7.51
N GLY A 17 8.68 -3.35 -8.29
CA GLY A 17 9.18 -3.99 -9.46
C GLY A 17 9.81 -5.30 -9.12
N ASN A 18 10.20 -6.02 -10.12
CA ASN A 18 10.89 -7.28 -9.93
C ASN A 18 12.38 -7.07 -10.02
N GLU A 19 12.73 -5.81 -10.16
CA GLU A 19 14.06 -5.37 -10.18
C GLU A 19 14.43 -4.89 -8.77
N HIS A 20 15.66 -4.42 -8.61
CA HIS A 20 16.23 -4.08 -7.30
C HIS A 20 16.56 -5.36 -6.57
N ARG A 21 17.71 -5.89 -6.89
CA ARG A 21 18.12 -7.18 -6.38
C ARG A 21 18.51 -7.08 -4.94
N THR A 22 18.20 -8.15 -4.19
CA THR A 22 18.40 -8.21 -2.75
C THR A 22 17.70 -7.05 -2.02
N SER A 23 16.58 -6.62 -2.61
CA SER A 23 15.79 -5.53 -2.09
C SER A 23 14.29 -5.68 -2.45
N SER A 24 14.00 -6.12 -3.67
CA SER A 24 12.64 -6.26 -4.11
C SER A 24 12.47 -7.42 -5.07
N THR A 25 11.99 -8.48 -4.53
CA THR A 25 11.62 -9.66 -5.21
C THR A 25 10.38 -10.20 -4.50
N PRO A 26 9.63 -11.15 -5.09
CA PRO A 26 8.53 -11.79 -4.41
C PRO A 26 9.06 -12.68 -3.27
N GLN A 27 9.22 -12.08 -2.11
CA GLN A 27 9.79 -12.72 -0.95
C GLN A 27 8.77 -13.39 -0.09
N GLN A 28 7.67 -13.65 -0.69
CA GLN A 28 6.58 -14.32 -0.11
C GLN A 28 6.05 -15.27 -1.15
N PRO A 29 6.08 -16.58 -0.90
CA PRO A 29 5.56 -17.60 -1.84
C PRO A 29 4.02 -17.63 -1.81
N GLN A 30 3.44 -16.45 -1.87
CA GLN A 30 2.03 -16.24 -1.79
C GLN A 30 1.67 -15.11 -2.75
N GLN A 31 2.30 -13.99 -2.54
CA GLN A 31 2.06 -12.78 -3.25
C GLN A 31 3.39 -12.08 -3.52
N ASN A 32 3.33 -10.79 -3.77
CA ASN A 32 4.51 -9.93 -3.85
C ASN A 32 5.05 -9.74 -2.42
N PRO A 33 6.17 -8.95 -2.20
CA PRO A 33 6.56 -8.58 -0.86
C PRO A 33 5.34 -7.97 -0.17
N SER A 34 5.04 -8.46 0.99
CA SER A 34 3.83 -8.08 1.63
C SER A 34 4.02 -7.88 3.11
N VAL A 35 3.09 -7.21 3.72
CA VAL A 35 3.12 -6.96 5.13
C VAL A 35 1.73 -6.82 5.61
N SER A 36 1.50 -7.19 6.81
CA SER A 36 0.27 -6.97 7.42
C SER A 36 0.45 -5.70 8.26
N HIS A 37 -0.14 -4.65 7.80
CA HIS A 37 0.06 -3.35 8.32
C HIS A 37 -1.21 -2.83 8.97
N ILE A 38 -1.03 -2.05 10.01
CA ILE A 38 -2.10 -1.46 10.84
C ILE A 38 -2.58 -0.18 10.06
N PHE A 39 -3.75 -0.23 9.59
CA PHE A 39 -4.35 0.87 8.93
C PHE A 39 -5.48 1.37 9.76
N ASP A 40 -5.69 2.65 9.73
CA ASP A 40 -6.69 3.30 10.50
C ASP A 40 -7.11 4.57 9.79
N GLY A 41 -8.12 5.20 10.33
CA GLY A 41 -8.67 6.38 9.73
C GLY A 41 -8.24 7.65 10.43
N GLU A 42 -7.21 7.55 11.24
CA GLU A 42 -6.75 8.65 11.97
C GLU A 42 -5.41 9.16 11.46
N THR A 43 -4.62 8.26 10.97
CA THR A 43 -3.39 8.56 10.37
C THR A 43 -3.58 8.72 8.85
N ALA A 44 -2.99 9.77 8.28
CA ALA A 44 -3.00 10.03 6.85
C ALA A 44 -2.51 8.84 6.10
N VAL A 45 -3.03 8.70 4.92
CA VAL A 45 -2.68 7.62 4.02
C VAL A 45 -1.18 7.61 3.80
N LYS A 46 -0.68 8.75 3.41
CA LYS A 46 0.74 8.93 3.10
C LYS A 46 1.64 8.61 4.28
N ASP A 47 1.15 8.78 5.46
CA ASP A 47 1.89 8.41 6.64
C ASP A 47 1.92 6.91 6.78
N HIS A 48 0.80 6.27 6.46
CA HIS A 48 0.73 4.82 6.44
C HIS A 48 1.72 4.32 5.36
N ILE A 49 1.77 5.07 4.29
CA ILE A 49 2.64 4.79 3.17
C ILE A 49 4.11 5.03 3.53
N LYS A 50 4.44 6.14 4.22
CA LYS A 50 5.83 6.34 4.67
C LYS A 50 6.29 5.17 5.54
N VAL A 51 5.37 4.61 6.30
CA VAL A 51 5.64 3.46 7.13
C VAL A 51 5.89 2.23 6.26
N LEU A 52 4.94 1.91 5.40
CA LEU A 52 5.05 0.78 4.49
C LEU A 52 6.31 0.84 3.69
N LEU A 53 6.59 2.00 3.08
CA LEU A 53 7.78 2.17 2.31
C LEU A 53 9.00 1.87 3.14
N THR A 54 9.05 2.42 4.33
CA THR A 54 10.09 2.19 5.23
C THR A 54 10.27 0.72 5.65
N HIS A 55 9.16 0.02 5.79
CA HIS A 55 9.19 -1.40 6.09
C HIS A 55 9.63 -2.25 4.87
N PHE A 56 9.27 -1.79 3.68
CA PHE A 56 9.69 -2.41 2.43
C PHE A 56 11.08 -1.92 1.99
N LYS A 57 11.59 -0.99 2.76
CA LYS A 57 12.93 -0.40 2.58
C LYS A 57 13.02 0.51 1.36
N ILE A 58 11.93 1.19 1.09
CA ILE A 58 11.82 2.13 0.06
C ILE A 58 11.85 3.51 0.69
N PRO A 59 12.64 4.44 0.17
CA PRO A 59 12.64 5.82 0.65
C PRO A 59 11.25 6.40 0.62
N VAL A 60 10.92 7.07 1.69
CA VAL A 60 9.64 7.71 1.85
C VAL A 60 9.40 8.80 0.82
N ASP A 61 10.43 9.15 0.06
CA ASP A 61 10.29 10.20 -0.96
C ASP A 61 9.38 9.73 -2.07
N LYS A 62 9.15 8.44 -2.14
CA LYS A 62 8.31 7.91 -3.15
C LYS A 62 6.85 7.88 -2.71
N VAL A 63 6.58 8.23 -1.43
CA VAL A 63 5.21 8.34 -0.80
C VAL A 63 4.25 9.11 -1.72
N SER A 64 4.82 10.07 -2.41
CA SER A 64 4.21 10.87 -3.40
C SER A 64 3.57 10.00 -4.48
N SER A 65 4.36 9.06 -4.94
CA SER A 65 4.04 8.21 -6.04
C SER A 65 3.60 6.85 -5.59
N TYR A 66 3.23 6.72 -4.36
CA TYR A 66 2.70 5.49 -3.87
C TYR A 66 1.30 5.64 -3.44
N ALA A 67 0.52 4.63 -3.70
CA ALA A 67 -0.86 4.67 -3.38
C ALA A 67 -1.36 3.29 -3.12
N LEU A 68 -2.30 3.22 -2.23
CA LEU A 68 -2.98 2.02 -1.92
C LEU A 68 -4.04 1.80 -2.98
N GLN A 69 -4.02 0.68 -3.58
CA GLN A 69 -4.94 0.38 -4.65
C GLN A 69 -5.86 -0.72 -4.20
N ASN A 70 -7.06 -0.68 -4.67
CA ASN A 70 -8.02 -1.71 -4.43
C ASN A 70 -7.68 -2.87 -5.34
N PRO A 71 -7.50 -4.06 -4.79
CA PRO A 71 -7.05 -5.22 -5.57
C PRO A 71 -8.07 -5.75 -6.59
N PHE A 72 -9.28 -5.27 -6.58
CA PHE A 72 -10.25 -5.76 -7.51
C PHE A 72 -10.68 -4.75 -8.52
N THR A 73 -10.87 -3.55 -8.06
CA THR A 73 -11.40 -2.49 -8.90
C THR A 73 -10.27 -1.74 -9.58
N LEU A 74 -9.08 -1.84 -9.00
CA LEU A 74 -7.86 -1.16 -9.46
C LEU A 74 -7.92 0.34 -9.20
N ALA A 75 -8.80 0.73 -8.31
CA ALA A 75 -8.93 2.11 -7.95
C ALA A 75 -7.93 2.45 -6.88
N TYR A 76 -7.35 3.60 -6.97
CA TYR A 76 -6.37 4.03 -6.02
C TYR A 76 -7.00 4.91 -4.99
N VAL A 77 -6.53 4.80 -3.80
CA VAL A 77 -6.95 5.64 -2.73
C VAL A 77 -6.28 7.01 -2.88
N GLU A 78 -7.05 7.99 -3.29
CA GLU A 78 -6.54 9.33 -3.51
C GLU A 78 -6.88 10.22 -2.34
N ASP A 79 -7.31 9.58 -1.29
CA ASP A 79 -7.65 10.22 -0.09
C ASP A 79 -6.41 10.57 0.66
N SER A 80 -6.53 11.57 1.41
CA SER A 80 -5.53 12.02 2.30
C SER A 80 -5.52 11.17 3.55
N PHE A 81 -6.67 10.78 3.99
CA PHE A 81 -6.86 9.99 5.15
C PHE A 81 -7.79 8.84 4.81
N LEU A 82 -7.54 7.69 5.39
CA LEU A 82 -8.33 6.49 5.14
C LEU A 82 -9.63 6.55 5.88
N THR A 83 -10.57 5.80 5.40
CA THR A 83 -11.83 5.66 6.01
C THR A 83 -11.94 4.23 6.53
N PRO A 84 -12.75 3.99 7.58
CA PRO A 84 -13.04 2.64 8.06
C PRO A 84 -13.54 1.76 6.91
N GLU A 85 -14.29 2.38 5.99
CA GLU A 85 -14.79 1.72 4.79
C GLU A 85 -13.65 1.12 3.98
N ARG A 86 -12.62 1.93 3.75
CA ARG A 86 -11.46 1.50 2.97
C ARG A 86 -10.79 0.35 3.64
N LEU A 87 -10.73 0.42 4.93
CA LEU A 87 -10.13 -0.60 5.73
C LEU A 87 -10.94 -1.87 5.67
N VAL A 88 -12.21 -1.74 5.85
CA VAL A 88 -13.12 -2.80 5.78
C VAL A 88 -13.19 -3.49 4.44
N GLU A 89 -13.29 -2.72 3.39
CA GLU A 89 -13.25 -3.28 2.06
C GLU A 89 -11.89 -3.89 1.75
N ALA A 90 -10.86 -3.36 2.35
CA ALA A 90 -9.52 -3.93 2.20
C ALA A 90 -9.34 -5.22 3.04
N GLU A 91 -9.93 -5.26 4.23
CA GLU A 91 -9.89 -6.43 5.09
C GLU A 91 -10.43 -7.70 4.43
N LYS A 92 -11.28 -7.50 3.45
CA LYS A 92 -11.80 -8.56 2.61
C LYS A 92 -10.64 -9.39 2.01
N SER A 93 -9.62 -8.68 1.55
CA SER A 93 -8.52 -9.32 0.88
C SER A 93 -7.13 -8.76 1.29
N TYR A 94 -6.75 -7.66 0.67
CA TYR A 94 -5.47 -6.99 0.87
C TYR A 94 -5.56 -5.57 0.27
N PHE A 95 -4.49 -4.81 0.41
CA PHE A 95 -4.28 -3.53 -0.28
C PHE A 95 -3.09 -3.72 -1.16
N ILE A 96 -2.98 -2.97 -2.22
CA ILE A 96 -1.76 -2.98 -3.00
C ILE A 96 -1.11 -1.62 -2.88
N LEU A 97 0.17 -1.60 -2.74
CA LEU A 97 0.92 -0.40 -2.59
C LEU A 97 1.81 -0.33 -3.80
N ARG A 98 1.40 0.44 -4.76
CA ARG A 98 2.08 0.47 -6.05
C ARG A 98 2.59 1.84 -6.29
N MET A 99 3.51 1.95 -7.21
CA MET A 99 3.88 3.21 -7.68
C MET A 99 2.83 3.63 -8.64
N LYS A 100 2.29 4.78 -8.40
CA LYS A 100 1.23 5.35 -9.17
C LYS A 100 1.67 5.50 -10.62
N PRO A 101 0.72 5.43 -11.57
CA PRO A 101 1.02 5.43 -13.00
C PRO A 101 1.93 6.56 -13.46
N HIS A 102 3.15 6.19 -13.61
CA HIS A 102 4.19 7.00 -14.12
C HIS A 102 4.96 6.13 -15.10
N ALA A 103 4.93 6.50 -16.34
CA ALA A 103 5.54 5.72 -17.39
C ALA A 103 5.65 6.57 -18.61
N ILE A 104 5.89 5.93 -19.75
CA ILE A 104 5.87 6.56 -21.02
C ILE A 104 4.48 7.11 -21.21
N ALA A 105 4.35 8.39 -21.23
CA ALA A 105 3.05 8.98 -21.23
C ALA A 105 2.60 9.43 -22.58
N ASP A 106 1.80 8.61 -23.21
CA ASP A 106 1.17 8.95 -24.45
C ASP A 106 -0.25 9.26 -24.10
N ARG A 107 -0.42 10.43 -23.58
CA ARG A 107 -1.71 10.89 -23.13
C ARG A 107 -2.26 11.93 -24.09
N GLY A 1 -16.79 -11.90 14.16
CA GLY A 1 -16.52 -11.93 15.59
C GLY A 1 -15.17 -11.34 15.89
N ALA A 2 -14.57 -11.77 17.00
CA ALA A 2 -13.26 -11.31 17.46
C ALA A 2 -13.30 -9.86 17.95
N HIS A 3 -12.16 -9.30 18.24
CA HIS A 3 -12.07 -7.96 18.79
C HIS A 3 -11.92 -6.92 17.67
N MET A 4 -12.94 -6.13 17.47
CA MET A 4 -12.86 -5.02 16.55
C MET A 4 -12.36 -3.82 17.28
N GLY A 5 -11.12 -3.47 17.03
CA GLY A 5 -10.55 -2.30 17.64
C GLY A 5 -10.75 -1.10 16.76
N GLY A 6 -10.60 -1.31 15.48
CA GLY A 6 -10.76 -0.27 14.53
C GLY A 6 -9.59 -0.24 13.60
N SER A 7 -8.41 -0.35 14.16
CA SER A 7 -7.23 -0.40 13.35
C SER A 7 -7.04 -1.83 12.88
N MET A 8 -6.77 -1.97 11.63
CA MET A 8 -6.74 -3.25 10.96
C MET A 8 -5.39 -3.63 10.50
N LYS A 9 -5.03 -4.88 10.66
CA LYS A 9 -3.77 -5.34 10.17
C LYS A 9 -4.02 -6.06 8.84
N ILE A 10 -3.83 -5.33 7.79
CA ILE A 10 -4.15 -5.73 6.45
C ILE A 10 -2.89 -6.04 5.67
N ARG A 11 -2.94 -7.10 4.89
CA ARG A 11 -1.90 -7.39 3.96
C ARG A 11 -1.85 -6.41 2.88
N VAL A 12 -0.71 -5.95 2.66
CA VAL A 12 -0.45 -5.04 1.66
C VAL A 12 0.50 -5.66 0.70
N GLU A 13 0.18 -5.76 -0.56
CA GLU A 13 1.21 -6.08 -1.46
C GLU A 13 1.93 -4.83 -1.81
N LEU A 14 3.16 -4.95 -2.08
CA LEU A 14 3.94 -3.82 -2.49
C LEU A 14 4.60 -4.08 -3.82
N ILE A 15 4.46 -3.16 -4.74
CA ILE A 15 5.26 -3.22 -5.95
C ILE A 15 6.30 -2.12 -5.94
N ASN A 16 7.54 -2.51 -5.99
CA ASN A 16 8.65 -1.62 -6.11
C ASN A 16 9.52 -2.14 -7.26
N GLY A 17 8.86 -2.49 -8.35
CA GLY A 17 9.49 -3.14 -9.48
C GLY A 17 10.39 -2.27 -10.35
N ASN A 18 11.04 -1.29 -9.75
CA ASN A 18 11.98 -0.45 -10.45
C ASN A 18 13.31 -1.10 -10.38
N GLU A 19 13.41 -2.09 -9.50
CA GLU A 19 14.63 -2.80 -9.25
C GLU A 19 14.85 -3.91 -10.27
N HIS A 20 14.01 -3.91 -11.22
CA HIS A 20 14.04 -4.86 -12.29
C HIS A 20 13.77 -4.18 -13.59
N ARG A 21 14.83 -3.78 -14.20
CA ARG A 21 14.83 -3.11 -15.46
C ARG A 21 15.80 -3.85 -16.34
N THR A 22 16.12 -3.31 -17.52
CA THR A 22 17.03 -3.97 -18.48
C THR A 22 16.53 -5.39 -18.81
N SER A 23 17.42 -6.27 -19.18
CA SER A 23 17.08 -7.66 -19.47
C SER A 23 16.37 -8.32 -18.27
N SER A 24 16.76 -7.89 -17.05
CA SER A 24 16.16 -8.31 -15.80
C SER A 24 16.66 -9.66 -15.32
N THR A 25 17.12 -9.63 -14.12
CA THR A 25 17.62 -10.77 -13.40
C THR A 25 16.52 -11.83 -13.14
N PRO A 26 16.90 -13.10 -12.84
CA PRO A 26 15.94 -14.22 -12.67
C PRO A 26 15.29 -14.26 -11.27
N GLN A 27 15.11 -13.11 -10.71
CA GLN A 27 14.50 -12.93 -9.42
C GLN A 27 13.02 -12.67 -9.58
N GLN A 28 12.44 -13.46 -10.49
CA GLN A 28 11.01 -13.45 -10.85
C GLN A 28 10.12 -13.27 -9.62
N PRO A 29 9.40 -12.14 -9.53
CA PRO A 29 8.46 -11.91 -8.46
C PRO A 29 7.20 -12.72 -8.64
N GLN A 30 7.23 -13.91 -8.10
CA GLN A 30 6.12 -14.81 -8.11
C GLN A 30 5.09 -14.26 -7.17
N GLN A 31 5.58 -13.80 -6.06
CA GLN A 31 4.84 -13.07 -5.12
C GLN A 31 5.54 -11.76 -4.94
N ASN A 32 4.85 -10.81 -4.47
CA ASN A 32 5.40 -9.54 -4.25
C ASN A 32 5.60 -9.37 -2.78
N PRO A 33 6.57 -8.57 -2.36
CA PRO A 33 6.78 -8.21 -0.94
C PRO A 33 5.44 -7.78 -0.30
N SER A 34 5.13 -8.35 0.85
CA SER A 34 3.86 -8.07 1.48
C SER A 34 4.05 -7.90 2.99
N VAL A 35 3.15 -7.19 3.60
CA VAL A 35 3.19 -6.97 5.02
C VAL A 35 1.78 -6.85 5.52
N SER A 36 1.56 -7.23 6.71
CA SER A 36 0.33 -7.03 7.32
C SER A 36 0.50 -5.76 8.16
N HIS A 37 -0.05 -4.68 7.67
CA HIS A 37 0.16 -3.39 8.22
C HIS A 37 -1.09 -2.89 8.91
N ILE A 38 -0.89 -2.12 9.94
CA ILE A 38 -1.95 -1.56 10.80
C ILE A 38 -2.45 -0.28 10.08
N PHE A 39 -3.64 -0.31 9.65
CA PHE A 39 -4.26 0.81 9.05
C PHE A 39 -5.37 1.30 9.93
N ASP A 40 -5.55 2.57 9.92
CA ASP A 40 -6.58 3.24 10.66
C ASP A 40 -7.04 4.40 9.80
N GLY A 41 -7.87 5.25 10.34
CA GLY A 41 -8.44 6.33 9.57
C GLY A 41 -7.96 7.67 10.07
N GLU A 42 -7.34 7.65 11.22
CA GLU A 42 -6.88 8.81 11.92
C GLU A 42 -5.53 9.30 11.40
N THR A 43 -4.79 8.37 10.87
CA THR A 43 -3.55 8.62 10.30
C THR A 43 -3.70 8.79 8.80
N ALA A 44 -3.10 9.85 8.26
CA ALA A 44 -3.08 10.08 6.83
C ALA A 44 -2.53 8.88 6.10
N VAL A 45 -3.01 8.72 4.90
CA VAL A 45 -2.62 7.64 4.03
C VAL A 45 -1.13 7.63 3.84
N LYS A 46 -0.61 8.78 3.47
CA LYS A 46 0.81 8.97 3.17
C LYS A 46 1.69 8.57 4.34
N ASP A 47 1.19 8.73 5.53
CA ASP A 47 1.92 8.38 6.71
C ASP A 47 1.93 6.89 6.87
N HIS A 48 0.81 6.27 6.57
CA HIS A 48 0.74 4.81 6.55
C HIS A 48 1.72 4.31 5.47
N ILE A 49 1.75 5.03 4.38
CA ILE A 49 2.60 4.74 3.26
C ILE A 49 4.07 4.96 3.57
N LYS A 50 4.43 6.05 4.27
CA LYS A 50 5.83 6.22 4.69
C LYS A 50 6.29 5.05 5.55
N VAL A 51 5.38 4.50 6.34
CA VAL A 51 5.68 3.34 7.15
C VAL A 51 5.88 2.12 6.27
N LEU A 52 4.92 1.86 5.42
CA LEU A 52 5.01 0.74 4.48
C LEU A 52 6.27 0.83 3.67
N LEU A 53 6.57 2.00 3.12
CA LEU A 53 7.77 2.19 2.35
C LEU A 53 8.98 1.87 3.20
N THR A 54 9.03 2.39 4.39
CA THR A 54 10.07 2.12 5.30
C THR A 54 10.21 0.64 5.68
N HIS A 55 9.11 -0.04 5.84
CA HIS A 55 9.12 -1.45 6.12
C HIS A 55 9.52 -2.26 4.88
N PHE A 56 9.21 -1.76 3.70
CA PHE A 56 9.60 -2.36 2.44
C PHE A 56 10.96 -1.87 1.96
N LYS A 57 11.53 -1.00 2.76
CA LYS A 57 12.88 -0.43 2.59
C LYS A 57 12.95 0.51 1.38
N ILE A 58 11.87 1.17 1.12
CA ILE A 58 11.74 2.11 0.08
C ILE A 58 11.78 3.49 0.71
N PRO A 59 12.52 4.45 0.14
CA PRO A 59 12.54 5.81 0.63
C PRO A 59 11.17 6.42 0.65
N VAL A 60 10.87 7.03 1.77
CA VAL A 60 9.62 7.68 1.99
C VAL A 60 9.35 8.84 1.06
N ASP A 61 10.35 9.24 0.27
CA ASP A 61 10.16 10.33 -0.69
C ASP A 61 9.26 9.85 -1.84
N LYS A 62 9.16 8.54 -1.96
CA LYS A 62 8.42 7.94 -3.00
C LYS A 62 6.93 7.87 -2.67
N VAL A 63 6.60 8.18 -1.41
CA VAL A 63 5.21 8.27 -0.82
C VAL A 63 4.28 9.05 -1.77
N SER A 64 4.89 9.99 -2.44
CA SER A 64 4.30 10.81 -3.46
C SER A 64 3.65 9.96 -4.55
N SER A 65 4.38 8.97 -4.98
CA SER A 65 4.01 8.14 -6.07
C SER A 65 3.36 6.87 -5.59
N TYR A 66 3.23 6.69 -4.30
CA TYR A 66 2.71 5.46 -3.81
C TYR A 66 1.31 5.59 -3.39
N ALA A 67 0.55 4.62 -3.75
CA ALA A 67 -0.83 4.59 -3.49
C ALA A 67 -1.27 3.20 -3.22
N LEU A 68 -2.23 3.08 -2.35
CA LEU A 68 -2.85 1.84 -2.04
C LEU A 68 -3.89 1.58 -3.10
N GLN A 69 -3.82 0.48 -3.75
CA GLN A 69 -4.78 0.17 -4.80
C GLN A 69 -5.66 -0.97 -4.35
N ASN A 70 -6.89 -0.94 -4.82
CA ASN A 70 -7.85 -2.00 -4.60
C ASN A 70 -7.60 -3.09 -5.62
N PRO A 71 -7.43 -4.33 -5.16
CA PRO A 71 -7.14 -5.49 -6.03
C PRO A 71 -8.20 -5.78 -7.09
N PHE A 72 -9.43 -5.37 -6.86
CA PHE A 72 -10.46 -5.74 -7.78
C PHE A 72 -10.85 -4.62 -8.69
N THR A 73 -11.04 -3.49 -8.12
CA THR A 73 -11.55 -2.35 -8.84
C THR A 73 -10.41 -1.57 -9.47
N LEU A 74 -9.21 -1.83 -8.97
CA LEU A 74 -7.99 -1.20 -9.42
C LEU A 74 -7.98 0.28 -9.09
N ALA A 75 -8.84 0.67 -8.17
CA ALA A 75 -8.94 2.02 -7.74
C ALA A 75 -7.88 2.32 -6.73
N TYR A 76 -7.29 3.44 -6.85
CA TYR A 76 -6.26 3.86 -5.97
C TYR A 76 -6.83 4.73 -4.91
N VAL A 77 -6.29 4.61 -3.75
CA VAL A 77 -6.63 5.46 -2.66
C VAL A 77 -5.84 6.74 -2.86
N GLU A 78 -6.54 7.73 -3.33
CA GLU A 78 -5.97 9.01 -3.66
C GLU A 78 -6.41 10.01 -2.61
N ASP A 79 -6.93 9.44 -1.55
CA ASP A 79 -7.39 10.10 -0.39
C ASP A 79 -6.23 10.51 0.45
N SER A 80 -6.48 11.46 1.27
CA SER A 80 -5.56 11.94 2.22
C SER A 80 -5.62 11.08 3.46
N PHE A 81 -6.81 10.69 3.81
CA PHE A 81 -7.05 9.85 4.93
C PHE A 81 -7.92 8.67 4.52
N LEU A 82 -7.80 7.63 5.27
CA LEU A 82 -8.55 6.42 5.04
C LEU A 82 -9.84 6.47 5.80
N THR A 83 -10.82 5.87 5.25
CA THR A 83 -12.06 5.77 5.90
C THR A 83 -12.13 4.38 6.52
N PRO A 84 -12.87 4.19 7.62
CA PRO A 84 -13.08 2.86 8.22
C PRO A 84 -13.68 1.92 7.19
N GLU A 85 -14.51 2.48 6.33
CA GLU A 85 -15.11 1.78 5.22
C GLU A 85 -14.04 1.22 4.29
N ARG A 86 -13.05 2.07 3.92
CA ARG A 86 -11.95 1.61 3.10
C ARG A 86 -11.15 0.52 3.77
N LEU A 87 -11.02 0.62 5.07
CA LEU A 87 -10.34 -0.39 5.85
C LEU A 87 -11.10 -1.72 5.78
N VAL A 88 -12.38 -1.66 6.03
CA VAL A 88 -13.24 -2.79 5.99
C VAL A 88 -13.32 -3.43 4.62
N GLU A 89 -13.43 -2.60 3.63
CA GLU A 89 -13.37 -3.02 2.24
C GLU A 89 -12.03 -3.71 1.95
N ALA A 90 -11.00 -3.27 2.62
CA ALA A 90 -9.66 -3.82 2.43
C ALA A 90 -9.43 -5.13 3.18
N GLU A 91 -9.89 -5.26 4.46
CA GLU A 91 -9.74 -6.51 5.20
C GLU A 91 -10.26 -7.73 4.46
N LYS A 92 -11.19 -7.48 3.56
CA LYS A 92 -11.73 -8.48 2.66
C LYS A 92 -10.64 -9.21 1.88
N SER A 93 -9.60 -8.49 1.49
CA SER A 93 -8.50 -9.09 0.79
C SER A 93 -7.11 -8.50 1.15
N TYR A 94 -6.75 -7.40 0.54
CA TYR A 94 -5.46 -6.75 0.75
C TYR A 94 -5.51 -5.32 0.17
N PHE A 95 -4.40 -4.63 0.27
CA PHE A 95 -4.14 -3.36 -0.42
C PHE A 95 -2.96 -3.58 -1.33
N ILE A 96 -2.90 -2.90 -2.43
CA ILE A 96 -1.72 -3.01 -3.29
C ILE A 96 -1.00 -1.67 -3.35
N LEU A 97 0.05 -1.56 -2.60
CA LEU A 97 0.85 -0.36 -2.53
C LEU A 97 1.76 -0.32 -3.74
N ARG A 98 1.40 0.51 -4.69
CA ARG A 98 2.12 0.59 -5.95
C ARG A 98 2.52 1.99 -6.21
N MET A 99 3.46 2.15 -7.10
CA MET A 99 3.74 3.43 -7.64
C MET A 99 2.67 3.69 -8.66
N LYS A 100 2.10 4.84 -8.62
CA LYS A 100 1.06 5.22 -9.52
C LYS A 100 1.63 5.29 -10.94
N PRO A 101 0.78 5.09 -11.97
CA PRO A 101 1.22 5.05 -13.37
C PRO A 101 2.00 6.28 -13.78
N HIS A 102 3.24 6.06 -14.01
CA HIS A 102 4.19 7.05 -14.44
C HIS A 102 5.02 6.50 -15.56
N ALA A 103 5.42 7.37 -16.44
CA ALA A 103 6.21 7.06 -17.59
C ALA A 103 6.63 8.38 -18.16
N ILE A 104 7.32 8.38 -19.28
CA ILE A 104 7.67 9.58 -19.91
C ILE A 104 6.42 10.21 -20.50
N ALA A 105 6.34 11.54 -20.40
CA ALA A 105 5.19 12.32 -20.74
C ALA A 105 4.10 12.05 -19.73
N ASP A 106 4.37 12.54 -18.56
CA ASP A 106 3.56 12.31 -17.39
C ASP A 106 2.68 13.50 -17.10
N ARG A 107 1.64 13.54 -17.81
CA ARG A 107 0.61 14.51 -17.60
C ARG A 107 -0.52 13.87 -16.79
N GLY A 1 -15.10 6.75 11.60
CA GLY A 1 -14.94 7.78 12.63
C GLY A 1 -13.54 7.75 13.19
N ALA A 2 -13.17 8.80 13.89
CA ALA A 2 -11.85 8.87 14.51
C ALA A 2 -11.93 8.31 15.92
N HIS A 3 -10.91 8.58 16.74
CA HIS A 3 -10.81 8.13 18.13
C HIS A 3 -10.98 6.61 18.26
N MET A 4 -10.01 5.90 17.70
CA MET A 4 -10.00 4.44 17.63
C MET A 4 -11.05 4.01 16.62
N GLY A 5 -10.70 4.16 15.35
CA GLY A 5 -11.64 3.86 14.28
C GLY A 5 -11.66 2.39 13.86
N GLY A 6 -10.94 1.56 14.58
CA GLY A 6 -10.88 0.16 14.25
C GLY A 6 -9.69 -0.13 13.39
N SER A 7 -8.51 -0.10 13.99
CA SER A 7 -7.30 -0.30 13.24
C SER A 7 -7.14 -1.75 12.84
N MET A 8 -6.85 -1.94 11.59
CA MET A 8 -6.81 -3.24 10.98
C MET A 8 -5.42 -3.59 10.53
N LYS A 9 -5.05 -4.82 10.70
CA LYS A 9 -3.78 -5.29 10.23
C LYS A 9 -4.04 -6.02 8.90
N ILE A 10 -3.86 -5.29 7.85
CA ILE A 10 -4.20 -5.70 6.51
C ILE A 10 -2.96 -6.00 5.72
N ARG A 11 -3.00 -7.06 4.93
CA ARG A 11 -1.94 -7.36 4.03
C ARG A 11 -1.90 -6.38 2.91
N VAL A 12 -0.76 -5.91 2.68
CA VAL A 12 -0.51 -4.98 1.68
C VAL A 12 0.45 -5.56 0.71
N GLU A 13 0.13 -5.65 -0.54
CA GLU A 13 1.14 -6.02 -1.47
C GLU A 13 1.94 -4.77 -1.76
N LEU A 14 3.13 -4.91 -2.22
CA LEU A 14 3.93 -3.77 -2.60
C LEU A 14 4.53 -3.96 -3.97
N ILE A 15 4.43 -2.94 -4.82
CA ILE A 15 5.16 -2.95 -6.07
C ILE A 15 6.27 -1.89 -5.97
N ASN A 16 7.49 -2.33 -5.98
CA ASN A 16 8.64 -1.44 -5.98
C ASN A 16 9.35 -1.56 -7.31
N GLY A 17 8.66 -2.19 -8.18
CA GLY A 17 9.12 -2.52 -9.49
C GLY A 17 8.51 -3.83 -9.85
N ASN A 18 8.89 -4.42 -10.93
CA ASN A 18 8.35 -5.72 -11.32
C ASN A 18 9.47 -6.70 -11.53
N GLU A 19 10.66 -6.20 -11.38
CA GLU A 19 11.85 -6.89 -11.70
C GLU A 19 12.34 -7.73 -10.54
N HIS A 20 12.97 -8.85 -10.88
CA HIS A 20 13.62 -9.76 -9.93
C HIS A 20 12.68 -10.56 -9.07
N ARG A 21 11.47 -10.67 -9.50
CA ARG A 21 10.50 -11.48 -8.79
C ARG A 21 9.87 -12.45 -9.74
N THR A 22 10.64 -13.35 -10.22
CA THR A 22 10.13 -14.31 -11.13
C THR A 22 9.75 -15.57 -10.40
N SER A 23 8.52 -15.60 -9.94
CA SER A 23 7.98 -16.73 -9.29
C SER A 23 7.65 -17.81 -10.34
N SER A 24 8.59 -18.72 -10.55
CA SER A 24 8.45 -19.76 -11.55
C SER A 24 7.85 -21.02 -10.91
N THR A 25 7.64 -20.93 -9.63
CA THR A 25 7.05 -21.97 -8.84
C THR A 25 5.51 -21.93 -9.00
N PRO A 26 4.75 -22.93 -8.47
CA PRO A 26 3.26 -22.91 -8.48
C PRO A 26 2.69 -21.84 -7.51
N GLN A 27 3.20 -20.64 -7.67
CA GLN A 27 2.98 -19.52 -6.91
C GLN A 27 3.04 -18.37 -7.86
N GLN A 28 1.94 -18.15 -8.48
CA GLN A 28 1.74 -17.06 -9.46
C GLN A 28 2.41 -15.74 -9.01
N PRO A 29 3.14 -15.07 -9.93
CA PRO A 29 3.90 -13.83 -9.64
C PRO A 29 3.02 -12.59 -9.45
N GLN A 30 1.81 -12.83 -9.06
CA GLN A 30 0.87 -11.82 -8.75
C GLN A 30 0.98 -11.47 -7.30
N GLN A 31 1.67 -12.32 -6.58
CA GLN A 31 1.97 -12.08 -5.21
C GLN A 31 3.29 -11.39 -5.18
N ASN A 32 3.38 -10.46 -4.34
CA ASN A 32 4.44 -9.56 -4.24
C ASN A 32 4.95 -9.56 -2.82
N PRO A 33 6.01 -8.78 -2.50
CA PRO A 33 6.37 -8.50 -1.12
C PRO A 33 5.15 -7.91 -0.41
N SER A 34 4.83 -8.42 0.74
CA SER A 34 3.63 -8.04 1.42
C SER A 34 3.88 -7.91 2.92
N VAL A 35 3.00 -7.22 3.59
CA VAL A 35 3.07 -6.99 5.01
C VAL A 35 1.68 -6.81 5.53
N SER A 36 1.45 -7.20 6.72
CA SER A 36 0.22 -6.97 7.33
C SER A 36 0.40 -5.71 8.18
N HIS A 37 -0.14 -4.63 7.70
CA HIS A 37 0.08 -3.34 8.22
C HIS A 37 -1.16 -2.84 8.91
N ILE A 38 -0.95 -2.07 9.94
CA ILE A 38 -1.99 -1.49 10.81
C ILE A 38 -2.50 -0.21 10.09
N PHE A 39 -3.68 -0.26 9.63
CA PHE A 39 -4.31 0.83 9.00
C PHE A 39 -5.43 1.28 9.87
N ASP A 40 -5.69 2.54 9.79
CA ASP A 40 -6.71 3.19 10.54
C ASP A 40 -7.20 4.34 9.69
N GLY A 41 -8.00 5.19 10.27
CA GLY A 41 -8.56 6.32 9.56
C GLY A 41 -8.18 7.60 10.23
N GLU A 42 -7.22 7.51 11.11
CA GLU A 42 -6.81 8.57 11.93
C GLU A 42 -5.47 9.13 11.44
N THR A 43 -4.64 8.25 10.96
CA THR A 43 -3.41 8.57 10.38
C THR A 43 -3.61 8.70 8.87
N ALA A 44 -3.05 9.75 8.30
CA ALA A 44 -3.08 9.99 6.87
C ALA A 44 -2.55 8.81 6.10
N VAL A 45 -3.06 8.67 4.90
CA VAL A 45 -2.68 7.61 3.99
C VAL A 45 -1.18 7.61 3.79
N LYS A 46 -0.68 8.78 3.39
CA LYS A 46 0.74 8.96 3.09
C LYS A 46 1.64 8.62 4.27
N ASP A 47 1.13 8.79 5.46
CA ASP A 47 1.89 8.42 6.63
C ASP A 47 1.91 6.92 6.80
N HIS A 48 0.79 6.27 6.47
CA HIS A 48 0.73 4.82 6.45
C HIS A 48 1.73 4.33 5.38
N ILE A 49 1.78 5.07 4.30
CA ILE A 49 2.65 4.80 3.18
C ILE A 49 4.11 5.01 3.54
N LYS A 50 4.45 6.10 4.25
CA LYS A 50 5.84 6.29 4.71
C LYS A 50 6.30 5.11 5.57
N VAL A 51 5.37 4.55 6.33
CA VAL A 51 5.65 3.38 7.14
C VAL A 51 5.88 2.17 6.26
N LEU A 52 4.93 1.88 5.40
CA LEU A 52 5.04 0.78 4.47
C LEU A 52 6.30 0.85 3.66
N LEU A 53 6.58 2.01 3.08
CA LEU A 53 7.78 2.21 2.30
C LEU A 53 8.99 1.90 3.14
N THR A 54 9.03 2.43 4.33
CA THR A 54 10.06 2.17 5.23
C THR A 54 10.20 0.70 5.62
N HIS A 55 9.11 0.01 5.79
CA HIS A 55 9.13 -1.39 6.08
C HIS A 55 9.59 -2.21 4.86
N PHE A 56 9.17 -1.80 3.68
CA PHE A 56 9.61 -2.42 2.45
C PHE A 56 11.01 -1.95 2.05
N LYS A 57 11.49 -0.94 2.76
CA LYS A 57 12.84 -0.37 2.62
C LYS A 57 12.99 0.48 1.35
N ILE A 58 11.95 1.23 1.08
CA ILE A 58 11.84 2.16 0.03
C ILE A 58 11.86 3.57 0.65
N PRO A 59 12.54 4.55 0.04
CA PRO A 59 12.54 5.92 0.54
C PRO A 59 11.15 6.50 0.57
N VAL A 60 10.85 7.13 1.68
CA VAL A 60 9.59 7.77 1.90
C VAL A 60 9.32 8.90 0.94
N ASP A 61 10.34 9.29 0.18
CA ASP A 61 10.20 10.35 -0.82
C ASP A 61 9.33 9.89 -1.98
N LYS A 62 9.14 8.58 -2.04
CA LYS A 62 8.36 7.99 -3.07
C LYS A 62 6.89 7.90 -2.67
N VAL A 63 6.58 8.27 -1.41
CA VAL A 63 5.20 8.36 -0.82
C VAL A 63 4.30 9.16 -1.76
N SER A 64 4.93 10.07 -2.46
CA SER A 64 4.38 10.89 -3.51
C SER A 64 3.71 10.02 -4.57
N SER A 65 4.46 9.05 -5.03
CA SER A 65 4.12 8.25 -6.13
C SER A 65 3.52 6.93 -5.69
N TYR A 66 3.27 6.78 -4.42
CA TYR A 66 2.73 5.54 -3.93
C TYR A 66 1.31 5.70 -3.53
N ALA A 67 0.56 4.67 -3.78
CA ALA A 67 -0.82 4.65 -3.51
C ALA A 67 -1.28 3.26 -3.20
N LEU A 68 -2.23 3.18 -2.30
CA LEU A 68 -2.86 1.97 -1.94
C LEU A 68 -3.92 1.68 -2.99
N GLN A 69 -3.92 0.53 -3.55
CA GLN A 69 -4.84 0.20 -4.59
C GLN A 69 -5.74 -0.95 -4.15
N ASN A 70 -6.94 -0.95 -4.67
CA ASN A 70 -7.93 -2.01 -4.46
C ASN A 70 -7.62 -3.16 -5.43
N PRO A 71 -7.60 -4.41 -4.95
CA PRO A 71 -7.30 -5.59 -5.79
C PRO A 71 -8.36 -5.93 -6.85
N PHE A 72 -9.58 -5.42 -6.70
CA PHE A 72 -10.61 -5.78 -7.65
C PHE A 72 -10.93 -4.65 -8.61
N THR A 73 -10.96 -3.46 -8.11
CA THR A 73 -11.34 -2.32 -8.93
C THR A 73 -10.13 -1.62 -9.49
N LEU A 74 -8.99 -1.87 -8.86
CA LEU A 74 -7.72 -1.25 -9.19
C LEU A 74 -7.75 0.26 -8.94
N ALA A 75 -8.65 0.68 -8.08
CA ALA A 75 -8.76 2.06 -7.72
C ALA A 75 -7.76 2.40 -6.66
N TYR A 76 -7.19 3.54 -6.78
CA TYR A 76 -6.19 3.99 -5.86
C TYR A 76 -6.80 4.83 -4.80
N VAL A 77 -6.27 4.71 -3.63
CA VAL A 77 -6.64 5.55 -2.55
C VAL A 77 -5.89 6.85 -2.75
N GLU A 78 -6.61 7.84 -3.23
CA GLU A 78 -6.05 9.13 -3.52
C GLU A 78 -6.45 10.10 -2.45
N ASP A 79 -6.94 9.50 -1.40
CA ASP A 79 -7.39 10.13 -0.22
C ASP A 79 -6.21 10.56 0.59
N SER A 80 -6.45 11.50 1.40
CA SER A 80 -5.52 12.00 2.33
C SER A 80 -5.52 11.13 3.55
N PHE A 81 -6.69 10.69 3.94
CA PHE A 81 -6.90 9.85 5.05
C PHE A 81 -7.77 8.69 4.62
N LEU A 82 -7.56 7.55 5.22
CA LEU A 82 -8.36 6.38 4.93
C LEU A 82 -9.67 6.46 5.65
N THR A 83 -10.63 5.79 5.11
CA THR A 83 -11.89 5.68 5.73
C THR A 83 -11.98 4.28 6.33
N PRO A 84 -12.74 4.10 7.41
CA PRO A 84 -12.97 2.76 7.98
C PRO A 84 -13.59 1.85 6.92
N GLU A 85 -14.37 2.45 6.04
CA GLU A 85 -14.95 1.79 4.90
C GLU A 85 -13.87 1.16 4.02
N ARG A 86 -12.85 1.94 3.70
CA ARG A 86 -11.73 1.46 2.94
C ARG A 86 -10.99 0.36 3.65
N LEU A 87 -10.89 0.49 4.96
CA LEU A 87 -10.26 -0.53 5.78
C LEU A 87 -11.05 -1.82 5.71
N VAL A 88 -12.35 -1.70 5.90
CA VAL A 88 -13.23 -2.80 5.86
C VAL A 88 -13.27 -3.51 4.52
N GLU A 89 -13.37 -2.75 3.48
CA GLU A 89 -13.24 -3.28 2.15
C GLU A 89 -11.89 -3.93 1.92
N ALA A 90 -10.89 -3.39 2.53
CA ALA A 90 -9.54 -3.93 2.39
C ALA A 90 -9.34 -5.24 3.16
N GLU A 91 -9.83 -5.33 4.41
CA GLU A 91 -9.76 -6.59 5.16
C GLU A 91 -10.35 -7.79 4.45
N LYS A 92 -11.29 -7.51 3.59
CA LYS A 92 -11.91 -8.50 2.71
C LYS A 92 -10.88 -9.24 1.87
N SER A 93 -9.79 -8.56 1.54
CA SER A 93 -8.71 -9.16 0.83
C SER A 93 -7.33 -8.63 1.29
N TYR A 94 -6.90 -7.53 0.69
CA TYR A 94 -5.62 -6.89 0.92
C TYR A 94 -5.64 -5.50 0.28
N PHE A 95 -4.55 -4.78 0.44
CA PHE A 95 -4.24 -3.54 -0.28
C PHE A 95 -3.04 -3.82 -1.16
N ILE A 96 -2.82 -3.03 -2.17
CA ILE A 96 -1.56 -3.07 -2.90
C ILE A 96 -0.97 -1.68 -2.77
N LEU A 97 0.29 -1.58 -2.62
CA LEU A 97 0.95 -0.33 -2.46
C LEU A 97 1.83 -0.19 -3.69
N ARG A 98 1.37 0.54 -4.66
CA ARG A 98 2.07 0.61 -5.92
C ARG A 98 2.54 1.98 -6.16
N MET A 99 3.48 2.08 -7.04
CA MET A 99 3.81 3.33 -7.58
C MET A 99 2.74 3.60 -8.60
N LYS A 100 2.24 4.77 -8.59
CA LYS A 100 1.23 5.15 -9.50
C LYS A 100 1.85 5.24 -10.89
N PRO A 101 1.20 4.68 -11.90
CA PRO A 101 1.68 4.66 -13.28
C PRO A 101 2.04 6.04 -13.82
N HIS A 102 3.29 6.21 -14.15
CA HIS A 102 3.80 7.44 -14.70
C HIS A 102 4.69 7.12 -15.87
N ALA A 103 4.99 8.15 -16.67
CA ALA A 103 5.86 8.09 -17.84
C ALA A 103 5.31 7.20 -18.94
N ILE A 104 5.89 7.30 -20.11
CA ILE A 104 5.52 6.50 -21.20
C ILE A 104 6.23 5.16 -21.10
N ALA A 105 5.47 4.13 -20.91
CA ALA A 105 6.00 2.80 -20.89
C ALA A 105 6.18 2.36 -22.33
N ASP A 106 7.06 1.42 -22.56
CA ASP A 106 7.34 0.96 -23.91
C ASP A 106 6.30 -0.03 -24.38
N ARG A 107 5.12 0.48 -24.52
CA ARG A 107 3.97 -0.22 -25.00
C ARG A 107 3.12 0.74 -25.76
N GLY A 1 -19.50 1.25 12.49
CA GLY A 1 -18.36 0.80 11.70
C GLY A 1 -17.07 0.99 12.46
N ALA A 2 -16.20 -0.02 12.39
CA ALA A 2 -14.87 -0.05 12.99
C ALA A 2 -14.88 0.00 14.51
N HIS A 3 -15.10 -1.15 15.09
CA HIS A 3 -15.04 -1.36 16.53
C HIS A 3 -14.39 -2.71 16.77
N MET A 4 -13.99 -2.99 18.01
CA MET A 4 -13.31 -4.26 18.38
C MET A 4 -12.01 -4.41 17.59
N GLY A 5 -11.45 -3.29 17.28
CA GLY A 5 -10.27 -3.22 16.48
C GLY A 5 -10.56 -2.39 15.27
N GLY A 6 -10.44 -1.09 15.46
CA GLY A 6 -10.74 -0.14 14.41
C GLY A 6 -9.62 -0.08 13.42
N SER A 7 -8.43 -0.25 13.91
CA SER A 7 -7.28 -0.31 13.08
C SER A 7 -7.11 -1.74 12.60
N MET A 8 -6.86 -1.87 11.34
CA MET A 8 -6.86 -3.15 10.69
C MET A 8 -5.51 -3.57 10.30
N LYS A 9 -5.23 -4.83 10.44
CA LYS A 9 -3.97 -5.33 9.97
C LYS A 9 -4.24 -6.04 8.64
N ILE A 10 -4.02 -5.30 7.60
CA ILE A 10 -4.32 -5.69 6.26
C ILE A 10 -3.07 -6.04 5.51
N ARG A 11 -3.14 -7.08 4.69
CA ARG A 11 -2.03 -7.37 3.86
C ARG A 11 -1.89 -6.37 2.80
N VAL A 12 -0.75 -5.94 2.61
CA VAL A 12 -0.47 -5.04 1.62
C VAL A 12 0.47 -5.67 0.66
N GLU A 13 0.15 -5.75 -0.60
CA GLU A 13 1.18 -6.10 -1.49
C GLU A 13 1.93 -4.87 -1.84
N LEU A 14 3.17 -5.00 -2.08
CA LEU A 14 3.99 -3.88 -2.52
C LEU A 14 4.49 -4.12 -3.91
N ILE A 15 4.39 -3.09 -4.74
CA ILE A 15 5.05 -3.14 -6.03
C ILE A 15 6.27 -2.20 -6.00
N ASN A 16 7.42 -2.78 -6.18
CA ASN A 16 8.63 -2.08 -6.40
C ASN A 16 9.63 -3.11 -6.82
N GLY A 17 9.64 -3.36 -8.08
CA GLY A 17 10.56 -4.28 -8.64
C GLY A 17 9.88 -5.33 -9.46
N ASN A 18 9.19 -4.90 -10.51
CA ASN A 18 8.48 -5.82 -11.37
C ASN A 18 9.47 -6.43 -12.30
N GLU A 19 10.43 -5.62 -12.64
CA GLU A 19 11.52 -5.96 -13.49
C GLU A 19 12.48 -6.83 -12.68
N HIS A 20 12.16 -8.11 -12.57
CA HIS A 20 12.89 -9.08 -11.75
C HIS A 20 12.80 -8.80 -10.27
N ARG A 21 12.05 -9.63 -9.60
CA ARG A 21 11.87 -9.51 -8.18
C ARG A 21 13.13 -10.04 -7.52
N THR A 22 13.61 -9.34 -6.51
CA THR A 22 14.84 -9.64 -5.77
C THR A 22 16.07 -9.57 -6.71
N SER A 23 17.15 -10.15 -6.28
CA SER A 23 18.34 -10.25 -7.07
C SER A 23 18.54 -11.75 -7.38
N SER A 24 17.44 -12.48 -7.21
CA SER A 24 17.39 -13.91 -7.35
C SER A 24 18.19 -14.60 -6.27
N THR A 25 17.57 -14.68 -5.16
CA THR A 25 18.08 -15.26 -3.97
C THR A 25 17.22 -16.46 -3.60
N PRO A 26 17.66 -17.32 -2.66
CA PRO A 26 16.86 -18.49 -2.21
C PRO A 26 15.71 -18.08 -1.27
N GLN A 27 15.17 -16.91 -1.51
CA GLN A 27 14.11 -16.35 -0.74
C GLN A 27 12.80 -16.55 -1.44
N GLN A 28 12.94 -17.15 -2.58
CA GLN A 28 11.90 -17.45 -3.56
C GLN A 28 10.93 -16.27 -3.86
N PRO A 29 11.16 -15.56 -4.97
CA PRO A 29 10.34 -14.39 -5.36
C PRO A 29 9.00 -14.79 -6.04
N GLN A 30 8.34 -15.80 -5.48
CA GLN A 30 7.11 -16.33 -6.03
C GLN A 30 5.98 -15.34 -5.90
N GLN A 31 6.00 -14.61 -4.82
CA GLN A 31 5.00 -13.61 -4.54
C GLN A 31 5.59 -12.24 -4.68
N ASN A 32 4.83 -11.25 -4.31
CA ASN A 32 5.30 -9.92 -4.21
C ASN A 32 5.63 -9.71 -2.74
N PRO A 33 6.48 -8.75 -2.41
CA PRO A 33 6.71 -8.38 -1.02
C PRO A 33 5.38 -7.94 -0.38
N SER A 34 5.07 -8.46 0.79
CA SER A 34 3.81 -8.13 1.41
C SER A 34 4.02 -7.93 2.90
N VAL A 35 3.10 -7.27 3.53
CA VAL A 35 3.14 -7.03 4.94
C VAL A 35 1.74 -6.91 5.44
N SER A 36 1.51 -7.26 6.64
CA SER A 36 0.27 -7.07 7.24
C SER A 36 0.43 -5.80 8.08
N HIS A 37 -0.18 -4.74 7.62
CA HIS A 37 0.03 -3.44 8.17
C HIS A 37 -1.24 -2.93 8.85
N ILE A 38 -1.04 -2.18 9.90
CA ILE A 38 -2.08 -1.58 10.76
C ILE A 38 -2.54 -0.26 10.05
N PHE A 39 -3.73 -0.27 9.56
CA PHE A 39 -4.31 0.87 8.94
C PHE A 39 -5.43 1.41 9.78
N ASP A 40 -5.57 2.69 9.78
CA ASP A 40 -6.58 3.40 10.51
C ASP A 40 -6.96 4.61 9.68
N GLY A 41 -7.70 5.53 10.25
CA GLY A 41 -8.18 6.66 9.49
C GLY A 41 -7.69 7.97 10.06
N GLU A 42 -7.09 7.88 11.23
CA GLU A 42 -6.61 9.01 11.93
C GLU A 42 -5.25 9.43 11.42
N THR A 43 -4.54 8.48 10.90
CA THR A 43 -3.31 8.68 10.29
C THR A 43 -3.53 8.82 8.80
N ALA A 44 -2.98 9.87 8.21
CA ALA A 44 -3.02 10.09 6.79
C ALA A 44 -2.49 8.89 6.04
N VAL A 45 -3.03 8.70 4.87
CA VAL A 45 -2.66 7.63 3.98
C VAL A 45 -1.17 7.63 3.76
N LYS A 46 -0.67 8.79 3.35
CA LYS A 46 0.74 8.98 3.02
C LYS A 46 1.66 8.57 4.17
N ASP A 47 1.20 8.75 5.36
CA ASP A 47 1.97 8.43 6.51
C ASP A 47 1.95 6.96 6.79
N HIS A 48 0.83 6.32 6.50
CA HIS A 48 0.74 4.86 6.50
C HIS A 48 1.72 4.33 5.43
N ILE A 49 1.75 5.04 4.33
CA ILE A 49 2.59 4.75 3.20
C ILE A 49 4.06 4.92 3.52
N LYS A 50 4.45 5.98 4.22
CA LYS A 50 5.84 6.15 4.66
C LYS A 50 6.30 4.93 5.47
N VAL A 51 5.39 4.40 6.29
CA VAL A 51 5.66 3.23 7.10
C VAL A 51 5.86 2.02 6.22
N LEU A 52 4.90 1.76 5.36
CA LEU A 52 4.99 0.67 4.41
C LEU A 52 6.25 0.76 3.60
N LEU A 53 6.54 1.94 3.07
CA LEU A 53 7.74 2.17 2.32
C LEU A 53 8.95 1.81 3.14
N THR A 54 9.00 2.31 4.36
CA THR A 54 10.04 2.02 5.26
C THR A 54 10.18 0.53 5.60
N HIS A 55 9.09 -0.15 5.72
CA HIS A 55 9.09 -1.57 5.98
C HIS A 55 9.47 -2.37 4.72
N PHE A 56 9.16 -1.84 3.57
CA PHE A 56 9.56 -2.42 2.30
C PHE A 56 10.93 -1.93 1.85
N LYS A 57 11.51 -1.11 2.67
CA LYS A 57 12.84 -0.53 2.51
C LYS A 57 12.93 0.44 1.34
N ILE A 58 11.92 1.23 1.20
CA ILE A 58 11.81 2.24 0.23
C ILE A 58 11.87 3.60 0.93
N PRO A 59 12.60 4.57 0.41
CA PRO A 59 12.60 5.95 0.93
C PRO A 59 11.21 6.52 0.92
N VAL A 60 10.86 7.15 2.01
CA VAL A 60 9.58 7.74 2.18
C VAL A 60 9.31 8.88 1.21
N ASP A 61 10.34 9.31 0.48
CA ASP A 61 10.19 10.40 -0.48
C ASP A 61 9.37 9.96 -1.67
N LYS A 62 9.19 8.67 -1.79
CA LYS A 62 8.44 8.12 -2.84
C LYS A 62 6.96 8.03 -2.50
N VAL A 63 6.63 8.37 -1.25
CA VAL A 63 5.24 8.45 -0.67
C VAL A 63 4.32 9.27 -1.59
N SER A 64 4.93 10.21 -2.26
CA SER A 64 4.32 11.05 -3.25
C SER A 64 3.70 10.19 -4.36
N SER A 65 4.47 9.22 -4.80
CA SER A 65 4.14 8.39 -5.90
C SER A 65 3.63 7.04 -5.46
N TYR A 66 3.28 6.89 -4.22
CA TYR A 66 2.76 5.65 -3.75
C TYR A 66 1.34 5.77 -3.32
N ALA A 67 0.59 4.74 -3.56
CA ALA A 67 -0.79 4.70 -3.20
C ALA A 67 -1.25 3.28 -3.09
N LEU A 68 -2.28 3.11 -2.33
CA LEU A 68 -2.89 1.84 -2.11
C LEU A 68 -3.89 1.61 -3.22
N GLN A 69 -3.91 0.46 -3.80
CA GLN A 69 -4.85 0.15 -4.85
C GLN A 69 -5.69 -1.02 -4.41
N ASN A 70 -6.91 -1.05 -4.88
CA ASN A 70 -7.83 -2.13 -4.65
C ASN A 70 -7.51 -3.23 -5.64
N PRO A 71 -7.38 -4.47 -5.19
CA PRO A 71 -7.05 -5.60 -6.06
C PRO A 71 -8.12 -5.96 -7.10
N PHE A 72 -9.37 -5.65 -6.83
CA PHE A 72 -10.42 -6.08 -7.72
C PHE A 72 -10.89 -5.00 -8.63
N THR A 73 -11.08 -3.85 -8.10
CA THR A 73 -11.63 -2.73 -8.84
C THR A 73 -10.53 -1.94 -9.52
N LEU A 74 -9.30 -2.10 -9.01
CA LEU A 74 -8.11 -1.42 -9.51
C LEU A 74 -8.14 0.06 -9.19
N ALA A 75 -9.00 0.43 -8.26
CA ALA A 75 -9.11 1.79 -7.85
C ALA A 75 -8.01 2.12 -6.88
N TYR A 76 -7.45 3.27 -7.04
CA TYR A 76 -6.41 3.73 -6.16
C TYR A 76 -7.00 4.56 -5.07
N VAL A 77 -6.34 4.57 -3.97
CA VAL A 77 -6.72 5.39 -2.87
C VAL A 77 -5.95 6.68 -3.01
N GLU A 78 -6.64 7.69 -3.45
CA GLU A 78 -6.04 8.97 -3.75
C GLU A 78 -6.41 9.96 -2.70
N ASP A 79 -6.97 9.42 -1.66
CA ASP A 79 -7.42 10.12 -0.52
C ASP A 79 -6.28 10.50 0.36
N SER A 80 -6.53 11.46 1.17
CA SER A 80 -5.61 11.93 2.11
C SER A 80 -5.66 11.06 3.35
N PHE A 81 -6.85 10.68 3.71
CA PHE A 81 -7.09 9.86 4.83
C PHE A 81 -7.95 8.68 4.43
N LEU A 82 -7.84 7.64 5.21
CA LEU A 82 -8.57 6.42 5.01
C LEU A 82 -9.82 6.46 5.80
N THR A 83 -10.84 5.89 5.25
CA THR A 83 -12.05 5.77 5.96
C THR A 83 -12.05 4.41 6.64
N PRO A 84 -12.78 4.24 7.76
CA PRO A 84 -12.92 2.93 8.42
C PRO A 84 -13.51 1.94 7.42
N GLU A 85 -14.35 2.46 6.54
CA GLU A 85 -14.95 1.73 5.47
C GLU A 85 -13.90 1.17 4.53
N ARG A 86 -12.91 1.99 4.14
CA ARG A 86 -11.82 1.54 3.30
C ARG A 86 -11.07 0.41 3.94
N LEU A 87 -10.90 0.52 5.22
CA LEU A 87 -10.17 -0.45 5.99
C LEU A 87 -10.89 -1.78 5.97
N VAL A 88 -12.16 -1.72 6.18
CA VAL A 88 -13.02 -2.85 6.14
C VAL A 88 -13.13 -3.47 4.76
N GLU A 89 -13.31 -2.63 3.77
CA GLU A 89 -13.30 -3.06 2.38
C GLU A 89 -11.96 -3.69 2.00
N ALA A 90 -10.91 -3.24 2.64
CA ALA A 90 -9.58 -3.79 2.43
C ALA A 90 -9.36 -5.07 3.21
N GLU A 91 -9.91 -5.17 4.44
CA GLU A 91 -9.81 -6.39 5.25
C GLU A 91 -10.32 -7.59 4.48
N LYS A 92 -11.19 -7.35 3.52
CA LYS A 92 -11.72 -8.38 2.65
C LYS A 92 -10.59 -9.20 2.05
N SER A 93 -9.56 -8.51 1.61
CA SER A 93 -8.45 -9.16 0.96
C SER A 93 -7.08 -8.52 1.33
N TYR A 94 -6.70 -7.50 0.58
CA TYR A 94 -5.43 -6.81 0.74
C TYR A 94 -5.54 -5.40 0.15
N PHE A 95 -4.43 -4.68 0.22
CA PHE A 95 -4.20 -3.40 -0.45
C PHE A 95 -3.01 -3.60 -1.34
N ILE A 96 -2.94 -2.93 -2.45
CA ILE A 96 -1.77 -3.04 -3.29
C ILE A 96 -1.05 -1.68 -3.32
N LEU A 97 -0.01 -1.57 -2.55
CA LEU A 97 0.78 -0.36 -2.45
C LEU A 97 1.71 -0.29 -3.65
N ARG A 98 1.34 0.55 -4.57
CA ARG A 98 2.00 0.64 -5.84
C ARG A 98 2.50 2.02 -6.07
N MET A 99 3.42 2.13 -6.99
CA MET A 99 3.80 3.40 -7.45
C MET A 99 2.75 3.84 -8.44
N LYS A 100 2.26 5.01 -8.24
CA LYS A 100 1.28 5.60 -9.09
C LYS A 100 1.89 5.93 -10.43
N PRO A 101 1.18 5.61 -11.53
CA PRO A 101 1.60 5.95 -12.88
C PRO A 101 2.00 7.40 -12.97
N HIS A 102 3.27 7.60 -13.09
CA HIS A 102 3.87 8.88 -13.06
C HIS A 102 4.50 9.17 -14.37
N ALA A 103 4.21 10.33 -14.88
CA ALA A 103 4.74 10.78 -16.13
C ALA A 103 6.16 11.27 -15.94
N ILE A 104 6.93 11.30 -16.99
CA ILE A 104 8.26 11.75 -16.93
C ILE A 104 8.27 13.26 -16.73
N ALA A 105 8.81 13.68 -15.63
CA ALA A 105 8.94 15.08 -15.36
C ALA A 105 10.17 15.55 -16.06
N ASP A 106 10.03 16.56 -16.87
CA ASP A 106 11.14 17.09 -17.62
C ASP A 106 11.90 18.07 -16.79
N ARG A 107 12.62 17.48 -15.90
CA ARG A 107 13.50 18.15 -14.97
C ARG A 107 14.66 18.77 -15.70
N GLY A 1 -17.75 11.77 19.25
CA GLY A 1 -18.69 10.69 19.45
C GLY A 1 -18.83 9.86 18.20
N ALA A 2 -19.28 8.62 18.36
CA ALA A 2 -19.46 7.67 17.25
C ALA A 2 -18.17 7.49 16.46
N HIS A 3 -17.18 6.96 17.11
CA HIS A 3 -15.90 6.75 16.49
C HIS A 3 -15.93 5.49 15.68
N MET A 4 -16.08 5.64 14.40
CA MET A 4 -16.06 4.52 13.51
C MET A 4 -14.66 4.34 13.00
N GLY A 5 -14.01 3.35 13.52
CA GLY A 5 -12.67 3.09 13.13
C GLY A 5 -12.42 1.62 13.05
N GLY A 6 -11.62 1.12 13.97
CA GLY A 6 -11.29 -0.25 13.95
C GLY A 6 -10.07 -0.42 13.14
N SER A 7 -8.94 -0.25 13.74
CA SER A 7 -7.70 -0.38 13.01
C SER A 7 -7.49 -1.84 12.61
N MET A 8 -7.12 -2.01 11.37
CA MET A 8 -7.06 -3.30 10.75
C MET A 8 -5.68 -3.65 10.37
N LYS A 9 -5.31 -4.89 10.57
CA LYS A 9 -4.04 -5.36 10.12
C LYS A 9 -4.25 -6.04 8.77
N ILE A 10 -4.01 -5.28 7.74
CA ILE A 10 -4.29 -5.65 6.39
C ILE A 10 -3.02 -5.97 5.66
N ARG A 11 -3.05 -7.01 4.86
CA ARG A 11 -1.96 -7.32 3.99
C ARG A 11 -1.87 -6.33 2.91
N VAL A 12 -0.72 -5.88 2.69
CA VAL A 12 -0.48 -4.98 1.67
C VAL A 12 0.46 -5.62 0.69
N GLU A 13 0.09 -5.76 -0.57
CA GLU A 13 1.11 -6.14 -1.49
C GLU A 13 1.87 -4.90 -1.83
N LEU A 14 3.11 -5.04 -2.06
CA LEU A 14 3.94 -3.95 -2.50
C LEU A 14 4.49 -4.22 -3.88
N ILE A 15 4.37 -3.26 -4.75
CA ILE A 15 5.09 -3.32 -5.99
C ILE A 15 6.15 -2.23 -5.93
N ASN A 16 7.38 -2.61 -6.08
CA ASN A 16 8.45 -1.66 -6.10
C ASN A 16 9.37 -1.95 -7.26
N GLY A 17 8.82 -1.75 -8.42
CA GLY A 17 9.58 -1.92 -9.63
C GLY A 17 9.46 -3.31 -10.20
N ASN A 18 8.29 -3.65 -10.69
CA ASN A 18 8.05 -4.98 -11.21
C ASN A 18 8.44 -5.05 -12.63
N GLU A 19 8.61 -3.88 -13.22
CA GLU A 19 9.04 -3.75 -14.57
C GLU A 19 10.50 -4.08 -14.70
N HIS A 20 11.13 -4.09 -13.59
CA HIS A 20 12.55 -4.41 -13.47
C HIS A 20 12.78 -5.65 -12.64
N ARG A 21 11.77 -6.02 -11.83
CA ARG A 21 11.75 -7.22 -10.94
C ARG A 21 12.59 -7.01 -9.68
N THR A 22 13.52 -6.09 -9.77
CA THR A 22 14.43 -5.72 -8.70
C THR A 22 15.23 -6.90 -8.14
N SER A 23 16.15 -7.39 -8.98
CA SER A 23 17.03 -8.49 -8.66
C SER A 23 16.28 -9.82 -8.51
N SER A 24 17.02 -10.87 -8.26
CA SER A 24 16.45 -12.18 -8.05
C SER A 24 16.44 -12.50 -6.56
N THR A 25 16.52 -11.44 -5.80
CA THR A 25 16.53 -11.48 -4.37
C THR A 25 15.21 -12.04 -3.84
N PRO A 26 15.24 -12.72 -2.68
CA PRO A 26 14.07 -13.36 -2.13
C PRO A 26 13.06 -12.39 -1.50
N GLN A 27 12.11 -11.97 -2.28
CA GLN A 27 10.99 -11.19 -1.83
C GLN A 27 9.81 -12.09 -1.55
N GLN A 28 10.11 -13.34 -1.67
CA GLN A 28 9.24 -14.49 -1.51
C GLN A 28 8.18 -14.60 -2.61
N PRO A 29 8.42 -15.45 -3.62
CA PRO A 29 7.53 -15.61 -4.75
C PRO A 29 6.27 -16.41 -4.38
N GLN A 30 5.30 -15.68 -3.92
CA GLN A 30 4.00 -16.18 -3.60
C GLN A 30 3.05 -15.14 -4.14
N GLN A 31 3.24 -13.98 -3.64
CA GLN A 31 2.67 -12.77 -4.10
C GLN A 31 3.81 -11.82 -4.23
N ASN A 32 3.55 -10.56 -4.36
CA ASN A 32 4.59 -9.58 -4.31
C ASN A 32 4.97 -9.42 -2.83
N PRO A 33 6.09 -8.75 -2.48
CA PRO A 33 6.43 -8.47 -1.07
C PRO A 33 5.21 -7.90 -0.34
N SER A 34 4.91 -8.40 0.83
CA SER A 34 3.71 -7.99 1.50
C SER A 34 3.98 -7.77 2.97
N VAL A 35 3.08 -7.09 3.63
CA VAL A 35 3.14 -6.86 5.04
C VAL A 35 1.74 -6.75 5.55
N SER A 36 1.54 -7.15 6.75
CA SER A 36 0.30 -6.97 7.36
C SER A 36 0.44 -5.69 8.21
N HIS A 37 -0.18 -4.63 7.74
CA HIS A 37 0.00 -3.34 8.28
C HIS A 37 -1.28 -2.87 8.95
N ILE A 38 -1.10 -2.13 10.00
CA ILE A 38 -2.17 -1.59 10.86
C ILE A 38 -2.65 -0.30 10.14
N PHE A 39 -3.82 -0.31 9.65
CA PHE A 39 -4.38 0.82 9.02
C PHE A 39 -5.50 1.35 9.84
N ASP A 40 -5.60 2.65 9.84
CA ASP A 40 -6.60 3.38 10.53
C ASP A 40 -6.92 4.63 9.75
N GLY A 41 -7.97 5.24 10.11
CA GLY A 41 -8.39 6.46 9.47
C GLY A 41 -8.00 7.67 10.26
N GLU A 42 -7.07 7.49 11.15
CA GLU A 42 -6.66 8.50 12.02
C GLU A 42 -5.34 9.10 11.57
N THR A 43 -4.57 8.29 10.94
CA THR A 43 -3.37 8.65 10.36
C THR A 43 -3.58 8.85 8.86
N ALA A 44 -2.99 9.90 8.31
CA ALA A 44 -3.01 10.17 6.91
C ALA A 44 -2.47 8.99 6.14
N VAL A 45 -3.02 8.80 4.96
CA VAL A 45 -2.66 7.73 4.07
C VAL A 45 -1.17 7.75 3.83
N LYS A 46 -0.67 8.90 3.40
CA LYS A 46 0.75 9.07 3.06
C LYS A 46 1.66 8.69 4.21
N ASP A 47 1.19 8.87 5.40
CA ASP A 47 1.95 8.54 6.57
C ASP A 47 1.96 7.05 6.80
N HIS A 48 0.85 6.40 6.51
CA HIS A 48 0.79 4.94 6.51
C HIS A 48 1.76 4.43 5.43
N ILE A 49 1.76 5.13 4.32
CA ILE A 49 2.62 4.84 3.19
C ILE A 49 4.09 5.05 3.53
N LYS A 50 4.44 6.14 4.23
CA LYS A 50 5.83 6.33 4.66
C LYS A 50 6.31 5.15 5.51
N VAL A 51 5.41 4.58 6.30
CA VAL A 51 5.71 3.40 7.10
C VAL A 51 5.92 2.20 6.21
N LEU A 52 4.95 1.91 5.37
CA LEU A 52 5.03 0.79 4.44
C LEU A 52 6.28 0.87 3.61
N LEU A 53 6.57 2.05 3.06
CA LEU A 53 7.76 2.25 2.29
C LEU A 53 8.97 1.90 3.11
N THR A 54 9.03 2.41 4.32
CA THR A 54 10.07 2.12 5.21
C THR A 54 10.22 0.63 5.53
N HIS A 55 9.12 -0.05 5.69
CA HIS A 55 9.13 -1.46 5.95
C HIS A 55 9.54 -2.27 4.70
N PHE A 56 9.24 -1.74 3.54
CA PHE A 56 9.64 -2.33 2.28
C PHE A 56 11.01 -1.83 1.82
N LYS A 57 11.60 -1.01 2.65
CA LYS A 57 12.95 -0.44 2.46
C LYS A 57 13.03 0.55 1.29
N ILE A 58 11.94 1.24 1.09
CA ILE A 58 11.79 2.24 0.09
C ILE A 58 11.84 3.59 0.78
N PRO A 59 12.53 4.58 0.21
CA PRO A 59 12.53 5.93 0.76
C PRO A 59 11.14 6.52 0.78
N VAL A 60 10.84 7.15 1.87
CA VAL A 60 9.58 7.80 2.08
C VAL A 60 9.33 8.94 1.12
N ASP A 61 10.34 9.32 0.37
CA ASP A 61 10.22 10.39 -0.61
C ASP A 61 9.37 9.95 -1.79
N LYS A 62 9.18 8.64 -1.91
CA LYS A 62 8.42 8.10 -2.99
C LYS A 62 6.94 8.01 -2.68
N VAL A 63 6.58 8.34 -1.44
CA VAL A 63 5.18 8.40 -0.87
C VAL A 63 4.24 9.17 -1.81
N SER A 64 4.84 10.11 -2.51
CA SER A 64 4.21 10.91 -3.52
C SER A 64 3.60 10.04 -4.62
N SER A 65 4.38 9.08 -5.07
CA SER A 65 4.07 8.28 -6.19
C SER A 65 3.48 6.92 -5.78
N TYR A 66 3.33 6.71 -4.49
CA TYR A 66 2.83 5.46 -4.00
C TYR A 66 1.43 5.60 -3.56
N ALA A 67 0.66 4.60 -3.83
CA ALA A 67 -0.71 4.61 -3.50
C ALA A 67 -1.21 3.22 -3.26
N LEU A 68 -2.18 3.12 -2.39
CA LEU A 68 -2.82 1.88 -2.07
C LEU A 68 -3.87 1.61 -3.12
N GLN A 69 -3.80 0.49 -3.75
CA GLN A 69 -4.74 0.17 -4.79
C GLN A 69 -5.64 -0.98 -4.33
N ASN A 70 -6.87 -0.97 -4.79
CA ASN A 70 -7.81 -2.04 -4.53
C ASN A 70 -7.45 -3.20 -5.47
N PRO A 71 -7.42 -4.42 -4.96
CA PRO A 71 -7.07 -5.62 -5.77
C PRO A 71 -8.07 -5.99 -6.89
N PHE A 72 -9.29 -5.50 -6.83
CA PHE A 72 -10.29 -5.90 -7.81
C PHE A 72 -10.67 -4.80 -8.76
N THR A 73 -10.84 -3.62 -8.21
CA THR A 73 -11.31 -2.50 -8.97
C THR A 73 -10.13 -1.74 -9.55
N LEU A 74 -8.97 -1.98 -8.96
CA LEU A 74 -7.71 -1.33 -9.31
C LEU A 74 -7.76 0.16 -9.06
N ALA A 75 -8.66 0.58 -8.20
CA ALA A 75 -8.75 1.97 -7.84
C ALA A 75 -7.75 2.29 -6.77
N TYR A 76 -7.20 3.45 -6.86
CA TYR A 76 -6.23 3.89 -5.91
C TYR A 76 -6.83 4.74 -4.86
N VAL A 77 -6.29 4.64 -3.70
CA VAL A 77 -6.64 5.46 -2.59
C VAL A 77 -5.87 6.76 -2.72
N GLU A 78 -6.56 7.77 -3.11
CA GLU A 78 -5.99 9.07 -3.34
C GLU A 78 -6.38 10.02 -2.24
N ASP A 79 -6.94 9.43 -1.20
CA ASP A 79 -7.38 10.11 -0.02
C ASP A 79 -6.23 10.64 0.77
N SER A 80 -6.55 11.55 1.62
CA SER A 80 -5.64 12.07 2.57
C SER A 80 -5.65 11.19 3.79
N PHE A 81 -6.82 10.73 4.16
CA PHE A 81 -7.01 9.88 5.25
C PHE A 81 -7.89 8.73 4.84
N LEU A 82 -7.72 7.64 5.49
CA LEU A 82 -8.50 6.46 5.25
C LEU A 82 -9.78 6.52 6.01
N THR A 83 -10.71 5.76 5.59
CA THR A 83 -11.94 5.64 6.26
C THR A 83 -12.07 4.21 6.75
N PRO A 84 -12.89 3.95 7.80
CA PRO A 84 -13.17 2.59 8.28
C PRO A 84 -13.70 1.74 7.14
N GLU A 85 -14.48 2.38 6.27
CA GLU A 85 -15.01 1.77 5.08
C GLU A 85 -13.90 1.22 4.20
N ARG A 86 -12.88 2.05 3.96
CA ARG A 86 -11.75 1.65 3.15
C ARG A 86 -11.02 0.50 3.78
N LEU A 87 -10.93 0.53 5.08
CA LEU A 87 -10.28 -0.50 5.84
C LEU A 87 -11.04 -1.80 5.73
N VAL A 88 -12.32 -1.71 5.89
CA VAL A 88 -13.20 -2.80 5.78
C VAL A 88 -13.25 -3.45 4.41
N GLU A 89 -13.32 -2.65 3.38
CA GLU A 89 -13.21 -3.17 2.03
C GLU A 89 -11.85 -3.81 1.78
N ALA A 90 -10.85 -3.27 2.42
CA ALA A 90 -9.50 -3.84 2.29
C ALA A 90 -9.34 -5.12 3.12
N GLU A 91 -10.01 -5.18 4.26
CA GLU A 91 -10.03 -6.38 5.12
C GLU A 91 -10.53 -7.62 4.40
N LYS A 92 -11.36 -7.39 3.42
CA LYS A 92 -11.86 -8.39 2.55
C LYS A 92 -10.75 -9.18 1.83
N SER A 93 -9.66 -8.49 1.51
CA SER A 93 -8.56 -9.11 0.82
C SER A 93 -7.15 -8.59 1.22
N TYR A 94 -6.79 -7.44 0.69
CA TYR A 94 -5.50 -6.77 0.90
C TYR A 94 -5.57 -5.35 0.29
N PHE A 95 -4.44 -4.65 0.37
CA PHE A 95 -4.21 -3.38 -0.33
C PHE A 95 -3.04 -3.62 -1.23
N ILE A 96 -2.93 -2.92 -2.32
CA ILE A 96 -1.76 -3.06 -3.17
C ILE A 96 -1.02 -1.72 -3.26
N LEU A 97 0.04 -1.59 -2.53
CA LEU A 97 0.86 -0.42 -2.52
C LEU A 97 1.76 -0.45 -3.75
N ARG A 98 1.42 0.37 -4.71
CA ARG A 98 2.10 0.37 -5.99
C ARG A 98 2.53 1.75 -6.31
N MET A 99 3.40 1.85 -7.26
CA MET A 99 3.71 3.10 -7.85
C MET A 99 2.64 3.39 -8.82
N LYS A 100 2.15 4.55 -8.77
CA LYS A 100 1.14 4.98 -9.66
C LYS A 100 1.71 4.97 -11.09
N PRO A 101 1.10 4.16 -12.00
CA PRO A 101 1.63 3.87 -13.34
C PRO A 101 1.99 5.10 -14.14
N HIS A 102 3.24 5.12 -14.54
CA HIS A 102 3.86 6.23 -15.24
C HIS A 102 3.48 7.58 -14.68
N ALA A 103 4.05 7.87 -13.56
CA ALA A 103 3.73 9.04 -12.81
C ALA A 103 4.30 10.28 -13.45
N ILE A 104 3.52 11.34 -13.37
CA ILE A 104 3.88 12.62 -13.85
C ILE A 104 5.00 13.17 -13.00
N ALA A 105 6.09 13.54 -13.60
CA ALA A 105 7.19 14.04 -12.85
C ALA A 105 7.66 15.38 -13.35
N ASP A 106 7.01 16.41 -12.90
CA ASP A 106 7.44 17.79 -13.19
C ASP A 106 7.84 18.44 -11.89
N ARG A 107 7.70 17.68 -10.89
CA ARG A 107 7.96 18.04 -9.54
C ARG A 107 9.01 17.11 -9.00
N GLY A 1 -20.19 2.93 21.66
CA GLY A 1 -18.80 3.35 21.66
C GLY A 1 -18.65 4.79 21.26
N ALA A 2 -17.96 5.56 22.07
CA ALA A 2 -17.72 6.97 21.81
C ALA A 2 -16.54 7.13 20.87
N HIS A 3 -15.70 6.13 20.82
CA HIS A 3 -14.58 6.09 19.92
C HIS A 3 -14.44 4.70 19.35
N MET A 4 -14.94 4.52 18.18
CA MET A 4 -14.82 3.27 17.48
C MET A 4 -13.56 3.33 16.65
N GLY A 5 -12.56 2.60 17.07
CA GLY A 5 -11.33 2.57 16.32
C GLY A 5 -11.43 1.58 15.20
N GLY A 6 -10.84 0.44 15.40
CA GLY A 6 -10.87 -0.59 14.41
C GLY A 6 -9.71 -0.49 13.48
N SER A 7 -8.52 -0.40 14.04
CA SER A 7 -7.35 -0.38 13.22
C SER A 7 -7.10 -1.80 12.73
N MET A 8 -6.82 -1.89 11.48
CA MET A 8 -6.79 -3.16 10.82
C MET A 8 -5.44 -3.54 10.37
N LYS A 9 -5.11 -4.77 10.57
CA LYS A 9 -3.86 -5.28 10.12
C LYS A 9 -4.13 -5.99 8.79
N ILE A 10 -3.86 -5.28 7.74
CA ILE A 10 -4.16 -5.68 6.40
C ILE A 10 -2.89 -6.00 5.63
N ARG A 11 -2.94 -7.06 4.85
CA ARG A 11 -1.87 -7.41 3.96
C ARG A 11 -1.78 -6.42 2.86
N VAL A 12 -0.65 -5.94 2.64
CA VAL A 12 -0.42 -5.03 1.62
C VAL A 12 0.51 -5.66 0.62
N GLU A 13 0.17 -5.71 -0.65
CA GLU A 13 1.19 -6.07 -1.58
C GLU A 13 1.91 -4.81 -1.98
N LEU A 14 3.15 -4.92 -2.24
CA LEU A 14 3.92 -3.81 -2.71
C LEU A 14 4.54 -4.13 -4.03
N ILE A 15 4.32 -3.29 -5.00
CA ILE A 15 5.04 -3.46 -6.22
C ILE A 15 6.14 -2.44 -6.26
N ASN A 16 7.31 -2.90 -6.08
CA ASN A 16 8.49 -2.14 -6.29
C ASN A 16 9.52 -3.14 -6.63
N GLY A 17 9.46 -3.60 -7.83
CA GLY A 17 10.37 -4.61 -8.26
C GLY A 17 10.34 -4.76 -9.74
N ASN A 18 10.26 -3.66 -10.43
CA ASN A 18 10.27 -3.68 -11.87
C ASN A 18 11.67 -3.58 -12.35
N GLU A 19 12.50 -2.96 -11.51
CA GLU A 19 13.88 -2.80 -11.77
C GLU A 19 14.51 -4.15 -12.00
N HIS A 20 15.09 -4.34 -13.15
CA HIS A 20 15.79 -5.57 -13.41
C HIS A 20 17.15 -5.49 -12.77
N ARG A 21 17.16 -5.76 -11.50
CA ARG A 21 18.30 -5.60 -10.63
C ARG A 21 19.37 -6.63 -10.93
N THR A 22 20.60 -6.21 -10.79
CA THR A 22 21.72 -7.04 -11.04
C THR A 22 22.07 -7.83 -9.78
N SER A 23 21.29 -8.84 -9.51
CA SER A 23 21.49 -9.63 -8.33
C SER A 23 22.19 -10.93 -8.70
N SER A 24 22.12 -11.29 -9.99
CA SER A 24 22.74 -12.52 -10.54
C SER A 24 22.13 -13.78 -9.93
N THR A 25 20.99 -13.59 -9.36
CA THR A 25 20.22 -14.57 -8.72
C THR A 25 18.76 -14.22 -8.90
N PRO A 26 17.84 -15.19 -8.84
CA PRO A 26 16.40 -14.93 -8.93
C PRO A 26 15.85 -14.29 -7.62
N GLN A 27 16.52 -13.26 -7.14
CA GLN A 27 16.15 -12.59 -5.93
C GLN A 27 15.20 -11.43 -6.16
N GLN A 28 14.50 -11.52 -7.23
CA GLN A 28 13.46 -10.61 -7.55
C GLN A 28 12.21 -11.07 -6.80
N PRO A 29 11.22 -10.19 -6.59
CA PRO A 29 9.97 -10.58 -5.93
C PRO A 29 9.35 -11.84 -6.56
N GLN A 30 9.35 -12.94 -5.81
CA GLN A 30 8.75 -14.19 -6.25
C GLN A 30 7.27 -13.94 -6.32
N GLN A 31 6.81 -13.39 -5.26
CA GLN A 31 5.52 -12.86 -5.11
C GLN A 31 5.80 -11.45 -4.72
N ASN A 32 4.85 -10.61 -4.75
CA ASN A 32 5.13 -9.27 -4.36
C ASN A 32 5.30 -9.19 -2.86
N PRO A 33 6.30 -8.43 -2.40
CA PRO A 33 6.55 -8.14 -0.98
C PRO A 33 5.25 -7.75 -0.28
N SER A 34 5.00 -8.34 0.85
CA SER A 34 3.76 -8.11 1.53
C SER A 34 4.01 -7.86 2.99
N VAL A 35 3.10 -7.21 3.62
CA VAL A 35 3.15 -6.96 5.03
C VAL A 35 1.77 -6.82 5.53
N SER A 36 1.56 -7.16 6.74
CA SER A 36 0.34 -6.94 7.35
C SER A 36 0.50 -5.66 8.17
N HIS A 37 -0.10 -4.61 7.69
CA HIS A 37 0.09 -3.31 8.20
C HIS A 37 -1.16 -2.83 8.91
N ILE A 38 -0.96 -2.08 9.96
CA ILE A 38 -2.00 -1.51 10.83
C ILE A 38 -2.48 -0.21 10.11
N PHE A 39 -3.66 -0.24 9.64
CA PHE A 39 -4.26 0.87 9.01
C PHE A 39 -5.39 1.37 9.86
N ASP A 40 -5.61 2.65 9.81
CA ASP A 40 -6.63 3.32 10.53
C ASP A 40 -7.03 4.55 9.77
N GLY A 41 -8.12 5.13 10.15
CA GLY A 41 -8.61 6.31 9.50
C GLY A 41 -8.30 7.57 10.26
N GLU A 42 -7.32 7.48 11.11
CA GLU A 42 -6.96 8.55 11.96
C GLU A 42 -5.61 9.14 11.55
N THR A 43 -4.84 8.34 10.87
CA THR A 43 -3.60 8.71 10.32
C THR A 43 -3.74 8.86 8.79
N ALA A 44 -3.08 9.89 8.23
CA ALA A 44 -3.05 10.10 6.80
C ALA A 44 -2.49 8.88 6.10
N VAL A 45 -2.99 8.66 4.92
CA VAL A 45 -2.58 7.57 4.06
C VAL A 45 -1.09 7.59 3.88
N LYS A 46 -0.61 8.75 3.52
CA LYS A 46 0.82 8.99 3.21
C LYS A 46 1.71 8.60 4.39
N ASP A 47 1.20 8.75 5.60
CA ASP A 47 1.96 8.37 6.77
C ASP A 47 2.00 6.88 6.88
N HIS A 48 0.87 6.23 6.59
CA HIS A 48 0.80 4.78 6.56
C HIS A 48 1.77 4.29 5.47
N ILE A 49 1.81 5.03 4.39
CA ILE A 49 2.65 4.77 3.26
C ILE A 49 4.13 4.98 3.59
N LYS A 50 4.49 6.05 4.30
CA LYS A 50 5.89 6.19 4.73
C LYS A 50 6.33 4.98 5.55
N VAL A 51 5.42 4.46 6.37
CA VAL A 51 5.70 3.28 7.16
C VAL A 51 5.90 2.09 6.26
N LEU A 52 4.94 1.83 5.40
CA LEU A 52 5.03 0.75 4.43
C LEU A 52 6.30 0.83 3.62
N LEU A 53 6.60 2.02 3.09
CA LEU A 53 7.80 2.22 2.31
C LEU A 53 9.02 1.84 3.10
N THR A 54 9.10 2.34 4.32
CA THR A 54 10.15 2.00 5.19
C THR A 54 10.25 0.50 5.51
N HIS A 55 9.14 -0.14 5.67
CA HIS A 55 9.11 -1.56 5.94
C HIS A 55 9.49 -2.39 4.69
N PHE A 56 9.17 -1.88 3.52
CA PHE A 56 9.56 -2.51 2.28
C PHE A 56 10.97 -2.08 1.88
N LYS A 57 11.48 -1.11 2.61
CA LYS A 57 12.82 -0.54 2.43
C LYS A 57 12.93 0.31 1.17
N ILE A 58 11.94 1.14 1.00
CA ILE A 58 11.84 2.11 -0.02
C ILE A 58 11.89 3.48 0.65
N PRO A 59 12.63 4.45 0.11
CA PRO A 59 12.65 5.80 0.66
C PRO A 59 11.26 6.41 0.71
N VAL A 60 10.95 6.97 1.86
CA VAL A 60 9.68 7.59 2.14
C VAL A 60 9.38 8.77 1.27
N ASP A 61 10.38 9.20 0.51
CA ASP A 61 10.21 10.33 -0.42
C ASP A 61 9.29 9.93 -1.56
N LYS A 62 9.18 8.64 -1.77
CA LYS A 62 8.39 8.10 -2.84
C LYS A 62 6.93 8.03 -2.48
N VAL A 63 6.62 8.36 -1.23
CA VAL A 63 5.24 8.46 -0.66
C VAL A 63 4.36 9.32 -1.58
N SER A 64 5.01 10.24 -2.26
CA SER A 64 4.45 11.09 -3.27
C SER A 64 3.77 10.25 -4.35
N SER A 65 4.50 9.25 -4.78
CA SER A 65 4.16 8.44 -5.88
C SER A 65 3.65 7.09 -5.45
N TYR A 66 3.31 6.94 -4.20
CA TYR A 66 2.76 5.70 -3.75
C TYR A 66 1.36 5.86 -3.31
N ALA A 67 0.58 4.84 -3.55
CA ALA A 67 -0.80 4.86 -3.22
C ALA A 67 -1.27 3.47 -2.90
N LEU A 68 -2.39 3.36 -2.30
CA LEU A 68 -3.00 2.10 -2.05
C LEU A 68 -3.99 1.84 -3.19
N GLN A 69 -4.27 0.60 -3.47
CA GLN A 69 -5.17 0.22 -4.55
C GLN A 69 -5.97 -0.97 -4.11
N ASN A 70 -7.13 -1.12 -4.66
CA ASN A 70 -7.98 -2.26 -4.43
C ASN A 70 -7.60 -3.34 -5.43
N PRO A 71 -7.39 -4.57 -4.98
CA PRO A 71 -6.98 -5.69 -5.84
C PRO A 71 -8.04 -6.15 -6.87
N PHE A 72 -9.29 -5.80 -6.66
CA PHE A 72 -10.32 -6.30 -7.55
C PHE A 72 -10.81 -5.25 -8.49
N THR A 73 -11.01 -4.10 -7.96
CA THR A 73 -11.58 -3.02 -8.73
C THR A 73 -10.48 -2.22 -9.42
N LEU A 74 -9.27 -2.33 -8.87
CA LEU A 74 -8.09 -1.62 -9.33
C LEU A 74 -8.18 -0.14 -9.02
N ALA A 75 -9.08 0.20 -8.13
CA ALA A 75 -9.27 1.57 -7.76
C ALA A 75 -8.24 1.98 -6.78
N TYR A 76 -7.72 3.15 -6.98
CA TYR A 76 -6.72 3.69 -6.13
C TYR A 76 -7.30 4.34 -4.93
N VAL A 77 -6.44 4.65 -4.02
CA VAL A 77 -6.78 5.42 -2.87
C VAL A 77 -5.94 6.66 -2.99
N GLU A 78 -6.56 7.69 -3.47
CA GLU A 78 -5.92 8.94 -3.76
C GLU A 78 -6.33 9.94 -2.69
N ASP A 79 -6.88 9.38 -1.63
CA ASP A 79 -7.32 10.05 -0.45
C ASP A 79 -6.15 10.45 0.38
N SER A 80 -6.35 11.43 1.17
CA SER A 80 -5.39 11.90 2.08
C SER A 80 -5.41 11.09 3.35
N PHE A 81 -6.59 10.72 3.76
CA PHE A 81 -6.80 9.94 4.91
C PHE A 81 -7.69 8.77 4.55
N LEU A 82 -7.58 7.73 5.31
CA LEU A 82 -8.36 6.53 5.13
C LEU A 82 -9.65 6.63 5.89
N THR A 83 -10.62 5.93 5.44
CA THR A 83 -11.85 5.85 6.12
C THR A 83 -12.02 4.42 6.63
N PRO A 84 -12.82 4.19 7.69
CA PRO A 84 -13.12 2.84 8.19
C PRO A 84 -13.68 1.97 7.08
N GLU A 85 -14.47 2.60 6.21
CA GLU A 85 -15.01 1.94 5.05
C GLU A 85 -13.92 1.44 4.13
N ARG A 86 -12.89 2.27 3.92
CA ARG A 86 -11.79 1.89 3.07
C ARG A 86 -11.03 0.72 3.64
N LEU A 87 -10.90 0.71 4.94
CA LEU A 87 -10.26 -0.34 5.67
C LEU A 87 -11.08 -1.63 5.54
N VAL A 88 -12.36 -1.50 5.79
CA VAL A 88 -13.28 -2.57 5.70
C VAL A 88 -13.35 -3.21 4.31
N GLU A 89 -13.32 -2.38 3.30
CA GLU A 89 -13.21 -2.82 1.92
C GLU A 89 -11.93 -3.63 1.70
N ALA A 90 -10.89 -3.25 2.40
CA ALA A 90 -9.58 -3.87 2.28
C ALA A 90 -9.39 -5.15 3.09
N GLU A 91 -9.89 -5.19 4.36
CA GLU A 91 -9.76 -6.42 5.18
C GLU A 91 -10.31 -7.65 4.50
N LYS A 92 -11.21 -7.43 3.57
CA LYS A 92 -11.77 -8.46 2.74
C LYS A 92 -10.70 -9.29 2.04
N SER A 93 -9.63 -8.63 1.62
CA SER A 93 -8.54 -9.31 0.95
C SER A 93 -7.14 -8.77 1.33
N TYR A 94 -6.73 -7.69 0.69
CA TYR A 94 -5.44 -7.03 0.89
C TYR A 94 -5.55 -5.61 0.31
N PHE A 95 -4.47 -4.86 0.45
CA PHE A 95 -4.27 -3.56 -0.18
C PHE A 95 -3.10 -3.71 -1.12
N ILE A 96 -3.06 -2.96 -2.19
CA ILE A 96 -1.89 -2.97 -3.05
C ILE A 96 -1.23 -1.58 -3.01
N LEU A 97 0.06 -1.56 -2.89
CA LEU A 97 0.83 -0.36 -2.75
C LEU A 97 1.74 -0.30 -3.99
N ARG A 98 1.44 0.59 -4.90
CA ARG A 98 2.19 0.66 -6.17
C ARG A 98 2.64 2.07 -6.38
N MET A 99 3.46 2.25 -7.35
CA MET A 99 3.86 3.52 -7.79
C MET A 99 2.80 4.12 -8.72
N LYS A 100 2.41 5.33 -8.41
CA LYS A 100 1.45 6.13 -9.15
C LYS A 100 2.08 6.74 -10.37
N PRO A 101 1.27 7.15 -11.35
CA PRO A 101 1.74 7.96 -12.45
C PRO A 101 2.12 9.35 -11.93
N HIS A 102 3.36 9.51 -11.77
CA HIS A 102 3.96 10.71 -11.25
C HIS A 102 5.31 10.80 -11.89
N ALA A 103 5.75 12.04 -12.19
CA ALA A 103 7.00 12.28 -12.89
C ALA A 103 6.96 11.53 -14.20
N ILE A 104 8.09 11.04 -14.62
CA ILE A 104 8.17 10.17 -15.72
C ILE A 104 7.43 8.87 -15.36
N ALA A 105 6.17 8.83 -15.69
CA ALA A 105 5.32 7.72 -15.37
C ALA A 105 5.56 6.59 -16.29
N ASP A 106 5.94 5.49 -15.72
CA ASP A 106 6.27 4.31 -16.46
C ASP A 106 5.02 3.53 -16.69
N ARG A 107 4.32 3.97 -17.66
CA ARG A 107 3.12 3.33 -18.13
C ARG A 107 3.43 1.90 -18.57
N GLY A 1 -8.36 -8.56 19.87
CA GLY A 1 -7.67 -9.59 19.09
C GLY A 1 -7.90 -9.36 17.62
N ALA A 2 -7.97 -10.42 16.85
CA ALA A 2 -8.19 -10.31 15.42
C ALA A 2 -9.64 -10.11 15.13
N HIS A 3 -9.98 -8.87 14.89
CA HIS A 3 -11.31 -8.41 14.55
C HIS A 3 -11.18 -6.94 14.31
N MET A 4 -12.01 -6.42 13.44
CA MET A 4 -12.03 -5.00 13.16
C MET A 4 -12.47 -4.22 14.39
N GLY A 5 -11.49 -3.75 15.13
CA GLY A 5 -11.75 -2.91 16.28
C GLY A 5 -11.72 -1.47 15.87
N GLY A 6 -10.97 -1.22 14.83
CA GLY A 6 -10.83 0.08 14.27
C GLY A 6 -9.64 0.12 13.42
N SER A 7 -8.49 -0.15 14.00
CA SER A 7 -7.32 -0.27 13.23
C SER A 7 -7.17 -1.72 12.77
N MET A 8 -6.75 -1.88 11.56
CA MET A 8 -6.72 -3.16 10.92
C MET A 8 -5.37 -3.52 10.47
N LYS A 9 -5.02 -4.76 10.64
CA LYS A 9 -3.77 -5.25 10.16
C LYS A 9 -4.02 -5.97 8.85
N ILE A 10 -3.86 -5.21 7.79
CA ILE A 10 -4.20 -5.61 6.47
C ILE A 10 -2.98 -6.00 5.69
N ARG A 11 -3.10 -7.01 4.87
CA ARG A 11 -2.05 -7.39 3.98
C ARG A 11 -1.94 -6.41 2.89
N VAL A 12 -0.78 -5.99 2.66
CA VAL A 12 -0.53 -5.10 1.64
C VAL A 12 0.37 -5.76 0.65
N GLU A 13 0.02 -5.82 -0.62
CA GLU A 13 1.04 -6.19 -1.56
C GLU A 13 1.77 -4.92 -1.90
N LEU A 14 2.99 -5.03 -2.21
CA LEU A 14 3.76 -3.91 -2.62
C LEU A 14 4.39 -4.20 -3.96
N ILE A 15 4.16 -3.35 -4.92
CA ILE A 15 4.89 -3.49 -6.14
C ILE A 15 6.04 -2.50 -6.13
N ASN A 16 7.20 -3.04 -6.10
CA ASN A 16 8.40 -2.32 -6.27
C ASN A 16 9.30 -3.26 -6.99
N GLY A 17 8.97 -3.47 -8.22
CA GLY A 17 9.70 -4.34 -9.06
C GLY A 17 10.53 -3.53 -9.98
N ASN A 18 11.48 -2.85 -9.41
CA ASN A 18 12.37 -1.98 -10.13
C ASN A 18 13.60 -2.75 -10.47
N GLU A 19 13.92 -3.67 -9.59
CA GLU A 19 14.97 -4.56 -9.77
C GLU A 19 14.35 -5.91 -10.09
N HIS A 20 15.08 -6.97 -9.80
CA HIS A 20 14.67 -8.36 -10.00
C HIS A 20 14.84 -8.77 -11.44
N ARG A 21 14.76 -10.05 -11.71
CA ARG A 21 14.93 -10.56 -13.05
C ARG A 21 13.90 -11.62 -13.31
N THR A 22 13.90 -12.13 -14.49
CA THR A 22 13.02 -13.17 -14.89
C THR A 22 13.68 -14.53 -14.60
N SER A 23 13.35 -15.10 -13.43
CA SER A 23 13.90 -16.36 -12.95
C SER A 23 15.39 -16.24 -12.57
N SER A 24 15.95 -17.30 -11.94
CA SER A 24 17.34 -17.33 -11.46
C SER A 24 17.53 -16.30 -10.33
N THR A 25 16.43 -15.89 -9.79
CA THR A 25 16.35 -14.95 -8.73
C THR A 25 16.32 -15.67 -7.38
N PRO A 26 16.42 -14.96 -6.24
CA PRO A 26 16.34 -15.58 -4.92
C PRO A 26 14.96 -16.19 -4.63
N GLN A 27 14.75 -16.49 -3.39
CA GLN A 27 13.62 -17.19 -2.90
C GLN A 27 12.53 -16.20 -2.54
N GLN A 28 12.36 -15.25 -3.43
CA GLN A 28 11.37 -14.17 -3.37
C GLN A 28 9.96 -14.73 -3.10
N PRO A 29 9.07 -13.93 -2.49
CA PRO A 29 7.67 -14.31 -2.27
C PRO A 29 6.98 -14.70 -3.59
N GLN A 30 5.98 -15.53 -3.47
CA GLN A 30 5.22 -16.03 -4.60
C GLN A 30 4.41 -14.90 -5.19
N GLN A 31 3.83 -14.12 -4.29
CA GLN A 31 3.11 -12.93 -4.64
C GLN A 31 4.09 -11.77 -4.59
N ASN A 32 3.61 -10.56 -4.63
CA ASN A 32 4.47 -9.45 -4.46
C ASN A 32 4.76 -9.32 -2.98
N PRO A 33 5.89 -8.68 -2.59
CA PRO A 33 6.23 -8.40 -1.19
C PRO A 33 5.01 -7.94 -0.40
N SER A 34 4.80 -8.52 0.74
CA SER A 34 3.60 -8.30 1.48
C SER A 34 3.90 -8.04 2.94
N VAL A 35 3.01 -7.33 3.58
CA VAL A 35 3.10 -7.05 4.98
C VAL A 35 1.72 -6.91 5.51
N SER A 36 1.54 -7.27 6.72
CA SER A 36 0.33 -7.04 7.36
C SER A 36 0.52 -5.78 8.21
N HIS A 37 -0.05 -4.71 7.75
CA HIS A 37 0.18 -3.42 8.28
C HIS A 37 -1.06 -2.88 8.98
N ILE A 38 -0.83 -2.15 10.04
CA ILE A 38 -1.86 -1.55 10.91
C ILE A 38 -2.32 -0.23 10.19
N PHE A 39 -3.52 -0.21 9.74
CA PHE A 39 -4.11 0.92 9.13
C PHE A 39 -5.24 1.40 10.02
N ASP A 40 -5.53 2.68 9.97
CA ASP A 40 -6.58 3.29 10.74
C ASP A 40 -7.17 4.42 9.91
N GLY A 41 -8.02 5.22 10.51
CA GLY A 41 -8.67 6.31 9.82
C GLY A 41 -8.35 7.64 10.46
N GLU A 42 -7.32 7.66 11.26
CA GLU A 42 -6.91 8.80 11.98
C GLU A 42 -5.57 9.35 11.49
N THR A 43 -4.79 8.49 10.92
CA THR A 43 -3.55 8.79 10.36
C THR A 43 -3.72 8.96 8.85
N ALA A 44 -3.09 9.98 8.29
CA ALA A 44 -3.05 10.18 6.86
C ALA A 44 -2.51 8.96 6.15
N VAL A 45 -3.06 8.71 4.99
CA VAL A 45 -2.67 7.61 4.12
C VAL A 45 -1.20 7.63 3.89
N LYS A 46 -0.71 8.78 3.45
CA LYS A 46 0.70 8.97 3.11
C LYS A 46 1.62 8.69 4.29
N ASP A 47 1.13 8.87 5.46
CA ASP A 47 1.90 8.57 6.62
C ASP A 47 1.94 7.09 6.87
N HIS A 48 0.83 6.43 6.62
CA HIS A 48 0.76 4.96 6.65
C HIS A 48 1.71 4.42 5.57
N ILE A 49 1.73 5.11 4.46
CA ILE A 49 2.56 4.81 3.33
C ILE A 49 4.03 5.01 3.61
N LYS A 50 4.41 6.10 4.32
CA LYS A 50 5.81 6.25 4.72
C LYS A 50 6.28 5.05 5.53
N VAL A 51 5.37 4.49 6.33
CA VAL A 51 5.66 3.32 7.12
C VAL A 51 5.86 2.10 6.23
N LEU A 52 4.88 1.84 5.38
CA LEU A 52 4.98 0.73 4.43
C LEU A 52 6.23 0.83 3.60
N LEU A 53 6.52 2.02 3.08
CA LEU A 53 7.71 2.23 2.31
C LEU A 53 8.92 1.88 3.13
N THR A 54 8.98 2.39 4.33
CA THR A 54 10.03 2.11 5.23
C THR A 54 10.18 0.62 5.56
N HIS A 55 9.09 -0.08 5.69
CA HIS A 55 9.11 -1.50 5.92
C HIS A 55 9.52 -2.28 4.66
N PHE A 56 9.14 -1.79 3.51
CA PHE A 56 9.52 -2.39 2.25
C PHE A 56 10.87 -1.89 1.76
N LYS A 57 11.46 -1.03 2.55
CA LYS A 57 12.80 -0.47 2.35
C LYS A 57 12.87 0.50 1.17
N ILE A 58 11.81 1.21 1.00
CA ILE A 58 11.69 2.21 0.02
C ILE A 58 11.76 3.57 0.71
N PRO A 59 12.54 4.52 0.19
CA PRO A 59 12.55 5.88 0.72
C PRO A 59 11.17 6.46 0.73
N VAL A 60 10.83 7.07 1.83
CA VAL A 60 9.56 7.69 2.04
C VAL A 60 9.29 8.80 1.09
N ASP A 61 10.29 9.21 0.33
CA ASP A 61 10.13 10.29 -0.63
C ASP A 61 9.21 9.87 -1.75
N LYS A 62 9.06 8.55 -1.94
CA LYS A 62 8.22 8.04 -2.98
C LYS A 62 6.76 8.00 -2.56
N VAL A 63 6.50 8.34 -1.30
CA VAL A 63 5.12 8.45 -0.69
C VAL A 63 4.21 9.29 -1.60
N SER A 64 4.85 10.21 -2.29
CA SER A 64 4.28 11.06 -3.29
C SER A 64 3.59 10.23 -4.38
N SER A 65 4.29 9.19 -4.77
CA SER A 65 3.96 8.36 -5.85
C SER A 65 3.47 6.99 -5.42
N TYR A 66 3.16 6.81 -4.19
CA TYR A 66 2.65 5.54 -3.73
C TYR A 66 1.25 5.67 -3.28
N ALA A 67 0.47 4.68 -3.60
CA ALA A 67 -0.91 4.67 -3.28
C ALA A 67 -1.39 3.26 -3.09
N LEU A 68 -2.36 3.11 -2.24
CA LEU A 68 -2.99 1.86 -1.98
C LEU A 68 -4.02 1.62 -3.06
N GLN A 69 -3.92 0.54 -3.76
CA GLN A 69 -4.84 0.24 -4.83
C GLN A 69 -5.72 -0.91 -4.39
N ASN A 70 -6.94 -0.93 -4.88
CA ASN A 70 -7.85 -2.01 -4.64
C ASN A 70 -7.49 -3.16 -5.56
N PRO A 71 -7.34 -4.37 -5.02
CA PRO A 71 -6.91 -5.55 -5.80
C PRO A 71 -7.90 -6.06 -6.85
N PHE A 72 -9.12 -5.60 -6.83
CA PHE A 72 -10.09 -6.09 -7.78
C PHE A 72 -10.53 -5.04 -8.76
N THR A 73 -10.72 -3.86 -8.29
CA THR A 73 -11.24 -2.78 -9.11
C THR A 73 -10.10 -1.97 -9.70
N LEU A 74 -8.92 -2.12 -9.12
CA LEU A 74 -7.72 -1.42 -9.51
C LEU A 74 -7.83 0.07 -9.26
N ALA A 75 -8.75 0.43 -8.38
CA ALA A 75 -8.96 1.80 -7.99
C ALA A 75 -7.98 2.21 -6.92
N TYR A 76 -7.44 3.37 -7.05
CA TYR A 76 -6.44 3.87 -6.14
C TYR A 76 -7.03 4.72 -5.05
N VAL A 77 -6.57 4.51 -3.85
CA VAL A 77 -6.91 5.32 -2.74
C VAL A 77 -6.06 6.58 -2.84
N GLU A 78 -6.68 7.64 -3.25
CA GLU A 78 -6.00 8.90 -3.49
C GLU A 78 -6.34 9.88 -2.39
N ASP A 79 -6.90 9.35 -1.35
CA ASP A 79 -7.30 10.06 -0.19
C ASP A 79 -6.13 10.49 0.59
N SER A 80 -6.34 11.47 1.37
CA SER A 80 -5.40 11.97 2.26
C SER A 80 -5.43 11.19 3.54
N PHE A 81 -6.61 10.82 3.95
CA PHE A 81 -6.84 10.03 5.11
C PHE A 81 -7.71 8.85 4.74
N LEU A 82 -7.50 7.75 5.42
CA LEU A 82 -8.24 6.52 5.19
C LEU A 82 -9.56 6.56 5.89
N THR A 83 -10.48 5.85 5.34
CA THR A 83 -11.77 5.76 5.87
C THR A 83 -11.94 4.38 6.48
N PRO A 84 -12.83 4.22 7.46
CA PRO A 84 -13.17 2.91 8.00
C PRO A 84 -13.61 1.96 6.87
N GLU A 85 -14.29 2.50 5.88
CA GLU A 85 -14.69 1.73 4.71
C GLU A 85 -13.51 1.25 3.90
N ARG A 86 -12.50 2.09 3.71
CA ARG A 86 -11.33 1.66 2.96
C ARG A 86 -10.64 0.55 3.66
N LEU A 87 -10.64 0.61 4.96
CA LEU A 87 -10.08 -0.41 5.76
C LEU A 87 -10.90 -1.67 5.67
N VAL A 88 -12.19 -1.53 5.83
CA VAL A 88 -13.09 -2.62 5.78
C VAL A 88 -13.11 -3.34 4.48
N GLU A 89 -13.24 -2.62 3.40
CA GLU A 89 -13.14 -3.25 2.11
C GLU A 89 -11.77 -3.83 1.86
N ALA A 90 -10.79 -3.25 2.48
CA ALA A 90 -9.43 -3.80 2.38
C ALA A 90 -9.25 -5.10 3.17
N GLU A 91 -9.76 -5.16 4.42
CA GLU A 91 -9.69 -6.40 5.23
C GLU A 91 -10.27 -7.62 4.56
N LYS A 92 -11.16 -7.38 3.63
CA LYS A 92 -11.74 -8.39 2.77
C LYS A 92 -10.64 -9.21 2.11
N SER A 93 -9.66 -8.52 1.58
CA SER A 93 -8.60 -9.16 0.88
C SER A 93 -7.21 -8.61 1.27
N TYR A 94 -6.86 -7.47 0.71
CA TYR A 94 -5.58 -6.79 0.90
C TYR A 94 -5.67 -5.37 0.30
N PHE A 95 -4.54 -4.67 0.34
CA PHE A 95 -4.30 -3.41 -0.37
C PHE A 95 -3.14 -3.66 -1.30
N ILE A 96 -3.07 -2.95 -2.39
CA ILE A 96 -1.91 -3.07 -3.26
C ILE A 96 -1.16 -1.73 -3.32
N LEU A 97 -0.10 -1.63 -2.59
CA LEU A 97 0.74 -0.44 -2.54
C LEU A 97 1.62 -0.42 -3.78
N ARG A 98 1.33 0.49 -4.67
CA ARG A 98 2.02 0.56 -5.94
C ARG A 98 2.50 1.92 -6.18
N MET A 99 3.42 2.05 -7.12
CA MET A 99 3.80 3.31 -7.59
C MET A 99 2.76 3.75 -8.57
N LYS A 100 2.32 4.94 -8.40
CA LYS A 100 1.35 5.52 -9.26
C LYS A 100 2.00 5.85 -10.59
N PRO A 101 1.22 5.88 -11.70
CA PRO A 101 1.73 6.21 -13.03
C PRO A 101 2.39 7.60 -13.03
N HIS A 102 3.40 7.75 -13.84
CA HIS A 102 4.14 8.98 -13.90
C HIS A 102 4.50 9.34 -15.32
N ALA A 103 5.35 10.37 -15.48
CA ALA A 103 5.76 10.86 -16.80
C ALA A 103 6.76 9.95 -17.45
N ILE A 104 7.09 9.02 -16.70
CA ILE A 104 7.94 7.94 -17.02
C ILE A 104 7.31 7.13 -18.16
N ALA A 105 8.09 6.78 -19.13
CA ALA A 105 7.59 6.04 -20.26
C ALA A 105 7.86 4.57 -20.09
N ASP A 106 6.96 3.77 -20.57
CA ASP A 106 7.05 2.34 -20.52
C ASP A 106 6.75 1.79 -21.87
N ARG A 107 7.80 1.62 -22.62
CA ARG A 107 7.75 1.16 -23.99
C ARG A 107 7.29 -0.27 -24.05
N GLY A 1 -22.83 -1.90 17.37
CA GLY A 1 -22.21 -0.75 16.71
C GLY A 1 -21.05 -1.17 15.86
N ALA A 2 -19.93 -1.45 16.50
CA ALA A 2 -18.74 -1.87 15.82
C ALA A 2 -18.25 -3.18 16.40
N HIS A 3 -18.20 -4.21 15.57
CA HIS A 3 -17.76 -5.52 15.99
C HIS A 3 -16.29 -5.71 15.60
N MET A 4 -15.69 -4.65 15.14
CA MET A 4 -14.31 -4.65 14.73
C MET A 4 -13.52 -3.91 15.77
N GLY A 5 -12.21 -3.91 15.65
CA GLY A 5 -11.40 -3.17 16.57
C GLY A 5 -11.38 -1.73 16.18
N GLY A 6 -11.04 -1.49 14.94
CA GLY A 6 -10.99 -0.16 14.43
C GLY A 6 -9.84 -0.03 13.49
N SER A 7 -8.68 -0.43 13.95
CA SER A 7 -7.53 -0.45 13.14
C SER A 7 -7.37 -1.85 12.59
N MET A 8 -7.00 -1.94 11.35
CA MET A 8 -6.98 -3.19 10.66
C MET A 8 -5.63 -3.59 10.29
N LYS A 9 -5.33 -4.85 10.44
CA LYS A 9 -4.07 -5.35 10.01
C LYS A 9 -4.29 -6.06 8.68
N ILE A 10 -4.09 -5.30 7.65
CA ILE A 10 -4.37 -5.65 6.30
C ILE A 10 -3.10 -6.01 5.59
N ARG A 11 -3.15 -7.03 4.75
CA ARG A 11 -2.03 -7.34 3.94
C ARG A 11 -1.88 -6.34 2.87
N VAL A 12 -0.74 -5.91 2.69
CA VAL A 12 -0.48 -5.02 1.70
C VAL A 12 0.46 -5.68 0.76
N GLU A 13 0.12 -5.81 -0.50
CA GLU A 13 1.14 -6.18 -1.39
C GLU A 13 1.87 -4.94 -1.78
N LEU A 14 3.08 -5.07 -2.18
CA LEU A 14 3.85 -3.97 -2.63
C LEU A 14 4.46 -4.27 -3.97
N ILE A 15 4.34 -3.33 -4.89
CA ILE A 15 5.13 -3.41 -6.09
C ILE A 15 6.06 -2.20 -6.12
N ASN A 16 7.33 -2.47 -6.04
CA ASN A 16 8.36 -1.45 -6.21
C ASN A 16 9.27 -1.96 -7.30
N GLY A 17 8.76 -2.97 -7.91
CA GLY A 17 9.39 -3.77 -8.89
C GLY A 17 9.07 -5.19 -8.51
N ASN A 18 9.77 -6.13 -9.04
CA ASN A 18 9.60 -7.52 -8.64
C ASN A 18 10.75 -7.91 -7.76
N GLU A 19 11.43 -6.90 -7.28
CA GLU A 19 12.59 -7.01 -6.45
C GLU A 19 12.23 -7.62 -5.10
N HIS A 20 13.10 -8.53 -4.67
CA HIS A 20 12.94 -9.33 -3.46
C HIS A 20 11.94 -10.44 -3.66
N ARG A 21 12.45 -11.65 -3.81
CA ARG A 21 11.59 -12.82 -3.93
C ARG A 21 11.26 -13.40 -2.58
N THR A 22 11.15 -12.47 -1.65
CA THR A 22 10.68 -12.65 -0.31
C THR A 22 11.37 -13.76 0.47
N SER A 23 12.58 -14.08 0.08
CA SER A 23 13.32 -15.14 0.70
C SER A 23 14.77 -14.75 0.94
N SER A 24 15.03 -14.40 2.17
CA SER A 24 16.30 -13.96 2.72
C SER A 24 16.00 -13.36 4.06
N THR A 25 14.85 -12.76 4.08
CA THR A 25 14.25 -12.15 5.19
C THR A 25 12.76 -12.44 5.09
N PRO A 26 12.03 -12.46 6.21
CA PRO A 26 10.59 -12.67 6.18
C PRO A 26 9.89 -11.47 5.56
N GLN A 27 9.63 -11.59 4.29
CA GLN A 27 8.95 -10.59 3.51
C GLN A 27 7.66 -11.17 2.97
N GLN A 28 7.31 -12.26 3.57
CA GLN A 28 6.21 -13.13 3.18
C GLN A 28 6.50 -13.83 1.85
N PRO A 29 7.15 -15.01 1.93
CA PRO A 29 7.62 -15.77 0.77
C PRO A 29 6.49 -16.54 0.07
N GLN A 30 5.47 -15.82 -0.27
CA GLN A 30 4.33 -16.38 -0.88
C GLN A 30 4.09 -15.73 -2.24
N GLN A 31 4.00 -14.43 -2.21
CA GLN A 31 3.80 -13.60 -3.36
C GLN A 31 4.86 -12.52 -3.38
N ASN A 32 4.57 -11.41 -4.08
CA ASN A 32 5.39 -10.20 -4.05
C ASN A 32 5.52 -9.74 -2.59
N PRO A 33 6.53 -8.88 -2.25
CA PRO A 33 6.70 -8.40 -0.89
C PRO A 33 5.39 -7.91 -0.28
N SER A 34 5.08 -8.43 0.89
CA SER A 34 3.84 -8.12 1.53
C SER A 34 4.02 -7.99 3.03
N VAL A 35 3.09 -7.31 3.66
CA VAL A 35 3.10 -7.07 5.07
C VAL A 35 1.70 -6.93 5.55
N SER A 36 1.45 -7.30 6.75
CA SER A 36 0.21 -7.06 7.33
C SER A 36 0.38 -5.79 8.17
N HIS A 37 -0.20 -4.72 7.70
CA HIS A 37 0.03 -3.44 8.24
C HIS A 37 -1.22 -2.94 8.93
N ILE A 38 -1.02 -2.22 9.99
CA ILE A 38 -2.06 -1.65 10.87
C ILE A 38 -2.52 -0.33 10.17
N PHE A 39 -3.69 -0.32 9.69
CA PHE A 39 -4.26 0.82 9.09
C PHE A 39 -5.38 1.32 9.94
N ASP A 40 -5.54 2.59 9.96
CA ASP A 40 -6.55 3.28 10.71
C ASP A 40 -6.92 4.52 9.93
N GLY A 41 -7.77 5.34 10.50
CA GLY A 41 -8.30 6.48 9.78
C GLY A 41 -7.77 7.81 10.30
N GLU A 42 -7.16 7.76 11.46
CA GLU A 42 -6.63 8.91 12.13
C GLU A 42 -5.27 9.28 11.59
N THR A 43 -4.63 8.31 11.01
CA THR A 43 -3.40 8.47 10.37
C THR A 43 -3.63 8.69 8.88
N ALA A 44 -3.05 9.76 8.33
CA ALA A 44 -3.07 10.03 6.92
C ALA A 44 -2.53 8.85 6.14
N VAL A 45 -3.04 8.70 4.95
CA VAL A 45 -2.64 7.65 4.03
C VAL A 45 -1.15 7.68 3.84
N LYS A 46 -0.66 8.85 3.46
CA LYS A 46 0.76 9.06 3.15
C LYS A 46 1.67 8.63 4.30
N ASP A 47 1.20 8.76 5.49
CA ASP A 47 1.95 8.37 6.65
C ASP A 47 1.94 6.89 6.85
N HIS A 48 0.84 6.25 6.50
CA HIS A 48 0.77 4.81 6.48
C HIS A 48 1.75 4.32 5.40
N ILE A 49 1.76 5.04 4.31
CA ILE A 49 2.61 4.78 3.18
C ILE A 49 4.08 4.98 3.53
N LYS A 50 4.43 6.05 4.25
CA LYS A 50 5.81 6.24 4.69
C LYS A 50 6.29 5.06 5.53
N VAL A 51 5.39 4.48 6.32
CA VAL A 51 5.71 3.30 7.09
C VAL A 51 5.91 2.11 6.19
N LEU A 52 4.94 1.83 5.34
CA LEU A 52 5.02 0.73 4.39
C LEU A 52 6.26 0.84 3.55
N LEU A 53 6.53 2.03 3.01
CA LEU A 53 7.72 2.26 2.22
C LEU A 53 8.93 1.89 3.03
N THR A 54 9.02 2.39 4.23
CA THR A 54 10.07 2.10 5.11
C THR A 54 10.20 0.60 5.43
N HIS A 55 9.09 -0.06 5.60
CA HIS A 55 9.07 -1.47 5.87
C HIS A 55 9.44 -2.29 4.63
N PHE A 56 9.19 -1.76 3.46
CA PHE A 56 9.59 -2.37 2.21
C PHE A 56 10.95 -1.86 1.75
N LYS A 57 11.54 -1.05 2.61
CA LYS A 57 12.87 -0.47 2.45
C LYS A 57 12.96 0.52 1.29
N ILE A 58 11.90 1.27 1.11
CA ILE A 58 11.78 2.28 0.14
C ILE A 58 11.84 3.62 0.85
N PRO A 59 12.63 4.58 0.37
CA PRO A 59 12.63 5.95 0.91
C PRO A 59 11.23 6.53 0.89
N VAL A 60 10.88 7.12 2.00
CA VAL A 60 9.59 7.72 2.19
C VAL A 60 9.32 8.86 1.25
N ASP A 61 10.34 9.28 0.54
CA ASP A 61 10.20 10.39 -0.42
C ASP A 61 9.30 9.97 -1.58
N LYS A 62 9.16 8.68 -1.79
CA LYS A 62 8.36 8.19 -2.87
C LYS A 62 6.89 8.14 -2.52
N VAL A 63 6.55 8.46 -1.26
CA VAL A 63 5.17 8.56 -0.71
C VAL A 63 4.27 9.39 -1.65
N SER A 64 4.93 10.30 -2.33
CA SER A 64 4.37 11.15 -3.36
C SER A 64 3.69 10.31 -4.47
N SER A 65 4.40 9.29 -4.90
CA SER A 65 4.04 8.49 -6.01
C SER A 65 3.50 7.11 -5.61
N TYR A 66 3.25 6.92 -4.34
CA TYR A 66 2.73 5.64 -3.89
C TYR A 66 1.30 5.76 -3.47
N ALA A 67 0.56 4.72 -3.76
CA ALA A 67 -0.82 4.67 -3.46
C ALA A 67 -1.24 3.25 -3.19
N LEU A 68 -2.25 3.13 -2.39
CA LEU A 68 -2.86 1.87 -2.09
C LEU A 68 -3.92 1.60 -3.16
N GLN A 69 -3.87 0.46 -3.78
CA GLN A 69 -4.83 0.13 -4.82
C GLN A 69 -5.71 -1.02 -4.34
N ASN A 70 -6.97 -0.99 -4.72
CA ASN A 70 -7.90 -2.08 -4.46
C ASN A 70 -7.57 -3.23 -5.41
N PRO A 71 -7.49 -4.46 -4.91
CA PRO A 71 -7.13 -5.63 -5.71
C PRO A 71 -8.15 -6.03 -6.79
N PHE A 72 -9.41 -5.63 -6.64
CA PHE A 72 -10.40 -6.07 -7.58
C PHE A 72 -10.83 -4.98 -8.53
N THR A 73 -11.09 -3.84 -7.98
CA THR A 73 -11.62 -2.73 -8.75
C THR A 73 -10.50 -1.96 -9.39
N LEU A 74 -9.31 -2.13 -8.83
CA LEU A 74 -8.09 -1.48 -9.27
C LEU A 74 -8.12 0.01 -8.98
N ALA A 75 -9.04 0.41 -8.12
CA ALA A 75 -9.15 1.79 -7.73
C ALA A 75 -8.05 2.14 -6.77
N TYR A 76 -7.49 3.29 -6.96
CA TYR A 76 -6.45 3.78 -6.11
C TYR A 76 -7.00 4.66 -5.04
N VAL A 77 -6.46 4.53 -3.88
CA VAL A 77 -6.80 5.36 -2.78
C VAL A 77 -6.01 6.65 -2.94
N GLU A 78 -6.69 7.66 -3.37
CA GLU A 78 -6.12 8.96 -3.65
C GLU A 78 -6.57 9.93 -2.59
N ASP A 79 -7.09 9.35 -1.54
CA ASP A 79 -7.54 10.01 -0.35
C ASP A 79 -6.35 10.43 0.45
N SER A 80 -6.57 11.42 1.23
CA SER A 80 -5.61 11.93 2.14
C SER A 80 -5.59 11.07 3.40
N PHE A 81 -6.75 10.69 3.84
CA PHE A 81 -6.93 9.88 4.98
C PHE A 81 -7.75 8.67 4.60
N LEU A 82 -7.62 7.66 5.38
CA LEU A 82 -8.31 6.42 5.16
C LEU A 82 -9.61 6.43 5.89
N THR A 83 -10.57 5.85 5.28
CA THR A 83 -11.84 5.74 5.87
C THR A 83 -11.95 4.34 6.45
N PRO A 84 -12.76 4.12 7.49
CA PRO A 84 -13.02 2.78 8.01
C PRO A 84 -13.55 1.89 6.90
N GLU A 85 -14.30 2.51 5.98
CA GLU A 85 -14.79 1.83 4.80
C GLU A 85 -13.67 1.29 3.94
N ARG A 86 -12.65 2.11 3.70
CA ARG A 86 -11.49 1.64 2.95
C ARG A 86 -10.80 0.52 3.67
N LEU A 87 -10.73 0.64 4.97
CA LEU A 87 -10.08 -0.36 5.79
C LEU A 87 -10.86 -1.65 5.74
N VAL A 88 -12.13 -1.55 5.92
CA VAL A 88 -13.03 -2.64 5.87
C VAL A 88 -13.11 -3.32 4.54
N GLU A 89 -13.20 -2.56 3.50
CA GLU A 89 -13.14 -3.09 2.16
C GLU A 89 -11.77 -3.68 1.84
N ALA A 90 -10.75 -3.17 2.47
CA ALA A 90 -9.42 -3.72 2.29
C ALA A 90 -9.25 -5.00 3.10
N GLU A 91 -9.88 -5.05 4.29
CA GLU A 91 -9.89 -6.24 5.15
C GLU A 91 -10.44 -7.45 4.40
N LYS A 92 -11.25 -7.18 3.39
CA LYS A 92 -11.78 -8.21 2.51
C LYS A 92 -10.66 -9.04 1.89
N SER A 93 -9.61 -8.38 1.46
CA SER A 93 -8.50 -9.05 0.83
C SER A 93 -7.12 -8.47 1.18
N TYR A 94 -6.72 -7.42 0.52
CA TYR A 94 -5.44 -6.75 0.72
C TYR A 94 -5.50 -5.33 0.16
N PHE A 95 -4.39 -4.64 0.25
CA PHE A 95 -4.14 -3.36 -0.42
C PHE A 95 -2.96 -3.57 -1.31
N ILE A 96 -2.89 -2.90 -2.43
CA ILE A 96 -1.71 -3.02 -3.25
C ILE A 96 -0.98 -1.69 -3.29
N LEU A 97 0.09 -1.61 -2.53
CA LEU A 97 0.91 -0.42 -2.45
C LEU A 97 1.81 -0.40 -3.67
N ARG A 98 1.50 0.49 -4.56
CA ARG A 98 2.20 0.57 -5.81
C ARG A 98 2.60 1.96 -6.07
N MET A 99 3.53 2.12 -6.98
CA MET A 99 3.78 3.39 -7.51
C MET A 99 2.67 3.65 -8.48
N LYS A 100 2.07 4.79 -8.37
CA LYS A 100 0.97 5.17 -9.21
C LYS A 100 1.38 5.17 -10.68
N PRO A 101 0.44 4.95 -11.62
CA PRO A 101 0.72 5.01 -13.03
C PRO A 101 1.35 6.35 -13.36
N HIS A 102 2.44 6.31 -14.06
CA HIS A 102 3.22 7.49 -14.33
C HIS A 102 2.45 8.40 -15.25
N ALA A 103 2.37 9.62 -14.87
CA ALA A 103 1.68 10.59 -15.63
C ALA A 103 2.62 11.10 -16.68
N ILE A 104 2.10 11.45 -17.82
CA ILE A 104 2.89 11.93 -18.86
C ILE A 104 3.31 13.36 -18.58
N ALA A 105 4.43 13.48 -17.95
CA ALA A 105 5.00 14.74 -17.64
C ALA A 105 5.82 15.18 -18.80
N ASP A 106 5.72 16.44 -19.13
CA ASP A 106 6.43 17.02 -20.22
C ASP A 106 7.79 17.38 -19.73
N ARG A 107 8.60 16.37 -19.67
CA ARG A 107 9.99 16.46 -19.29
C ARG A 107 10.73 17.53 -20.10
N GLY A 1 -12.36 -4.53 19.41
CA GLY A 1 -12.45 -3.76 18.17
C GLY A 1 -12.15 -2.31 18.41
N ALA A 2 -13.12 -1.60 19.01
CA ALA A 2 -13.03 -0.20 19.37
C ALA A 2 -12.98 0.69 18.13
N HIS A 3 -14.07 1.39 17.89
CA HIS A 3 -14.17 2.21 16.70
C HIS A 3 -13.52 3.57 16.83
N MET A 4 -12.23 3.57 16.75
CA MET A 4 -11.47 4.78 16.55
C MET A 4 -10.66 4.49 15.33
N GLY A 5 -11.36 4.41 14.24
CA GLY A 5 -10.78 4.01 13.01
C GLY A 5 -11.02 2.53 12.82
N GLY A 6 -10.83 1.77 13.91
CA GLY A 6 -10.99 0.34 13.88
C GLY A 6 -9.81 -0.24 13.20
N SER A 7 -8.67 -0.17 13.85
CA SER A 7 -7.43 -0.44 13.19
C SER A 7 -7.28 -1.91 12.80
N MET A 8 -6.92 -2.08 11.56
CA MET A 8 -6.88 -3.36 10.92
C MET A 8 -5.52 -3.71 10.48
N LYS A 9 -5.17 -4.95 10.65
CA LYS A 9 -3.95 -5.46 10.16
C LYS A 9 -4.23 -6.12 8.81
N ILE A 10 -3.96 -5.39 7.78
CA ILE A 10 -4.25 -5.75 6.43
C ILE A 10 -2.98 -6.10 5.69
N ARG A 11 -3.04 -7.15 4.89
CA ARG A 11 -1.96 -7.49 4.03
C ARG A 11 -1.84 -6.48 2.95
N VAL A 12 -0.70 -6.00 2.79
CA VAL A 12 -0.46 -5.08 1.78
C VAL A 12 0.50 -5.69 0.82
N GLU A 13 0.15 -5.80 -0.45
CA GLU A 13 1.18 -6.13 -1.36
C GLU A 13 1.90 -4.87 -1.73
N LEU A 14 3.11 -4.99 -2.10
CA LEU A 14 3.89 -3.88 -2.56
C LEU A 14 4.50 -4.18 -3.90
N ILE A 15 4.29 -3.30 -4.85
CA ILE A 15 5.00 -3.43 -6.09
C ILE A 15 6.17 -2.44 -6.08
N ASN A 16 7.35 -2.95 -6.08
CA ASN A 16 8.53 -2.19 -6.23
C ASN A 16 9.58 -3.13 -6.70
N GLY A 17 9.62 -3.30 -7.99
CA GLY A 17 10.64 -4.06 -8.63
C GLY A 17 12.00 -3.64 -8.15
N ASN A 18 12.86 -4.59 -8.00
CA ASN A 18 14.18 -4.38 -7.41
C ASN A 18 15.07 -3.69 -8.39
N GLU A 19 14.62 -3.70 -9.61
CA GLU A 19 15.22 -3.06 -10.72
C GLU A 19 15.33 -1.57 -10.49
N HIS A 20 16.44 -1.02 -10.88
CA HIS A 20 16.73 0.37 -10.60
C HIS A 20 16.32 1.29 -11.72
N ARG A 21 15.01 1.36 -11.89
CA ARG A 21 14.32 2.23 -12.83
C ARG A 21 14.87 2.20 -14.26
N THR A 22 14.55 1.12 -14.89
CA THR A 22 14.82 0.89 -16.28
C THR A 22 13.48 0.52 -16.86
N SER A 23 13.42 -0.26 -17.90
CA SER A 23 12.15 -0.82 -18.31
C SER A 23 11.77 -1.91 -17.29
N SER A 24 11.39 -1.47 -16.11
CA SER A 24 11.09 -2.31 -15.01
C SER A 24 9.61 -2.47 -14.88
N THR A 25 9.11 -3.23 -15.74
CA THR A 25 7.72 -3.49 -15.86
C THR A 25 7.26 -4.53 -14.82
N PRO A 26 5.94 -4.59 -14.52
CA PRO A 26 5.40 -5.55 -13.57
C PRO A 26 5.49 -6.98 -14.10
N GLN A 27 6.61 -7.60 -13.81
CA GLN A 27 6.92 -8.94 -14.17
C GLN A 27 7.19 -9.73 -12.92
N GLN A 28 6.66 -9.22 -11.87
CA GLN A 28 6.79 -9.76 -10.57
C GLN A 28 5.78 -10.89 -10.40
N PRO A 29 6.06 -11.88 -9.53
CA PRO A 29 5.12 -12.97 -9.21
C PRO A 29 3.76 -12.46 -8.73
N GLN A 30 2.84 -13.39 -8.56
CA GLN A 30 1.47 -13.10 -8.19
C GLN A 30 1.40 -12.47 -6.82
N GLN A 31 2.20 -12.96 -5.92
CA GLN A 31 2.36 -12.33 -4.68
C GLN A 31 3.60 -11.51 -4.77
N ASN A 32 3.59 -10.46 -4.10
CA ASN A 32 4.68 -9.55 -4.05
C ASN A 32 5.02 -9.39 -2.60
N PRO A 33 6.16 -8.72 -2.24
CA PRO A 33 6.48 -8.40 -0.86
C PRO A 33 5.25 -7.86 -0.14
N SER A 34 4.99 -8.36 1.03
CA SER A 34 3.78 -8.03 1.70
C SER A 34 4.02 -7.85 3.16
N VAL A 35 3.14 -7.13 3.78
CA VAL A 35 3.18 -6.88 5.19
C VAL A 35 1.78 -6.81 5.68
N SER A 36 1.58 -7.24 6.86
CA SER A 36 0.33 -7.10 7.45
C SER A 36 0.40 -5.85 8.33
N HIS A 37 -0.12 -4.77 7.78
CA HIS A 37 0.07 -3.47 8.30
C HIS A 37 -1.20 -3.00 8.98
N ILE A 38 -1.00 -2.26 10.02
CA ILE A 38 -2.04 -1.69 10.90
C ILE A 38 -2.50 -0.37 10.21
N PHE A 39 -3.68 -0.37 9.74
CA PHE A 39 -4.26 0.79 9.14
C PHE A 39 -5.39 1.28 10.00
N ASP A 40 -5.61 2.57 9.96
CA ASP A 40 -6.66 3.24 10.72
C ASP A 40 -7.13 4.44 9.90
N GLY A 41 -7.95 5.27 10.52
CA GLY A 41 -8.51 6.41 9.83
C GLY A 41 -8.16 7.70 10.54
N GLU A 42 -7.18 7.64 11.42
CA GLU A 42 -6.77 8.73 12.20
C GLU A 42 -5.42 9.26 11.74
N THR A 43 -4.68 8.40 11.11
CA THR A 43 -3.45 8.73 10.52
C THR A 43 -3.63 8.81 9.00
N ALA A 44 -3.05 9.86 8.39
CA ALA A 44 -3.06 10.06 6.97
C ALA A 44 -2.53 8.85 6.24
N VAL A 45 -3.04 8.66 5.06
CA VAL A 45 -2.66 7.58 4.18
C VAL A 45 -1.16 7.61 3.98
N LYS A 46 -0.69 8.79 3.60
CA LYS A 46 0.72 9.05 3.27
C LYS A 46 1.63 8.62 4.42
N ASP A 47 1.17 8.77 5.65
CA ASP A 47 1.94 8.36 6.79
C ASP A 47 1.96 6.87 6.91
N HIS A 48 0.83 6.24 6.63
CA HIS A 48 0.75 4.79 6.60
C HIS A 48 1.70 4.29 5.48
N ILE A 49 1.71 5.05 4.39
CA ILE A 49 2.55 4.79 3.24
C ILE A 49 4.03 5.00 3.57
N LYS A 50 4.39 6.09 4.27
CA LYS A 50 5.78 6.28 4.69
C LYS A 50 6.27 5.11 5.54
N VAL A 51 5.36 4.54 6.32
CA VAL A 51 5.68 3.36 7.10
C VAL A 51 5.88 2.17 6.20
N LEU A 52 4.91 1.91 5.34
CA LEU A 52 5.00 0.81 4.39
C LEU A 52 6.25 0.91 3.57
N LEU A 53 6.53 2.08 3.02
CA LEU A 53 7.72 2.30 2.26
C LEU A 53 8.94 1.96 3.07
N THR A 54 8.98 2.46 4.29
CA THR A 54 10.04 2.18 5.18
C THR A 54 10.22 0.70 5.51
N HIS A 55 9.13 0.00 5.65
CA HIS A 55 9.16 -1.42 5.89
C HIS A 55 9.52 -2.20 4.61
N PHE A 56 9.17 -1.66 3.46
CA PHE A 56 9.51 -2.26 2.18
C PHE A 56 10.85 -1.77 1.64
N LYS A 57 11.51 -0.98 2.47
CA LYS A 57 12.86 -0.44 2.25
C LYS A 57 12.89 0.59 1.10
N ILE A 58 11.82 1.31 0.96
CA ILE A 58 11.69 2.32 -0.01
C ILE A 58 11.74 3.67 0.69
N PRO A 59 12.60 4.59 0.25
CA PRO A 59 12.60 5.96 0.75
C PRO A 59 11.22 6.56 0.71
N VAL A 60 10.85 7.17 1.80
CA VAL A 60 9.56 7.77 1.97
C VAL A 60 9.30 8.91 1.00
N ASP A 61 10.33 9.33 0.27
CA ASP A 61 10.15 10.43 -0.68
C ASP A 61 9.24 10.01 -1.84
N LYS A 62 9.08 8.70 -2.01
CA LYS A 62 8.26 8.18 -3.04
C LYS A 62 6.79 8.11 -2.65
N VAL A 63 6.49 8.42 -1.37
CA VAL A 63 5.10 8.49 -0.77
C VAL A 63 4.16 9.28 -1.69
N SER A 64 4.77 10.17 -2.41
CA SER A 64 4.19 10.98 -3.44
C SER A 64 3.53 10.10 -4.54
N SER A 65 4.28 9.13 -5.00
CA SER A 65 3.94 8.29 -6.11
C SER A 65 3.50 6.91 -5.66
N TYR A 66 3.20 6.75 -4.40
CA TYR A 66 2.71 5.50 -3.91
C TYR A 66 1.30 5.63 -3.44
N ALA A 67 0.53 4.61 -3.70
CA ALA A 67 -0.83 4.59 -3.33
C ALA A 67 -1.29 3.18 -3.12
N LEU A 68 -2.30 3.06 -2.30
CA LEU A 68 -2.91 1.82 -2.01
C LEU A 68 -3.95 1.54 -3.09
N GLN A 69 -3.85 0.42 -3.72
CA GLN A 69 -4.78 0.08 -4.79
C GLN A 69 -5.62 -1.10 -4.36
N ASN A 70 -6.81 -1.20 -4.90
CA ASN A 70 -7.69 -2.33 -4.69
C ASN A 70 -7.32 -3.43 -5.68
N PRO A 71 -7.29 -4.69 -5.25
CA PRO A 71 -6.93 -5.83 -6.12
C PRO A 71 -7.98 -6.21 -7.18
N PHE A 72 -9.19 -5.70 -7.08
CA PHE A 72 -10.20 -6.10 -8.02
C PHE A 72 -10.65 -4.97 -8.91
N THR A 73 -10.86 -3.85 -8.31
CA THR A 73 -11.38 -2.70 -9.00
C THR A 73 -10.22 -1.91 -9.60
N LEU A 74 -9.02 -2.17 -9.07
CA LEU A 74 -7.78 -1.51 -9.45
C LEU A 74 -7.84 -0.03 -9.14
N ALA A 75 -8.72 0.32 -8.24
CA ALA A 75 -8.89 1.69 -7.84
C ALA A 75 -7.84 2.04 -6.83
N TYR A 76 -7.34 3.22 -6.94
CA TYR A 76 -6.35 3.69 -6.02
C TYR A 76 -6.97 4.60 -5.01
N VAL A 77 -6.48 4.52 -3.82
CA VAL A 77 -6.88 5.38 -2.76
C VAL A 77 -6.17 6.71 -2.95
N GLU A 78 -6.93 7.72 -3.36
CA GLU A 78 -6.36 9.03 -3.60
C GLU A 78 -6.64 9.95 -2.43
N ASP A 79 -7.11 9.34 -1.37
CA ASP A 79 -7.44 10.02 -0.16
C ASP A 79 -6.21 10.43 0.56
N SER A 80 -6.35 11.45 1.29
CA SER A 80 -5.35 11.95 2.14
C SER A 80 -5.35 11.19 3.45
N PHE A 81 -6.51 10.86 3.92
CA PHE A 81 -6.71 10.12 5.11
C PHE A 81 -7.63 8.96 4.82
N LEU A 82 -7.46 7.88 5.54
CA LEU A 82 -8.26 6.69 5.35
C LEU A 82 -9.54 6.77 6.11
N THR A 83 -10.45 5.96 5.71
CA THR A 83 -11.70 5.85 6.34
C THR A 83 -11.83 4.42 6.84
N PRO A 84 -12.66 4.16 7.86
CA PRO A 84 -12.93 2.79 8.31
C PRO A 84 -13.50 1.96 7.17
N GLU A 85 -14.24 2.63 6.30
CA GLU A 85 -14.82 2.04 5.11
C GLU A 85 -13.74 1.53 4.15
N ARG A 86 -12.68 2.32 3.99
CA ARG A 86 -11.55 1.93 3.14
C ARG A 86 -10.85 0.74 3.72
N LEU A 87 -10.76 0.72 5.01
CA LEU A 87 -10.18 -0.36 5.74
C LEU A 87 -11.03 -1.61 5.58
N VAL A 88 -12.31 -1.46 5.76
CA VAL A 88 -13.23 -2.53 5.67
C VAL A 88 -13.30 -3.15 4.30
N GLU A 89 -13.32 -2.35 3.28
CA GLU A 89 -13.25 -2.89 1.96
C GLU A 89 -11.88 -3.51 1.66
N ALA A 90 -10.88 -3.02 2.31
CA ALA A 90 -9.55 -3.59 2.17
C ALA A 90 -9.38 -4.94 2.88
N GLU A 91 -9.89 -5.07 4.13
CA GLU A 91 -9.83 -6.35 4.83
C GLU A 91 -10.44 -7.49 4.06
N LYS A 92 -11.33 -7.16 3.15
CA LYS A 92 -11.92 -8.10 2.26
C LYS A 92 -10.87 -8.95 1.54
N SER A 93 -9.74 -8.34 1.23
CA SER A 93 -8.63 -9.05 0.64
C SER A 93 -7.24 -8.53 1.13
N TYR A 94 -6.80 -7.44 0.53
CA TYR A 94 -5.51 -6.80 0.80
C TYR A 94 -5.57 -5.38 0.23
N PHE A 95 -4.43 -4.71 0.30
CA PHE A 95 -4.17 -3.43 -0.37
C PHE A 95 -2.99 -3.65 -1.27
N ILE A 96 -2.92 -2.98 -2.38
CA ILE A 96 -1.75 -3.10 -3.22
C ILE A 96 -1.03 -1.76 -3.30
N LEU A 97 0.02 -1.64 -2.55
CA LEU A 97 0.84 -0.45 -2.51
C LEU A 97 1.75 -0.45 -3.73
N ARG A 98 1.42 0.41 -4.65
CA ARG A 98 2.11 0.46 -5.92
C ARG A 98 2.58 1.84 -6.20
N MET A 99 3.52 1.95 -7.11
CA MET A 99 3.84 3.20 -7.65
C MET A 99 2.75 3.52 -8.63
N LYS A 100 2.15 4.64 -8.44
CA LYS A 100 1.01 5.09 -9.22
C LYS A 100 1.38 5.21 -10.71
N PRO A 101 0.42 4.92 -11.60
CA PRO A 101 0.64 5.04 -13.05
C PRO A 101 0.99 6.46 -13.43
N HIS A 102 1.79 6.60 -14.46
CA HIS A 102 2.24 7.89 -14.90
C HIS A 102 1.10 8.75 -15.32
N ALA A 103 1.12 9.93 -14.80
CA ALA A 103 0.15 10.92 -15.06
C ALA A 103 0.89 12.21 -15.12
N ILE A 104 0.23 13.28 -15.41
CA ILE A 104 0.84 14.52 -15.46
C ILE A 104 0.90 15.11 -14.06
N ALA A 105 2.06 15.03 -13.49
CA ALA A 105 2.33 15.63 -12.23
C ALA A 105 3.16 16.86 -12.49
N ASP A 106 2.57 18.00 -12.33
CA ASP A 106 3.26 19.23 -12.62
C ASP A 106 3.02 20.24 -11.52
N ARG A 107 3.85 20.18 -10.55
CA ARG A 107 3.81 21.13 -9.48
C ARG A 107 5.10 21.89 -9.52
N GLY A 1 -20.14 -7.57 19.77
CA GLY A 1 -20.73 -8.40 18.72
C GLY A 1 -20.14 -8.14 17.35
N ALA A 2 -19.13 -7.29 17.29
CA ALA A 2 -18.45 -6.97 16.04
C ALA A 2 -16.97 -6.98 16.31
N HIS A 3 -16.19 -7.38 15.33
CA HIS A 3 -14.74 -7.44 15.50
C HIS A 3 -14.18 -6.06 15.72
N MET A 4 -13.41 -5.90 16.77
CA MET A 4 -12.80 -4.61 17.03
C MET A 4 -11.64 -4.40 16.10
N GLY A 5 -11.92 -3.75 15.02
CA GLY A 5 -10.94 -3.46 14.04
C GLY A 5 -11.00 -2.03 13.68
N GLY A 6 -10.54 -1.19 14.57
CA GLY A 6 -10.46 0.20 14.26
C GLY A 6 -9.23 0.43 13.48
N SER A 7 -8.15 -0.15 13.93
CA SER A 7 -6.99 -0.20 13.15
C SER A 7 -6.81 -1.64 12.73
N MET A 8 -6.73 -1.81 11.49
CA MET A 8 -6.79 -3.10 10.87
C MET A 8 -5.46 -3.54 10.38
N LYS A 9 -5.17 -4.79 10.54
CA LYS A 9 -3.94 -5.31 10.06
C LYS A 9 -4.21 -6.02 8.74
N ILE A 10 -3.96 -5.32 7.68
CA ILE A 10 -4.26 -5.71 6.35
C ILE A 10 -2.99 -6.04 5.58
N ARG A 11 -3.04 -7.10 4.81
CA ARG A 11 -1.96 -7.43 3.92
C ARG A 11 -1.85 -6.43 2.84
N VAL A 12 -0.68 -6.00 2.60
CA VAL A 12 -0.44 -5.08 1.58
C VAL A 12 0.53 -5.68 0.60
N GLU A 13 0.20 -5.76 -0.68
CA GLU A 13 1.23 -6.15 -1.61
C GLU A 13 1.98 -4.89 -1.95
N LEU A 14 3.21 -5.01 -2.31
CA LEU A 14 3.98 -3.87 -2.72
C LEU A 14 4.59 -4.08 -4.08
N ILE A 15 4.42 -3.11 -4.96
CA ILE A 15 5.21 -3.09 -6.18
C ILE A 15 6.03 -1.82 -6.13
N ASN A 16 7.32 -1.97 -6.15
CA ASN A 16 8.22 -0.82 -6.06
C ASN A 16 8.94 -0.58 -7.35
N GLY A 17 8.43 -1.22 -8.34
CA GLY A 17 8.95 -1.11 -9.65
C GLY A 17 9.14 -2.47 -10.25
N ASN A 18 9.94 -2.52 -11.27
CA ASN A 18 10.23 -3.72 -12.00
C ASN A 18 11.54 -4.27 -11.49
N GLU A 19 11.71 -4.10 -10.19
CA GLU A 19 12.95 -4.35 -9.47
C GLU A 19 13.22 -5.85 -9.26
N HIS A 20 12.87 -6.63 -10.24
CA HIS A 20 13.04 -8.04 -10.20
C HIS A 20 14.28 -8.39 -10.97
N ARG A 21 15.30 -8.74 -10.26
CA ARG A 21 16.55 -9.09 -10.87
C ARG A 21 16.61 -10.57 -11.17
N THR A 22 17.56 -10.96 -11.98
CA THR A 22 17.72 -12.32 -12.36
C THR A 22 18.40 -13.13 -11.27
N SER A 23 17.62 -13.59 -10.35
CA SER A 23 18.11 -14.41 -9.31
C SER A 23 18.09 -15.84 -9.85
N SER A 24 16.94 -16.22 -10.42
CA SER A 24 16.73 -17.51 -11.11
C SER A 24 16.86 -18.73 -10.17
N THR A 25 16.91 -18.43 -8.92
CA THR A 25 17.07 -19.38 -7.86
C THR A 25 15.69 -19.79 -7.31
N PRO A 26 15.58 -20.79 -6.43
CA PRO A 26 14.30 -21.18 -5.91
C PRO A 26 13.76 -20.28 -4.78
N GLN A 27 13.12 -19.18 -5.16
CA GLN A 27 12.43 -18.35 -4.20
C GLN A 27 11.04 -18.84 -3.96
N GLN A 28 10.75 -19.92 -4.63
CA GLN A 28 9.50 -20.66 -4.54
C GLN A 28 8.27 -19.79 -4.92
N PRO A 29 7.03 -20.30 -4.87
CA PRO A 29 5.85 -19.48 -5.06
C PRO A 29 5.75 -18.41 -3.96
N GLN A 30 6.06 -17.19 -4.32
CA GLN A 30 6.09 -16.10 -3.45
C GLN A 30 5.66 -14.90 -4.18
N GLN A 31 4.54 -14.43 -3.76
CA GLN A 31 3.92 -13.21 -4.23
C GLN A 31 4.80 -11.99 -4.03
N ASN A 32 4.24 -10.84 -4.26
CA ASN A 32 4.94 -9.61 -4.10
C ASN A 32 5.22 -9.38 -2.65
N PRO A 33 6.25 -8.58 -2.33
CA PRO A 33 6.56 -8.19 -0.98
C PRO A 33 5.28 -7.72 -0.30
N SER A 34 4.97 -8.32 0.79
CA SER A 34 3.73 -8.07 1.43
C SER A 34 3.91 -7.99 2.92
N VAL A 35 3.06 -7.26 3.56
CA VAL A 35 3.11 -7.04 4.97
C VAL A 35 1.74 -6.89 5.48
N SER A 36 1.53 -7.28 6.67
CA SER A 36 0.29 -7.05 7.29
C SER A 36 0.48 -5.77 8.10
N HIS A 37 -0.13 -4.72 7.63
CA HIS A 37 0.08 -3.43 8.16
C HIS A 37 -1.17 -2.92 8.84
N ILE A 38 -0.97 -2.14 9.87
CA ILE A 38 -2.03 -1.56 10.73
C ILE A 38 -2.50 -0.25 10.01
N PHE A 39 -3.69 -0.25 9.55
CA PHE A 39 -4.29 0.88 8.91
C PHE A 39 -5.41 1.40 9.75
N ASP A 40 -5.59 2.69 9.72
CA ASP A 40 -6.59 3.37 10.48
C ASP A 40 -6.99 4.64 9.76
N GLY A 41 -8.03 5.24 10.23
CA GLY A 41 -8.57 6.44 9.62
C GLY A 41 -8.22 7.68 10.40
N GLU A 42 -7.14 7.61 11.12
CA GLU A 42 -6.69 8.69 11.91
C GLU A 42 -5.33 9.21 11.43
N THR A 43 -4.55 8.30 10.94
CA THR A 43 -3.31 8.57 10.38
C THR A 43 -3.50 8.74 8.87
N ALA A 44 -2.89 9.76 8.29
CA ALA A 44 -2.94 9.97 6.86
C ALA A 44 -2.42 8.75 6.13
N VAL A 45 -2.97 8.54 4.96
CA VAL A 45 -2.61 7.45 4.09
C VAL A 45 -1.12 7.48 3.86
N LYS A 46 -0.66 8.65 3.46
CA LYS A 46 0.74 8.90 3.10
C LYS A 46 1.66 8.55 4.27
N ASP A 47 1.18 8.76 5.48
CA ASP A 47 1.94 8.44 6.65
C ASP A 47 1.99 6.94 6.86
N HIS A 48 0.88 6.27 6.56
CA HIS A 48 0.83 4.81 6.55
C HIS A 48 1.80 4.31 5.47
N ILE A 49 1.81 5.03 4.37
CA ILE A 49 2.66 4.76 3.24
C ILE A 49 4.12 4.95 3.58
N LYS A 50 4.48 6.03 4.29
CA LYS A 50 5.88 6.21 4.73
C LYS A 50 6.36 5.01 5.55
N VAL A 51 5.45 4.44 6.33
CA VAL A 51 5.74 3.26 7.12
C VAL A 51 5.93 2.06 6.22
N LEU A 52 4.98 1.80 5.36
CA LEU A 52 5.05 0.71 4.40
C LEU A 52 6.30 0.82 3.58
N LEU A 53 6.59 2.01 3.05
CA LEU A 53 7.78 2.23 2.26
C LEU A 53 9.00 1.87 3.07
N THR A 54 9.08 2.40 4.27
CA THR A 54 10.13 2.11 5.14
C THR A 54 10.28 0.63 5.50
N HIS A 55 9.18 -0.05 5.65
CA HIS A 55 9.19 -1.47 5.91
C HIS A 55 9.56 -2.27 4.66
N PHE A 56 9.21 -1.76 3.50
CA PHE A 56 9.55 -2.38 2.23
C PHE A 56 10.90 -1.92 1.72
N LYS A 57 11.56 -1.12 2.52
CA LYS A 57 12.92 -0.61 2.29
C LYS A 57 13.00 0.45 1.20
N ILE A 58 11.93 1.18 1.05
CA ILE A 58 11.81 2.21 0.10
C ILE A 58 11.88 3.54 0.84
N PRO A 59 12.62 4.52 0.34
CA PRO A 59 12.62 5.87 0.90
C PRO A 59 11.22 6.44 0.91
N VAL A 60 10.88 7.06 2.00
CA VAL A 60 9.59 7.68 2.20
C VAL A 60 9.35 8.81 1.23
N ASP A 61 10.38 9.21 0.51
CA ASP A 61 10.29 10.31 -0.45
C ASP A 61 9.42 9.92 -1.64
N LYS A 62 9.16 8.63 -1.77
CA LYS A 62 8.33 8.14 -2.84
C LYS A 62 6.85 8.14 -2.46
N VAL A 63 6.56 8.48 -1.21
CA VAL A 63 5.19 8.59 -0.61
C VAL A 63 4.28 9.43 -1.53
N SER A 64 4.93 10.36 -2.20
CA SER A 64 4.39 11.23 -3.20
C SER A 64 3.72 10.42 -4.33
N SER A 65 4.43 9.41 -4.76
CA SER A 65 4.10 8.62 -5.89
C SER A 65 3.52 7.28 -5.51
N TYR A 66 3.25 7.07 -4.28
CA TYR A 66 2.68 5.81 -3.86
C TYR A 66 1.23 5.95 -3.50
N ALA A 67 0.47 4.95 -3.86
CA ALA A 67 -0.93 4.93 -3.61
C ALA A 67 -1.35 3.52 -3.41
N LEU A 68 -2.23 3.32 -2.48
CA LEU A 68 -2.84 2.06 -2.24
C LEU A 68 -3.80 1.77 -3.37
N GLN A 69 -4.09 0.54 -3.58
CA GLN A 69 -4.94 0.11 -4.65
C GLN A 69 -5.73 -1.12 -4.20
N ASN A 70 -6.89 -1.28 -4.77
CA ASN A 70 -7.76 -2.39 -4.52
C ASN A 70 -7.43 -3.52 -5.48
N PRO A 71 -7.39 -4.75 -5.01
CA PRO A 71 -7.06 -5.92 -5.83
C PRO A 71 -8.15 -6.33 -6.84
N PHE A 72 -9.39 -5.89 -6.67
CA PHE A 72 -10.43 -6.32 -7.57
C PHE A 72 -10.86 -5.22 -8.51
N THR A 73 -11.08 -4.08 -7.94
CA THR A 73 -11.60 -2.95 -8.67
C THR A 73 -10.48 -2.23 -9.39
N LEU A 74 -9.27 -2.38 -8.86
CA LEU A 74 -8.05 -1.75 -9.37
C LEU A 74 -8.07 -0.26 -9.13
N ALA A 75 -8.98 0.15 -8.27
CA ALA A 75 -9.12 1.52 -7.91
C ALA A 75 -8.17 1.82 -6.80
N TYR A 76 -7.65 2.99 -6.79
CA TYR A 76 -6.72 3.38 -5.78
C TYR A 76 -7.39 3.95 -4.59
N VAL A 77 -6.57 4.41 -3.72
CA VAL A 77 -6.93 5.20 -2.62
C VAL A 77 -6.08 6.43 -2.76
N GLU A 78 -6.68 7.47 -3.25
CA GLU A 78 -6.00 8.71 -3.56
C GLU A 78 -6.31 9.74 -2.50
N ASP A 79 -6.84 9.24 -1.43
CA ASP A 79 -7.22 9.99 -0.27
C ASP A 79 -6.02 10.37 0.51
N SER A 80 -6.20 11.37 1.28
CA SER A 80 -5.22 11.80 2.19
C SER A 80 -5.31 11.02 3.47
N PHE A 81 -6.51 10.68 3.86
CA PHE A 81 -6.77 9.94 5.04
C PHE A 81 -7.70 8.79 4.69
N LEU A 82 -7.54 7.68 5.36
CA LEU A 82 -8.37 6.52 5.14
C LEU A 82 -9.68 6.65 5.86
N THR A 83 -10.65 5.98 5.34
CA THR A 83 -11.92 5.93 5.93
C THR A 83 -12.10 4.53 6.50
N PRO A 84 -12.95 4.34 7.53
CA PRO A 84 -13.26 3.01 8.05
C PRO A 84 -13.79 2.11 6.93
N GLU A 85 -14.55 2.70 6.03
CA GLU A 85 -15.08 2.03 4.87
C GLU A 85 -13.97 1.47 3.98
N ARG A 86 -12.93 2.25 3.74
CA ARG A 86 -11.82 1.77 2.97
C ARG A 86 -11.10 0.66 3.66
N LEU A 87 -10.99 0.77 4.96
CA LEU A 87 -10.38 -0.25 5.78
C LEU A 87 -11.17 -1.55 5.69
N VAL A 88 -12.45 -1.46 5.92
CA VAL A 88 -13.34 -2.55 5.88
C VAL A 88 -13.42 -3.25 4.57
N GLU A 89 -13.53 -2.50 3.52
CA GLU A 89 -13.47 -3.07 2.21
C GLU A 89 -12.09 -3.66 1.90
N ALA A 90 -11.08 -3.18 2.56
CA ALA A 90 -9.73 -3.73 2.40
C ALA A 90 -9.53 -5.01 3.18
N GLU A 91 -10.07 -5.11 4.42
CA GLU A 91 -10.00 -6.37 5.19
C GLU A 91 -10.49 -7.55 4.38
N LYS A 92 -11.37 -7.28 3.44
CA LYS A 92 -11.91 -8.26 2.53
C LYS A 92 -10.78 -9.08 1.87
N SER A 93 -9.68 -8.43 1.56
CA SER A 93 -8.55 -9.09 0.97
C SER A 93 -7.18 -8.50 1.38
N TYR A 94 -6.73 -7.52 0.63
CA TYR A 94 -5.46 -6.87 0.83
C TYR A 94 -5.53 -5.47 0.25
N PHE A 95 -4.45 -4.76 0.40
CA PHE A 95 -4.19 -3.48 -0.21
C PHE A 95 -3.01 -3.68 -1.10
N ILE A 96 -2.89 -2.93 -2.14
CA ILE A 96 -1.70 -2.99 -2.96
C ILE A 96 -1.05 -1.61 -2.90
N LEU A 97 0.22 -1.58 -2.74
CA LEU A 97 0.96 -0.36 -2.60
C LEU A 97 1.92 -0.32 -3.76
N ARG A 98 1.74 0.64 -4.63
CA ARG A 98 2.56 0.66 -5.83
C ARG A 98 2.76 2.10 -6.19
N MET A 99 3.58 2.32 -7.17
CA MET A 99 3.84 3.61 -7.63
C MET A 99 2.73 4.02 -8.58
N LYS A 100 2.29 5.23 -8.45
CA LYS A 100 1.29 5.78 -9.29
C LYS A 100 1.89 6.05 -10.65
N PRO A 101 1.12 5.88 -11.70
CA PRO A 101 1.57 6.13 -13.07
C PRO A 101 2.04 7.57 -13.25
N HIS A 102 3.20 7.71 -13.79
CA HIS A 102 3.82 8.98 -14.10
C HIS A 102 4.73 8.75 -15.25
N ALA A 103 5.18 9.81 -15.87
CA ALA A 103 6.18 9.70 -16.90
C ALA A 103 7.47 9.30 -16.23
N ILE A 104 8.22 8.46 -16.87
CA ILE A 104 9.43 7.93 -16.34
C ILE A 104 10.49 9.00 -16.15
N ALA A 105 10.93 9.11 -14.93
CA ALA A 105 11.99 10.00 -14.58
C ALA A 105 13.25 9.19 -14.53
N ASP A 106 14.08 9.37 -15.52
CA ASP A 106 15.34 8.68 -15.62
C ASP A 106 16.31 9.55 -16.32
N ARG A 107 17.10 10.21 -15.55
CA ARG A 107 18.16 11.05 -16.04
C ARG A 107 19.27 10.17 -16.61
N GLY A 1 -19.36 8.52 20.18
CA GLY A 1 -20.15 8.25 18.99
C GLY A 1 -19.27 8.13 17.79
N ALA A 2 -19.42 7.08 17.05
CA ALA A 2 -18.62 6.81 15.88
C ALA A 2 -19.41 5.85 15.01
N HIS A 3 -18.77 5.29 14.00
CA HIS A 3 -19.45 4.34 13.14
C HIS A 3 -18.58 3.12 12.94
N MET A 4 -17.89 2.75 14.01
CA MET A 4 -16.95 1.61 14.07
C MET A 4 -15.65 1.89 13.35
N GLY A 5 -14.60 2.03 14.11
CA GLY A 5 -13.29 2.20 13.56
C GLY A 5 -12.62 0.86 13.49
N GLY A 6 -11.62 0.64 14.32
CA GLY A 6 -11.01 -0.62 14.34
C GLY A 6 -9.87 -0.61 13.42
N SER A 7 -8.72 -0.37 13.97
CA SER A 7 -7.51 -0.40 13.18
C SER A 7 -7.24 -1.83 12.74
N MET A 8 -6.91 -1.97 11.48
CA MET A 8 -6.85 -3.25 10.82
C MET A 8 -5.51 -3.58 10.35
N LYS A 9 -5.14 -4.80 10.52
CA LYS A 9 -3.94 -5.30 10.02
C LYS A 9 -4.22 -6.01 8.71
N ILE A 10 -3.97 -5.31 7.66
CA ILE A 10 -4.28 -5.69 6.32
C ILE A 10 -3.01 -6.07 5.58
N ARG A 11 -3.08 -7.10 4.76
CA ARG A 11 -1.99 -7.46 3.90
C ARG A 11 -1.83 -6.43 2.85
N VAL A 12 -0.68 -5.97 2.70
CA VAL A 12 -0.40 -5.05 1.70
C VAL A 12 0.55 -5.66 0.72
N GLU A 13 0.21 -5.73 -0.54
CA GLU A 13 1.22 -6.07 -1.48
C GLU A 13 1.97 -4.81 -1.82
N LEU A 14 3.21 -4.93 -2.11
CA LEU A 14 4.01 -3.82 -2.52
C LEU A 14 4.68 -4.12 -3.82
N ILE A 15 4.55 -3.22 -4.76
CA ILE A 15 5.38 -3.32 -5.94
C ILE A 15 6.31 -2.11 -5.99
N ASN A 16 7.58 -2.38 -5.85
CA ASN A 16 8.62 -1.36 -5.91
C ASN A 16 9.53 -1.58 -7.11
N GLY A 17 8.97 -2.19 -8.13
CA GLY A 17 9.70 -2.49 -9.35
C GLY A 17 9.91 -1.27 -10.23
N ASN A 18 10.38 -0.21 -9.62
CA ASN A 18 10.76 1.00 -10.26
C ASN A 18 12.09 1.49 -9.73
N GLU A 19 12.60 0.84 -8.67
CA GLU A 19 13.89 1.16 -8.12
C GLU A 19 14.96 0.49 -8.99
N HIS A 20 15.03 0.92 -10.26
CA HIS A 20 15.84 0.29 -11.30
C HIS A 20 15.29 -1.06 -11.68
N ARG A 21 15.15 -1.28 -12.98
CA ARG A 21 14.71 -2.54 -13.54
C ARG A 21 13.21 -2.79 -13.35
N THR A 22 12.44 -2.46 -14.37
CA THR A 22 11.00 -2.65 -14.36
C THR A 22 10.66 -4.02 -14.94
N SER A 23 11.67 -4.79 -15.06
CA SER A 23 11.67 -6.14 -15.53
C SER A 23 12.80 -6.81 -14.80
N SER A 24 12.47 -7.85 -14.04
CA SER A 24 13.37 -8.53 -13.13
C SER A 24 13.76 -7.59 -12.02
N THR A 25 12.99 -7.67 -10.97
CA THR A 25 13.04 -6.81 -9.84
C THR A 25 14.31 -6.99 -8.96
N PRO A 26 14.56 -6.05 -8.00
CA PRO A 26 15.73 -6.09 -7.09
C PRO A 26 15.76 -7.30 -6.15
N GLN A 27 16.34 -7.09 -4.97
CA GLN A 27 16.53 -8.12 -3.94
C GLN A 27 15.24 -8.43 -3.19
N GLN A 28 14.16 -8.22 -3.87
CA GLN A 28 12.84 -8.46 -3.40
C GLN A 28 12.52 -9.94 -3.63
N PRO A 29 11.61 -10.53 -2.82
CA PRO A 29 11.20 -11.95 -2.98
C PRO A 29 10.51 -12.22 -4.33
N GLN A 30 10.17 -13.47 -4.58
CA GLN A 30 9.52 -13.85 -5.81
C GLN A 30 8.09 -13.41 -5.80
N GLN A 31 7.39 -13.76 -4.74
CA GLN A 31 6.09 -13.24 -4.53
C GLN A 31 6.27 -11.83 -4.06
N ASN A 32 5.32 -11.00 -4.37
CA ASN A 32 5.44 -9.61 -4.04
C ASN A 32 5.55 -9.42 -2.56
N PRO A 33 6.51 -8.60 -2.13
CA PRO A 33 6.70 -8.22 -0.74
C PRO A 33 5.38 -7.78 -0.12
N SER A 34 5.06 -8.33 1.01
CA SER A 34 3.82 -8.07 1.64
C SER A 34 4.01 -7.89 3.11
N VAL A 35 3.10 -7.22 3.71
CA VAL A 35 3.12 -6.99 5.11
C VAL A 35 1.74 -6.89 5.61
N SER A 36 1.55 -7.28 6.80
CA SER A 36 0.31 -7.11 7.41
C SER A 36 0.46 -5.82 8.23
N HIS A 37 -0.15 -4.77 7.75
CA HIS A 37 0.06 -3.48 8.26
C HIS A 37 -1.19 -2.96 8.92
N ILE A 38 -0.99 -2.23 9.97
CA ILE A 38 -2.03 -1.64 10.86
C ILE A 38 -2.49 -0.31 10.16
N PHE A 39 -3.68 -0.29 9.71
CA PHE A 39 -4.26 0.86 9.10
C PHE A 39 -5.36 1.39 9.98
N ASP A 40 -5.49 2.69 9.98
CA ASP A 40 -6.50 3.39 10.73
C ASP A 40 -6.94 4.60 9.91
N GLY A 41 -7.75 5.43 10.51
CA GLY A 41 -8.30 6.58 9.82
C GLY A 41 -7.92 7.86 10.54
N GLU A 42 -6.86 7.79 11.31
CA GLU A 42 -6.38 8.87 12.09
C GLU A 42 -5.05 9.38 11.57
N THR A 43 -4.35 8.49 10.94
CA THR A 43 -3.14 8.77 10.30
C THR A 43 -3.48 8.98 8.82
N ALA A 44 -2.68 9.74 8.11
CA ALA A 44 -2.96 9.97 6.72
C ALA A 44 -2.49 8.76 5.97
N VAL A 45 -3.07 8.55 4.82
CA VAL A 45 -2.69 7.46 3.94
C VAL A 45 -1.21 7.48 3.70
N LYS A 46 -0.74 8.63 3.29
CA LYS A 46 0.67 8.88 2.92
C LYS A 46 1.59 8.51 4.07
N ASP A 47 1.15 8.76 5.26
CA ASP A 47 1.93 8.45 6.41
C ASP A 47 1.95 6.98 6.69
N HIS A 48 0.83 6.32 6.44
CA HIS A 48 0.76 4.86 6.49
C HIS A 48 1.73 4.31 5.42
N ILE A 49 1.76 5.01 4.30
CA ILE A 49 2.60 4.71 3.17
C ILE A 49 4.07 4.89 3.49
N LYS A 50 4.45 5.98 4.18
CA LYS A 50 5.84 6.15 4.62
C LYS A 50 6.30 4.97 5.45
N VAL A 51 5.41 4.45 6.28
CA VAL A 51 5.69 3.30 7.11
C VAL A 51 5.89 2.07 6.25
N LEU A 52 4.93 1.80 5.39
CA LEU A 52 5.01 0.70 4.46
C LEU A 52 6.28 0.77 3.65
N LEU A 53 6.55 1.95 3.08
CA LEU A 53 7.74 2.16 2.31
C LEU A 53 8.97 1.85 3.14
N THR A 54 9.00 2.36 4.34
CA THR A 54 10.07 2.12 5.24
C THR A 54 10.26 0.64 5.61
N HIS A 55 9.18 -0.06 5.82
CA HIS A 55 9.21 -1.47 6.10
C HIS A 55 9.61 -2.27 4.86
N PHE A 56 9.26 -1.78 3.71
CA PHE A 56 9.66 -2.36 2.45
C PHE A 56 11.02 -1.82 2.00
N LYS A 57 11.58 -0.97 2.83
CA LYS A 57 12.92 -0.38 2.65
C LYS A 57 13.02 0.52 1.43
N ILE A 58 11.98 1.26 1.21
CA ILE A 58 11.86 2.22 0.18
C ILE A 58 11.92 3.60 0.81
N PRO A 59 12.59 4.57 0.19
CA PRO A 59 12.58 5.95 0.67
C PRO A 59 11.18 6.50 0.71
N VAL A 60 10.86 7.12 1.80
CA VAL A 60 9.58 7.72 2.04
C VAL A 60 9.29 8.85 1.10
N ASP A 61 10.27 9.28 0.34
CA ASP A 61 10.09 10.35 -0.64
C ASP A 61 9.26 9.90 -1.80
N LYS A 62 9.08 8.60 -1.92
CA LYS A 62 8.32 8.02 -2.95
C LYS A 62 6.84 7.97 -2.61
N VAL A 63 6.53 8.29 -1.34
CA VAL A 63 5.15 8.38 -0.76
C VAL A 63 4.24 9.24 -1.66
N SER A 64 4.89 10.18 -2.32
CA SER A 64 4.34 11.06 -3.29
C SER A 64 3.64 10.24 -4.42
N SER A 65 4.38 9.27 -4.89
CA SER A 65 4.00 8.48 -6.02
C SER A 65 3.45 7.12 -5.60
N TYR A 66 3.26 6.90 -4.34
CA TYR A 66 2.74 5.64 -3.89
C TYR A 66 1.33 5.78 -3.45
N ALA A 67 0.56 4.77 -3.70
CA ALA A 67 -0.80 4.75 -3.36
C ALA A 67 -1.26 3.33 -3.21
N LEU A 68 -2.21 3.15 -2.35
CA LEU A 68 -2.83 1.89 -2.10
C LEU A 68 -3.86 1.64 -3.18
N GLN A 69 -3.88 0.49 -3.76
CA GLN A 69 -4.86 0.17 -4.77
C GLN A 69 -5.71 -1.01 -4.31
N ASN A 70 -6.92 -1.08 -4.82
CA ASN A 70 -7.80 -2.20 -4.59
C ASN A 70 -7.52 -3.28 -5.63
N PRO A 71 -7.35 -4.52 -5.20
CA PRO A 71 -7.02 -5.65 -6.10
C PRO A 71 -8.12 -6.04 -7.11
N PHE A 72 -9.35 -5.67 -6.88
CA PHE A 72 -10.42 -6.07 -7.76
C PHE A 72 -10.94 -4.97 -8.61
N THR A 73 -11.12 -3.83 -8.02
CA THR A 73 -11.69 -2.70 -8.71
C THR A 73 -10.59 -1.92 -9.40
N LEU A 74 -9.38 -2.06 -8.88
CA LEU A 74 -8.20 -1.39 -9.37
C LEU A 74 -8.21 0.09 -9.08
N ALA A 75 -9.05 0.47 -8.13
CA ALA A 75 -9.13 1.84 -7.71
C ALA A 75 -8.04 2.14 -6.74
N TYR A 76 -7.45 3.28 -6.87
CA TYR A 76 -6.40 3.71 -5.99
C TYR A 76 -6.99 4.50 -4.85
N VAL A 77 -6.19 4.76 -3.87
CA VAL A 77 -6.60 5.57 -2.76
C VAL A 77 -5.85 6.92 -2.74
N GLU A 78 -6.31 7.82 -3.57
CA GLU A 78 -5.87 9.22 -3.59
C GLU A 78 -6.29 10.01 -2.38
N ASP A 79 -7.00 9.35 -1.51
CA ASP A 79 -7.48 9.93 -0.32
C ASP A 79 -6.36 10.33 0.56
N SER A 80 -6.60 11.32 1.33
CA SER A 80 -5.65 11.81 2.23
C SER A 80 -5.60 10.95 3.46
N PHE A 81 -6.75 10.56 3.90
CA PHE A 81 -6.92 9.76 5.04
C PHE A 81 -7.85 8.63 4.69
N LEU A 82 -7.69 7.56 5.40
CA LEU A 82 -8.50 6.38 5.20
C LEU A 82 -9.75 6.48 5.99
N THR A 83 -10.73 5.80 5.52
CA THR A 83 -11.97 5.72 6.18
C THR A 83 -12.10 4.30 6.72
N PRO A 84 -12.89 4.07 7.78
CA PRO A 84 -13.17 2.72 8.26
C PRO A 84 -13.76 1.88 7.14
N GLU A 85 -14.53 2.53 6.28
CA GLU A 85 -15.12 1.90 5.12
C GLU A 85 -14.03 1.34 4.18
N ARG A 86 -12.99 2.14 3.92
CA ARG A 86 -11.88 1.69 3.09
C ARG A 86 -11.15 0.55 3.74
N LEU A 87 -11.01 0.61 5.04
CA LEU A 87 -10.37 -0.43 5.81
C LEU A 87 -11.17 -1.72 5.69
N VAL A 88 -12.46 -1.61 5.89
CA VAL A 88 -13.36 -2.69 5.81
C VAL A 88 -13.43 -3.36 4.47
N GLU A 89 -13.53 -2.58 3.45
CA GLU A 89 -13.48 -3.10 2.12
C GLU A 89 -12.10 -3.67 1.78
N ALA A 90 -11.09 -3.18 2.43
CA ALA A 90 -9.73 -3.71 2.24
C ALA A 90 -9.49 -5.02 2.99
N GLU A 91 -9.95 -5.14 4.28
CA GLU A 91 -9.83 -6.41 5.01
C GLU A 91 -10.40 -7.60 4.28
N LYS A 92 -11.25 -7.30 3.32
CA LYS A 92 -11.80 -8.28 2.44
C LYS A 92 -10.69 -9.10 1.77
N SER A 93 -9.62 -8.43 1.39
CA SER A 93 -8.50 -9.10 0.77
C SER A 93 -7.11 -8.52 1.14
N TYR A 94 -6.72 -7.45 0.48
CA TYR A 94 -5.44 -6.78 0.68
C TYR A 94 -5.51 -5.37 0.09
N PHE A 95 -4.40 -4.67 0.18
CA PHE A 95 -4.16 -3.39 -0.47
C PHE A 95 -2.95 -3.58 -1.37
N ILE A 96 -2.89 -2.91 -2.48
CA ILE A 96 -1.72 -3.02 -3.34
C ILE A 96 -1.00 -1.67 -3.36
N LEU A 97 0.06 -1.58 -2.62
CA LEU A 97 0.87 -0.39 -2.53
C LEU A 97 1.77 -0.34 -3.76
N ARG A 98 1.41 0.53 -4.67
CA ARG A 98 2.07 0.61 -5.95
C ARG A 98 2.51 2.00 -6.18
N MET A 99 3.47 2.14 -7.06
CA MET A 99 3.78 3.40 -7.57
C MET A 99 2.73 3.72 -8.58
N LYS A 100 2.19 4.88 -8.49
CA LYS A 100 1.18 5.31 -9.40
C LYS A 100 1.77 5.39 -10.81
N PRO A 101 1.01 4.87 -11.82
CA PRO A 101 1.42 4.73 -13.23
C PRO A 101 2.44 5.75 -13.70
N HIS A 102 3.62 5.25 -14.01
CA HIS A 102 4.72 6.06 -14.45
C HIS A 102 4.41 6.60 -15.82
N ALA A 103 4.65 7.84 -16.00
CA ALA A 103 4.37 8.50 -17.22
C ALA A 103 5.68 8.89 -17.86
N ILE A 104 5.61 9.84 -18.77
CA ILE A 104 6.75 10.35 -19.43
C ILE A 104 7.73 10.94 -18.41
N ALA A 105 9.01 10.70 -18.61
CA ALA A 105 10.05 11.13 -17.68
C ALA A 105 9.98 12.61 -17.38
N ASP A 106 9.55 12.88 -16.15
CA ASP A 106 9.45 14.21 -15.55
C ASP A 106 8.44 15.10 -16.29
N ARG A 107 7.53 14.47 -16.97
CA ARG A 107 6.48 15.16 -17.68
C ARG A 107 5.17 14.39 -17.55
N GLY A 1 -21.28 -1.35 18.43
CA GLY A 1 -19.83 -1.48 18.47
C GLY A 1 -19.21 -0.13 18.58
N ALA A 2 -17.94 -0.04 18.32
CA ALA A 2 -17.22 1.21 18.43
C ALA A 2 -16.09 1.24 17.44
N HIS A 3 -15.56 2.42 17.20
CA HIS A 3 -14.44 2.58 16.30
C HIS A 3 -13.13 2.34 17.07
N MET A 4 -13.23 2.25 18.38
CA MET A 4 -12.08 1.91 19.22
C MET A 4 -11.64 0.50 18.89
N GLY A 5 -10.51 0.39 18.25
CA GLY A 5 -10.05 -0.88 17.79
C GLY A 5 -10.56 -1.10 16.39
N GLY A 6 -10.55 -0.03 15.63
CA GLY A 6 -11.01 -0.07 14.27
C GLY A 6 -9.89 0.05 13.30
N SER A 7 -8.71 -0.24 13.75
CA SER A 7 -7.57 -0.27 12.92
C SER A 7 -7.41 -1.71 12.40
N MET A 8 -6.93 -1.84 11.20
CA MET A 8 -6.90 -3.12 10.57
C MET A 8 -5.52 -3.51 10.17
N LYS A 9 -5.17 -4.74 10.40
CA LYS A 9 -3.93 -5.23 9.93
C LYS A 9 -4.18 -5.96 8.61
N ILE A 10 -3.90 -5.24 7.57
CA ILE A 10 -4.20 -5.63 6.23
C ILE A 10 -2.92 -5.98 5.47
N ARG A 11 -2.98 -7.03 4.68
CA ARG A 11 -1.90 -7.37 3.80
C ARG A 11 -1.81 -6.41 2.70
N VAL A 12 -0.66 -5.96 2.47
CA VAL A 12 -0.42 -5.05 1.44
C VAL A 12 0.53 -5.67 0.45
N GLU A 13 0.19 -5.74 -0.84
CA GLU A 13 1.19 -6.09 -1.80
C GLU A 13 1.99 -4.84 -2.09
N LEU A 14 3.22 -4.99 -2.41
CA LEU A 14 4.04 -3.88 -2.78
C LEU A 14 4.70 -4.11 -4.11
N ILE A 15 4.52 -3.20 -5.04
CA ILE A 15 5.32 -3.24 -6.24
C ILE A 15 6.28 -2.05 -6.23
N ASN A 16 7.53 -2.33 -5.98
CA ASN A 16 8.61 -1.33 -6.10
C ASN A 16 9.51 -1.78 -7.23
N GLY A 17 9.02 -2.76 -7.87
CA GLY A 17 9.69 -3.42 -8.92
C GLY A 17 9.29 -4.86 -8.89
N ASN A 18 9.65 -5.57 -9.90
CA ASN A 18 9.35 -6.99 -10.01
C ASN A 18 10.62 -7.76 -9.95
N GLU A 19 11.56 -7.16 -9.23
CA GLU A 19 12.88 -7.68 -9.01
C GLU A 19 12.76 -9.04 -8.35
N HIS A 20 12.96 -10.08 -9.12
CA HIS A 20 12.84 -11.41 -8.62
C HIS A 20 14.04 -11.81 -7.86
N ARG A 21 13.90 -11.79 -6.56
CA ARG A 21 14.95 -12.07 -5.62
C ARG A 21 15.35 -13.53 -5.71
N THR A 22 16.63 -13.75 -5.83
CA THR A 22 17.20 -15.06 -6.02
C THR A 22 17.47 -15.75 -4.68
N SER A 23 16.57 -15.54 -3.76
CA SER A 23 16.65 -16.11 -2.44
C SER A 23 16.54 -17.64 -2.55
N SER A 24 17.54 -18.34 -2.06
CA SER A 24 17.57 -19.79 -2.10
C SER A 24 16.70 -20.39 -0.99
N THR A 25 16.11 -19.50 -0.25
CA THR A 25 15.20 -19.80 0.81
C THR A 25 13.78 -19.85 0.26
N PRO A 26 12.81 -20.44 0.98
CA PRO A 26 11.43 -20.49 0.56
C PRO A 26 10.82 -19.11 0.71
N GLN A 27 10.64 -18.43 -0.39
CA GLN A 27 10.14 -17.07 -0.41
C GLN A 27 8.67 -16.99 -0.17
N GLN A 28 8.10 -18.11 -0.20
CA GLN A 28 6.66 -18.35 -0.07
C GLN A 28 5.88 -17.75 -1.28
N PRO A 29 4.74 -18.34 -1.65
CA PRO A 29 3.93 -17.86 -2.78
C PRO A 29 3.01 -16.68 -2.37
N GLN A 30 3.55 -15.82 -1.53
CA GLN A 30 2.81 -14.70 -0.97
C GLN A 30 2.85 -13.46 -1.87
N GLN A 31 2.68 -13.69 -3.20
CA GLN A 31 2.70 -12.70 -4.20
C GLN A 31 3.91 -11.77 -4.09
N ASN A 32 3.76 -10.55 -4.53
CA ASN A 32 4.79 -9.53 -4.39
C ASN A 32 5.07 -9.30 -2.91
N PRO A 33 6.22 -8.64 -2.53
CA PRO A 33 6.53 -8.31 -1.14
C PRO A 33 5.28 -7.79 -0.43
N SER A 34 4.96 -8.41 0.68
CA SER A 34 3.73 -8.14 1.34
C SER A 34 3.94 -7.96 2.82
N VAL A 35 3.03 -7.27 3.45
CA VAL A 35 3.07 -7.04 4.87
C VAL A 35 1.68 -6.92 5.38
N SER A 36 1.48 -7.32 6.58
CA SER A 36 0.26 -7.10 7.22
C SER A 36 0.47 -5.84 8.07
N HIS A 37 -0.12 -4.76 7.63
CA HIS A 37 0.12 -3.47 8.15
C HIS A 37 -1.14 -2.92 8.82
N ILE A 38 -0.93 -2.16 9.85
CA ILE A 38 -1.97 -1.55 10.71
C ILE A 38 -2.41 -0.24 9.97
N PHE A 39 -3.60 -0.22 9.51
CA PHE A 39 -4.17 0.91 8.87
C PHE A 39 -5.28 1.44 9.74
N ASP A 40 -5.43 2.73 9.72
CA ASP A 40 -6.43 3.43 10.46
C ASP A 40 -6.85 4.64 9.68
N GLY A 41 -7.91 5.25 10.14
CA GLY A 41 -8.45 6.42 9.47
C GLY A 41 -8.16 7.70 10.20
N GLU A 42 -7.19 7.65 11.08
CA GLU A 42 -6.86 8.75 11.89
C GLU A 42 -5.52 9.37 11.46
N THR A 43 -4.72 8.55 10.85
CA THR A 43 -3.51 8.90 10.28
C THR A 43 -3.68 8.98 8.77
N ALA A 44 -3.09 10.00 8.17
CA ALA A 44 -3.10 10.18 6.73
C ALA A 44 -2.53 8.96 6.03
N VAL A 45 -3.03 8.73 4.84
CA VAL A 45 -2.62 7.65 3.98
C VAL A 45 -1.13 7.65 3.80
N LYS A 46 -0.64 8.81 3.44
CA LYS A 46 0.78 9.04 3.13
C LYS A 46 1.66 8.58 4.28
N ASP A 47 1.24 8.87 5.47
CA ASP A 47 1.98 8.50 6.65
C ASP A 47 1.98 6.99 6.83
N HIS A 48 0.86 6.36 6.54
CA HIS A 48 0.77 4.89 6.54
C HIS A 48 1.74 4.36 5.46
N ILE A 49 1.79 5.08 4.38
CA ILE A 49 2.64 4.80 3.26
C ILE A 49 4.11 4.97 3.61
N LYS A 50 4.49 6.04 4.32
CA LYS A 50 5.87 6.20 4.77
C LYS A 50 6.32 4.99 5.60
N VAL A 51 5.41 4.42 6.35
CA VAL A 51 5.70 3.24 7.14
C VAL A 51 5.88 2.05 6.23
N LEU A 52 4.92 1.80 5.38
CA LEU A 52 4.98 0.72 4.41
C LEU A 52 6.25 0.79 3.61
N LEU A 53 6.55 1.98 3.09
CA LEU A 53 7.74 2.19 2.33
C LEU A 53 8.94 1.81 3.16
N THR A 54 9.00 2.31 4.37
CA THR A 54 10.05 2.00 5.26
C THR A 54 10.20 0.50 5.56
N HIS A 55 9.10 -0.18 5.71
CA HIS A 55 9.11 -1.60 5.96
C HIS A 55 9.52 -2.39 4.71
N PHE A 56 9.17 -1.89 3.55
CA PHE A 56 9.57 -2.49 2.29
C PHE A 56 10.95 -1.99 1.84
N LYS A 57 11.49 -1.08 2.62
CA LYS A 57 12.81 -0.47 2.43
C LYS A 57 12.88 0.45 1.21
N ILE A 58 11.82 1.16 1.04
CA ILE A 58 11.65 2.14 0.04
C ILE A 58 11.72 3.50 0.73
N PRO A 59 12.43 4.49 0.18
CA PRO A 59 12.48 5.82 0.77
C PRO A 59 11.11 6.42 0.89
N VAL A 60 10.86 6.99 2.04
CA VAL A 60 9.62 7.63 2.34
C VAL A 60 9.36 8.83 1.48
N ASP A 61 10.38 9.27 0.76
CA ASP A 61 10.23 10.42 -0.13
C ASP A 61 9.33 10.05 -1.30
N LYS A 62 9.20 8.74 -1.54
CA LYS A 62 8.43 8.24 -2.64
C LYS A 62 6.95 8.15 -2.30
N VAL A 63 6.63 8.49 -1.07
CA VAL A 63 5.25 8.58 -0.49
C VAL A 63 4.32 9.37 -1.42
N SER A 64 4.93 10.30 -2.13
CA SER A 64 4.32 11.08 -3.16
C SER A 64 3.70 10.15 -4.21
N SER A 65 4.56 9.33 -4.77
CA SER A 65 4.25 8.47 -5.85
C SER A 65 3.71 7.14 -5.38
N TYR A 66 3.39 7.01 -4.15
CA TYR A 66 2.83 5.77 -3.70
C TYR A 66 1.40 5.92 -3.38
N ALA A 67 0.67 4.90 -3.68
CA ALA A 67 -0.73 4.88 -3.46
C ALA A 67 -1.16 3.47 -3.15
N LEU A 68 -2.24 3.35 -2.44
CA LEU A 68 -2.83 2.09 -2.16
C LEU A 68 -3.79 1.77 -3.27
N GLN A 69 -4.15 0.54 -3.42
CA GLN A 69 -5.03 0.10 -4.49
C GLN A 69 -5.84 -1.12 -4.04
N ASN A 70 -7.03 -1.25 -4.60
CA ASN A 70 -7.94 -2.36 -4.35
C ASN A 70 -7.61 -3.49 -5.36
N PRO A 71 -7.59 -4.75 -4.90
CA PRO A 71 -7.28 -5.91 -5.77
C PRO A 71 -8.36 -6.25 -6.82
N PHE A 72 -9.60 -5.84 -6.62
CA PHE A 72 -10.65 -6.23 -7.54
C PHE A 72 -11.08 -5.13 -8.45
N THR A 73 -11.21 -3.96 -7.90
CA THR A 73 -11.71 -2.83 -8.65
C THR A 73 -10.58 -2.08 -9.29
N LEU A 74 -9.37 -2.29 -8.76
CA LEU A 74 -8.15 -1.64 -9.20
C LEU A 74 -8.18 -0.15 -8.93
N ALA A 75 -9.07 0.24 -8.05
CA ALA A 75 -9.20 1.61 -7.66
C ALA A 75 -8.18 1.89 -6.62
N TYR A 76 -7.59 3.02 -6.70
CA TYR A 76 -6.59 3.40 -5.76
C TYR A 76 -7.21 4.02 -4.57
N VAL A 77 -6.37 4.48 -3.72
CA VAL A 77 -6.74 5.32 -2.64
C VAL A 77 -5.98 6.61 -2.91
N GLU A 78 -6.67 7.58 -3.44
CA GLU A 78 -6.07 8.85 -3.80
C GLU A 78 -6.42 9.89 -2.77
N ASP A 79 -6.92 9.37 -1.69
CA ASP A 79 -7.33 10.08 -0.53
C ASP A 79 -6.16 10.52 0.26
N SER A 80 -6.40 11.48 1.07
CA SER A 80 -5.47 11.98 1.99
C SER A 80 -5.49 11.13 3.24
N PHE A 81 -6.67 10.75 3.63
CA PHE A 81 -6.91 9.92 4.77
C PHE A 81 -7.77 8.75 4.38
N LEU A 82 -7.65 7.71 5.13
CA LEU A 82 -8.41 6.49 4.93
C LEU A 82 -9.69 6.56 5.69
N THR A 83 -10.68 5.95 5.16
CA THR A 83 -11.92 5.85 5.80
C THR A 83 -11.99 4.46 6.44
N PRO A 84 -12.76 4.30 7.53
CA PRO A 84 -12.98 2.98 8.14
C PRO A 84 -13.58 2.02 7.13
N GLU A 85 -14.41 2.57 6.24
CA GLU A 85 -14.97 1.83 5.15
C GLU A 85 -13.89 1.25 4.26
N ARG A 86 -12.92 2.06 3.88
CA ARG A 86 -11.81 1.60 3.07
C ARG A 86 -11.04 0.51 3.76
N LEU A 87 -10.88 0.63 5.05
CA LEU A 87 -10.19 -0.35 5.86
C LEU A 87 -10.95 -1.67 5.85
N VAL A 88 -12.23 -1.59 6.08
CA VAL A 88 -13.08 -2.71 6.06
C VAL A 88 -13.20 -3.37 4.70
N GLU A 89 -13.33 -2.57 3.69
CA GLU A 89 -13.31 -3.03 2.31
C GLU A 89 -11.97 -3.69 1.95
N ALA A 90 -10.91 -3.25 2.59
CA ALA A 90 -9.59 -3.83 2.39
C ALA A 90 -9.38 -5.09 3.24
N GLU A 91 -9.96 -5.11 4.44
CA GLU A 91 -9.90 -6.30 5.32
C GLU A 91 -10.46 -7.54 4.65
N LYS A 92 -11.31 -7.31 3.69
CA LYS A 92 -11.88 -8.32 2.83
C LYS A 92 -10.78 -9.16 2.16
N SER A 93 -9.73 -8.50 1.74
CA SER A 93 -8.63 -9.18 1.08
C SER A 93 -7.23 -8.62 1.41
N TYR A 94 -6.79 -7.63 0.63
CA TYR A 94 -5.50 -6.98 0.79
C TYR A 94 -5.58 -5.58 0.16
N PHE A 95 -4.47 -4.87 0.25
CA PHE A 95 -4.22 -3.60 -0.44
C PHE A 95 -3.05 -3.82 -1.36
N ILE A 96 -2.95 -3.10 -2.44
CA ILE A 96 -1.73 -3.12 -3.25
C ILE A 96 -1.09 -1.72 -3.15
N LEU A 97 0.18 -1.67 -2.94
CA LEU A 97 0.92 -0.46 -2.74
C LEU A 97 1.89 -0.37 -3.88
N ARG A 98 1.76 0.61 -4.71
CA ARG A 98 2.64 0.70 -5.85
C ARG A 98 2.86 2.13 -6.11
N MET A 99 3.66 2.37 -7.08
CA MET A 99 3.93 3.66 -7.52
C MET A 99 2.81 4.09 -8.43
N LYS A 100 2.41 5.31 -8.26
CA LYS A 100 1.45 5.95 -9.09
C LYS A 100 2.02 6.07 -10.48
N PRO A 101 1.22 5.79 -11.51
CA PRO A 101 1.67 5.89 -12.89
C PRO A 101 2.02 7.30 -13.25
N HIS A 102 3.27 7.54 -13.35
CA HIS A 102 3.78 8.82 -13.71
C HIS A 102 3.75 8.99 -15.19
N ALA A 103 2.93 9.89 -15.62
CA ALA A 103 2.82 10.23 -16.99
C ALA A 103 3.90 11.25 -17.31
N ILE A 104 3.99 11.67 -18.53
CA ILE A 104 4.98 12.60 -18.90
C ILE A 104 4.56 14.00 -18.48
N ALA A 105 5.29 14.56 -17.56
CA ALA A 105 5.06 15.88 -17.06
C ALA A 105 6.28 16.38 -16.33
N ASP A 106 7.10 17.08 -17.04
CA ASP A 106 8.25 17.73 -16.45
C ASP A 106 8.13 19.20 -16.69
N ARG A 107 7.29 19.79 -15.90
CA ARG A 107 6.96 21.18 -16.02
C ARG A 107 7.96 21.99 -15.23
#